data_1MEG
# 
_entry.id   1MEG 
# 
_audit_conform.dict_name       mmcif_pdbx.dic 
_audit_conform.dict_version    5.399 
_audit_conform.dict_location   http://mmcif.pdb.org/dictionaries/ascii/mmcif_pdbx.dic 
# 
loop_
_database_2.database_id 
_database_2.database_code 
_database_2.pdbx_database_accession 
_database_2.pdbx_DOI 
PDB   1MEG         pdb_00001meg 10.2210/pdb1meg/pdb 
WWPDB D_1000174974 ?            ?                   
# 
loop_
_pdbx_audit_revision_history.ordinal 
_pdbx_audit_revision_history.data_content_type 
_pdbx_audit_revision_history.major_revision 
_pdbx_audit_revision_history.minor_revision 
_pdbx_audit_revision_history.revision_date 
1 'Structure model' 1 0 1997-01-11 
2 'Structure model' 1 1 2008-03-24 
3 'Structure model' 1 2 2011-07-13 
4 'Structure model' 1 3 2021-11-03 
5 'Structure model' 1 4 2024-11-20 
# 
_pdbx_audit_revision_details.ordinal             1 
_pdbx_audit_revision_details.revision_ordinal    1 
_pdbx_audit_revision_details.data_content_type   'Structure model' 
_pdbx_audit_revision_details.provider            repository 
_pdbx_audit_revision_details.type                'Initial release' 
_pdbx_audit_revision_details.description         ? 
_pdbx_audit_revision_details.details             ? 
# 
loop_
_pdbx_audit_revision_group.ordinal 
_pdbx_audit_revision_group.revision_ordinal 
_pdbx_audit_revision_group.data_content_type 
_pdbx_audit_revision_group.group 
1 2 'Structure model' 'Version format compliance' 
2 3 'Structure model' 'Version format compliance' 
3 4 'Structure model' 'Database references'       
4 4 'Structure model' 'Derived calculations'      
5 5 'Structure model' 'Data collection'           
6 5 'Structure model' 'Structure summary'         
# 
loop_
_pdbx_audit_revision_category.ordinal 
_pdbx_audit_revision_category.revision_ordinal 
_pdbx_audit_revision_category.data_content_type 
_pdbx_audit_revision_category.category 
1 4 'Structure model' database_2                
2 4 'Structure model' struct_conn               
3 4 'Structure model' struct_ref_seq_dif        
4 4 'Structure model' struct_site               
5 5 'Structure model' chem_comp_atom            
6 5 'Structure model' chem_comp_bond            
7 5 'Structure model' pdbx_entry_details        
8 5 'Structure model' pdbx_modification_feature 
# 
loop_
_pdbx_audit_revision_item.ordinal 
_pdbx_audit_revision_item.revision_ordinal 
_pdbx_audit_revision_item.data_content_type 
_pdbx_audit_revision_item.item 
1  4 'Structure model' '_database_2.pdbx_DOI'                
2  4 'Structure model' '_database_2.pdbx_database_accession' 
3  4 'Structure model' '_struct_conn.pdbx_leaving_atom_flag' 
4  4 'Structure model' '_struct_conn.ptnr1_auth_comp_id'     
5  4 'Structure model' '_struct_conn.ptnr1_auth_seq_id'      
6  4 'Structure model' '_struct_conn.ptnr1_label_asym_id'    
7  4 'Structure model' '_struct_conn.ptnr1_label_atom_id'    
8  4 'Structure model' '_struct_conn.ptnr1_label_comp_id'    
9  4 'Structure model' '_struct_conn.ptnr1_label_seq_id'     
10 4 'Structure model' '_struct_conn.ptnr2_auth_comp_id'     
11 4 'Structure model' '_struct_conn.ptnr2_auth_seq_id'      
12 4 'Structure model' '_struct_conn.ptnr2_label_asym_id'    
13 4 'Structure model' '_struct_conn.ptnr2_label_atom_id'    
14 4 'Structure model' '_struct_conn.ptnr2_label_comp_id'    
15 4 'Structure model' '_struct_conn.ptnr2_label_seq_id'     
16 4 'Structure model' '_struct_ref_seq_dif.details'         
17 4 'Structure model' '_struct_site.pdbx_auth_asym_id'      
18 4 'Structure model' '_struct_site.pdbx_auth_comp_id'      
19 4 'Structure model' '_struct_site.pdbx_auth_seq_id'       
# 
_pdbx_database_status.status_code                     REL 
_pdbx_database_status.entry_id                        1MEG 
_pdbx_database_status.recvd_initial_deposition_date   1996-05-04 
_pdbx_database_status.deposit_site                    ? 
_pdbx_database_status.process_site                    BNL 
_pdbx_database_status.status_code_sf                  REL 
_pdbx_database_status.status_code_mr                  ? 
_pdbx_database_status.SG_entry                        ? 
_pdbx_database_status.pdb_format_compatible           Y 
_pdbx_database_status.status_code_cs                  ? 
_pdbx_database_status.status_code_nmr_data            ? 
_pdbx_database_status.methods_development_category    ? 
# 
_audit_author.name           'Katerelos, N.A.' 
_audit_author.pdbx_ordinal   1 
# 
loop_
_citation.id 
_citation.title 
_citation.journal_abbrev 
_citation.journal_volume 
_citation.page_first 
_citation.page_last 
_citation.year 
_citation.journal_id_ASTM 
_citation.country 
_citation.journal_id_ISSN 
_citation.journal_id_CSD 
_citation.book_publisher 
_citation.pdbx_database_id_PubMed 
_citation.pdbx_database_id_DOI 
primary 'Crystal structure of a caricain D158E mutant in complex with E-64.' 'FEBS Lett.'      392 35   39 1996 FEBLAL NE 
0014-5793 0165 ? 8769310 '10.1016/0014-5793(96)00697-7' 
1       
;Rapid Kinetics Studies and Structural Determination of a Cysteine Proteinase Mutant Implies that Residue Asp 158 in Caricain Has a Major Effect Upon the Ability of the Active Site Histidine to Protonate a Dipyridyl Probe
;
'To be Published' ?   ?    ?  ?    ?      ?  ?         0353 ? ?       ?                              
2       'An Unequivocal Example of Cysteine Proteinase Activity Affected by Multiple Electrostatic Interactions' 'Protein Eng.'    
7   1267 ?  1994 PRENE9 UK 0269-2139 0859 ? ?       ?                              
3       'Nucleotide Sequence and Expression in Escherichia Coli of Cdnas Encoding Papaya Proteinase Omega from Carica Papaya' Gene 
127 221  ?  1993 GENED6 NE 0378-1119 0861 ? ?       ?                              
4       'Active Papain Renatured and Processed from Insoluble Recombinant Propapain Expressed in Escherichia Coli' 'Protein Eng.' 
5   455  ?  1992 PRENE9 UK 0269-2139 0859 ? ?       ?                              
# 
loop_
_citation_author.citation_id 
_citation_author.name 
_citation_author.ordinal 
_citation_author.identifier_ORCID 
primary 'Katerelos, N.A.'   1  ? 
primary 'Taylor, M.A.'      2  ? 
primary 'Scott, M.'         3  ? 
primary 'Goodenough, P.W.'  4  ? 
primary 'Pickersgill, R.W.' 5  ? 
1       'Katerelos, A.'     6  ? 
1       'Goodenough, P.W.'  7  ? 
2       'Taylor, M.A.'      8  ? 
2       'Baker, K.C.'       9  ? 
2       'Connerton, I.F.'   10 ? 
2       'Cummings, N.J.'    11 ? 
2       'Harris, G.W.'      12 ? 
2       'Henderson, I.M.'   13 ? 
2       'Jones, S.T.'       14 ? 
2       'Pickersgill, R.W.' 15 ? 
2       'Sumner, I.G.'      16 ? 
2       'Warwicker, J.'     17 ? 
2       'al., et'           18 ? 
3       'Revell, D.F.'      19 ? 
3       'Cummings, N.J.'    20 ? 
3       'Baker, K.C.'       21 ? 
3       'Collins, M.E.'     22 ? 
3       'Taylor, M.A.'      23 ? 
3       'Sumner, I.G.'      24 ? 
3       'Pickersgill, R.W.' 25 ? 
3       'Connerton, I.F.'   26 ? 
3       'Goodenough, P.W.'  27 ? 
4       'Taylor, M.A.'      28 ? 
4       'Pratt, K.A.'       29 ? 
4       'Revell, D.F.'      30 ? 
4       'Baker, K.C.'       31 ? 
4       'Sumner, I.G.'      32 ? 
4       'Goodenough, P.W.'  33 ? 
# 
loop_
_entity.id 
_entity.type 
_entity.src_method 
_entity.pdbx_description 
_entity.formula_weight 
_entity.pdbx_number_of_molecules 
_entity.pdbx_ec 
_entity.pdbx_mutation 
_entity.pdbx_fragment 
_entity.details 
1 polymer     man CARICAIN                                                            23339.770 1  3.4.22.30 D158E ? ? 
2 non-polymer syn 'N-[N-[1-HYDROXYCARBOXYETHYL-CARBONYL]LEUCYLAMINO-BUTYL]-GUANIDINE' 360.429   1  ?         ?     ? ? 
3 non-polymer syn ETHANOL                                                             46.068    1  ?         ?     ? ? 
4 water       nat water                                                               18.015    94 ?         ?     ? ? 
# 
_entity_name_com.entity_id   1 
_entity_name_com.name        'PAPAYA PROTEINASE, PROTEASE OMEGA' 
# 
_entity_poly.entity_id                      1 
_entity_poly.type                           'polypeptide(L)' 
_entity_poly.nstd_linkage                   no 
_entity_poly.nstd_monomer                   no 
_entity_poly.pdbx_seq_one_letter_code       
;LPENVDWRKKGAVTPVRHQGSCGSCWAFSAVATVEGINKIRTGKLVELSEQELVDCERRSHGCKGGYPPYALEYVAKNGI
HLRSKYPYKAKQGTCRAKQVGGPIVKTSGVGRVQPNNEGNLLNAIAKQPVSVVVESKGRPFQLYKGGIFEGPCGTKVEHA
VTAVGYGKSGGKGYILIKNSWGTAWGEKGYIRIKRAPGNSPGVCGLYKSSYYPTKN
;
_entity_poly.pdbx_seq_one_letter_code_can   
;LPENVDWRKKGAVTPVRHQGSCGSCWAFSAVATVEGINKIRTGKLVELSEQELVDCERRSHGCKGGYPPYALEYVAKNGI
HLRSKYPYKAKQGTCRAKQVGGPIVKTSGVGRVQPNNEGNLLNAIAKQPVSVVVESKGRPFQLYKGGIFEGPCGTKVEHA
VTAVGYGKSGGKGYILIKNSWGTAWGEKGYIRIKRAPGNSPGVCGLYKSSYYPTKN
;
_entity_poly.pdbx_strand_id                 A 
_entity_poly.pdbx_target_identifier         ? 
# 
loop_
_pdbx_entity_nonpoly.entity_id 
_pdbx_entity_nonpoly.name 
_pdbx_entity_nonpoly.comp_id 
2 'N-[N-[1-HYDROXYCARBOXYETHYL-CARBONYL]LEUCYLAMINO-BUTYL]-GUANIDINE' E64 
3 ETHANOL                                                             EOH 
4 water                                                               HOH 
# 
loop_
_entity_poly_seq.entity_id 
_entity_poly_seq.num 
_entity_poly_seq.mon_id 
_entity_poly_seq.hetero 
1 1   LEU n 
1 2   PRO n 
1 3   GLU n 
1 4   ASN n 
1 5   VAL n 
1 6   ASP n 
1 7   TRP n 
1 8   ARG n 
1 9   LYS n 
1 10  LYS n 
1 11  GLY n 
1 12  ALA n 
1 13  VAL n 
1 14  THR n 
1 15  PRO n 
1 16  VAL n 
1 17  ARG n 
1 18  HIS n 
1 19  GLN n 
1 20  GLY n 
1 21  SER n 
1 22  CYS n 
1 23  GLY n 
1 24  SER n 
1 25  CYS n 
1 26  TRP n 
1 27  ALA n 
1 28  PHE n 
1 29  SER n 
1 30  ALA n 
1 31  VAL n 
1 32  ALA n 
1 33  THR n 
1 34  VAL n 
1 35  GLU n 
1 36  GLY n 
1 37  ILE n 
1 38  ASN n 
1 39  LYS n 
1 40  ILE n 
1 41  ARG n 
1 42  THR n 
1 43  GLY n 
1 44  LYS n 
1 45  LEU n 
1 46  VAL n 
1 47  GLU n 
1 48  LEU n 
1 49  SER n 
1 50  GLU n 
1 51  GLN n 
1 52  GLU n 
1 53  LEU n 
1 54  VAL n 
1 55  ASP n 
1 56  CYS n 
1 57  GLU n 
1 58  ARG n 
1 59  ARG n 
1 60  SER n 
1 61  HIS n 
1 62  GLY n 
1 63  CYS n 
1 64  LYS n 
1 65  GLY n 
1 66  GLY n 
1 67  TYR n 
1 68  PRO n 
1 69  PRO n 
1 70  TYR n 
1 71  ALA n 
1 72  LEU n 
1 73  GLU n 
1 74  TYR n 
1 75  VAL n 
1 76  ALA n 
1 77  LYS n 
1 78  ASN n 
1 79  GLY n 
1 80  ILE n 
1 81  HIS n 
1 82  LEU n 
1 83  ARG n 
1 84  SER n 
1 85  LYS n 
1 86  TYR n 
1 87  PRO n 
1 88  TYR n 
1 89  LYS n 
1 90  ALA n 
1 91  LYS n 
1 92  GLN n 
1 93  GLY n 
1 94  THR n 
1 95  CYS n 
1 96  ARG n 
1 97  ALA n 
1 98  LYS n 
1 99  GLN n 
1 100 VAL n 
1 101 GLY n 
1 102 GLY n 
1 103 PRO n 
1 104 ILE n 
1 105 VAL n 
1 106 LYS n 
1 107 THR n 
1 108 SER n 
1 109 GLY n 
1 110 VAL n 
1 111 GLY n 
1 112 ARG n 
1 113 VAL n 
1 114 GLN n 
1 115 PRO n 
1 116 ASN n 
1 117 ASN n 
1 118 GLU n 
1 119 GLY n 
1 120 ASN n 
1 121 LEU n 
1 122 LEU n 
1 123 ASN n 
1 124 ALA n 
1 125 ILE n 
1 126 ALA n 
1 127 LYS n 
1 128 GLN n 
1 129 PRO n 
1 130 VAL n 
1 131 SER n 
1 132 VAL n 
1 133 VAL n 
1 134 VAL n 
1 135 GLU n 
1 136 SER n 
1 137 LYS n 
1 138 GLY n 
1 139 ARG n 
1 140 PRO n 
1 141 PHE n 
1 142 GLN n 
1 143 LEU n 
1 144 TYR n 
1 145 LYS n 
1 146 GLY n 
1 147 GLY n 
1 148 ILE n 
1 149 PHE n 
1 150 GLU n 
1 151 GLY n 
1 152 PRO n 
1 153 CYS n 
1 154 GLY n 
1 155 THR n 
1 156 LYS n 
1 157 VAL n 
1 158 GLU n 
1 159 HIS n 
1 160 ALA n 
1 161 VAL n 
1 162 THR n 
1 163 ALA n 
1 164 VAL n 
1 165 GLY n 
1 166 TYR n 
1 167 GLY n 
1 168 LYS n 
1 169 SER n 
1 170 GLY n 
1 171 GLY n 
1 172 LYS n 
1 173 GLY n 
1 174 TYR n 
1 175 ILE n 
1 176 LEU n 
1 177 ILE n 
1 178 LYS n 
1 179 ASN n 
1 180 SER n 
1 181 TRP n 
1 182 GLY n 
1 183 THR n 
1 184 ALA n 
1 185 TRP n 
1 186 GLY n 
1 187 GLU n 
1 188 LYS n 
1 189 GLY n 
1 190 TYR n 
1 191 ILE n 
1 192 ARG n 
1 193 ILE n 
1 194 LYS n 
1 195 ARG n 
1 196 ALA n 
1 197 PRO n 
1 198 GLY n 
1 199 ASN n 
1 200 SER n 
1 201 PRO n 
1 202 GLY n 
1 203 VAL n 
1 204 CYS n 
1 205 GLY n 
1 206 LEU n 
1 207 TYR n 
1 208 LYS n 
1 209 SER n 
1 210 SER n 
1 211 TYR n 
1 212 TYR n 
1 213 PRO n 
1 214 THR n 
1 215 LYS n 
1 216 ASN n 
# 
_entity_src_gen.entity_id                          1 
_entity_src_gen.pdbx_src_id                        1 
_entity_src_gen.pdbx_alt_source_flag               sample 
_entity_src_gen.pdbx_seq_type                      ? 
_entity_src_gen.pdbx_beg_seq_num                   ? 
_entity_src_gen.pdbx_end_seq_num                   ? 
_entity_src_gen.gene_src_common_name               papaya 
_entity_src_gen.gene_src_genus                     Carica 
_entity_src_gen.pdbx_gene_src_gene                 ? 
_entity_src_gen.gene_src_species                   ? 
_entity_src_gen.gene_src_strain                    ? 
_entity_src_gen.gene_src_tissue                    ? 
_entity_src_gen.gene_src_tissue_fraction           ? 
_entity_src_gen.gene_src_details                   ? 
_entity_src_gen.pdbx_gene_src_fragment             ? 
_entity_src_gen.pdbx_gene_src_scientific_name      'Carica papaya' 
_entity_src_gen.pdbx_gene_src_ncbi_taxonomy_id     3649 
_entity_src_gen.pdbx_gene_src_variant              ? 
_entity_src_gen.pdbx_gene_src_cell_line            ? 
_entity_src_gen.pdbx_gene_src_atcc                 ? 
_entity_src_gen.pdbx_gene_src_organ                ? 
_entity_src_gen.pdbx_gene_src_organelle            ? 
_entity_src_gen.pdbx_gene_src_cell                 ? 
_entity_src_gen.pdbx_gene_src_cellular_location    ? 
_entity_src_gen.host_org_common_name               ? 
_entity_src_gen.pdbx_host_org_scientific_name      'Escherichia coli' 
_entity_src_gen.pdbx_host_org_ncbi_taxonomy_id     562 
_entity_src_gen.host_org_genus                     Escherichia 
_entity_src_gen.pdbx_host_org_gene                 ? 
_entity_src_gen.pdbx_host_org_organ                ? 
_entity_src_gen.host_org_species                   ? 
_entity_src_gen.pdbx_host_org_tissue               ? 
_entity_src_gen.pdbx_host_org_tissue_fraction      ? 
_entity_src_gen.pdbx_host_org_strain               PET 
_entity_src_gen.pdbx_host_org_variant              ? 
_entity_src_gen.pdbx_host_org_cell_line            ? 
_entity_src_gen.pdbx_host_org_atcc                 ? 
_entity_src_gen.pdbx_host_org_culture_collection   ? 
_entity_src_gen.pdbx_host_org_cell                 ? 
_entity_src_gen.pdbx_host_org_organelle            ? 
_entity_src_gen.pdbx_host_org_cellular_location    ? 
_entity_src_gen.pdbx_host_org_vector_type          PET 
_entity_src_gen.pdbx_host_org_vector               'PET VECTOR' 
_entity_src_gen.host_org_details                   ? 
_entity_src_gen.expression_system_id               ? 
_entity_src_gen.plasmid_name                       PLYSS 
_entity_src_gen.plasmid_details                    ? 
_entity_src_gen.pdbx_description                   ? 
# 
loop_
_chem_comp.id 
_chem_comp.type 
_chem_comp.mon_nstd_flag 
_chem_comp.name 
_chem_comp.pdbx_synonyms 
_chem_comp.formula 
_chem_comp.formula_weight 
ALA 'L-peptide linking' y ALANINE                                                             ? 'C3 H7 N O2'      89.093  
ARG 'L-peptide linking' y ARGININE                                                            ? 'C6 H15 N4 O2 1'  175.209 
ASN 'L-peptide linking' y ASPARAGINE                                                          ? 'C4 H8 N2 O3'     132.118 
ASP 'L-peptide linking' y 'ASPARTIC ACID'                                                     ? 'C4 H7 N O4'      133.103 
CYS 'L-peptide linking' y CYSTEINE                                                            ? 'C3 H7 N O2 S'    121.158 
E64 non-polymer         . 'N-[N-[1-HYDROXYCARBOXYETHYL-CARBONYL]LEUCYLAMINO-BUTYL]-GUANIDINE' ? 'C15 H30 N5 O5 1' 360.429 
EOH non-polymer         . ETHANOL                                                             ? 'C2 H6 O'         46.068  
GLN 'L-peptide linking' y GLUTAMINE                                                           ? 'C5 H10 N2 O3'    146.144 
GLU 'L-peptide linking' y 'GLUTAMIC ACID'                                                     ? 'C5 H9 N O4'      147.129 
GLY 'peptide linking'   y GLYCINE                                                             ? 'C2 H5 N O2'      75.067  
HIS 'L-peptide linking' y HISTIDINE                                                           ? 'C6 H10 N3 O2 1'  156.162 
HOH non-polymer         . WATER                                                               ? 'H2 O'            18.015  
ILE 'L-peptide linking' y ISOLEUCINE                                                          ? 'C6 H13 N O2'     131.173 
LEU 'L-peptide linking' y LEUCINE                                                             ? 'C6 H13 N O2'     131.173 
LYS 'L-peptide linking' y LYSINE                                                              ? 'C6 H15 N2 O2 1'  147.195 
PHE 'L-peptide linking' y PHENYLALANINE                                                       ? 'C9 H11 N O2'     165.189 
PRO 'L-peptide linking' y PROLINE                                                             ? 'C5 H9 N O2'      115.130 
SER 'L-peptide linking' y SERINE                                                              ? 'C3 H7 N O3'      105.093 
THR 'L-peptide linking' y THREONINE                                                           ? 'C4 H9 N O3'      119.119 
TRP 'L-peptide linking' y TRYPTOPHAN                                                          ? 'C11 H12 N2 O2'   204.225 
TYR 'L-peptide linking' y TYROSINE                                                            ? 'C9 H11 N O3'     181.189 
VAL 'L-peptide linking' y VALINE                                                              ? 'C5 H11 N O2'     117.146 
# 
loop_
_pdbx_poly_seq_scheme.asym_id 
_pdbx_poly_seq_scheme.entity_id 
_pdbx_poly_seq_scheme.seq_id 
_pdbx_poly_seq_scheme.mon_id 
_pdbx_poly_seq_scheme.ndb_seq_num 
_pdbx_poly_seq_scheme.pdb_seq_num 
_pdbx_poly_seq_scheme.auth_seq_num 
_pdbx_poly_seq_scheme.pdb_mon_id 
_pdbx_poly_seq_scheme.auth_mon_id 
_pdbx_poly_seq_scheme.pdb_strand_id 
_pdbx_poly_seq_scheme.pdb_ins_code 
_pdbx_poly_seq_scheme.hetero 
A 1 1   LEU 1   1   1   LEU LEU A . n 
A 1 2   PRO 2   2   2   PRO PRO A . n 
A 1 3   GLU 3   3   3   GLU GLU A . n 
A 1 4   ASN 4   4   4   ASN ASN A . n 
A 1 5   VAL 5   5   5   VAL VAL A . n 
A 1 6   ASP 6   6   6   ASP ASP A . n 
A 1 7   TRP 7   7   7   TRP TRP A . n 
A 1 8   ARG 8   8   8   ARG ARG A . n 
A 1 9   LYS 9   9   9   LYS LYS A . n 
A 1 10  LYS 10  10  10  LYS LYS A . n 
A 1 11  GLY 11  11  11  GLY GLY A . n 
A 1 12  ALA 12  12  12  ALA ALA A . n 
A 1 13  VAL 13  13  13  VAL VAL A . n 
A 1 14  THR 14  14  14  THR THR A . n 
A 1 15  PRO 15  15  15  PRO PRO A . n 
A 1 16  VAL 16  16  16  VAL VAL A . n 
A 1 17  ARG 17  17  17  ARG ARG A . n 
A 1 18  HIS 18  18  18  HIS HIS A . n 
A 1 19  GLN 19  19  19  GLN GLN A . n 
A 1 20  GLY 20  20  20  GLY GLY A . n 
A 1 21  SER 21  21  21  SER SER A . n 
A 1 22  CYS 22  22  22  CYS CYS A . n 
A 1 23  GLY 23  23  23  GLY GLY A . n 
A 1 24  SER 24  24  24  SER SER A . n 
A 1 25  CYS 25  25  25  CYS CYS A . n 
A 1 26  TRP 26  26  26  TRP TRP A . n 
A 1 27  ALA 27  27  27  ALA ALA A . n 
A 1 28  PHE 28  28  28  PHE PHE A . n 
A 1 29  SER 29  29  29  SER SER A . n 
A 1 30  ALA 30  30  30  ALA ALA A . n 
A 1 31  VAL 31  31  31  VAL VAL A . n 
A 1 32  ALA 32  32  32  ALA ALA A . n 
A 1 33  THR 33  33  33  THR THR A . n 
A 1 34  VAL 34  34  34  VAL VAL A . n 
A 1 35  GLU 35  35  35  GLU GLU A . n 
A 1 36  GLY 36  36  36  GLY GLY A . n 
A 1 37  ILE 37  37  37  ILE ILE A . n 
A 1 38  ASN 38  38  38  ASN ASN A . n 
A 1 39  LYS 39  39  39  LYS LYS A . n 
A 1 40  ILE 40  40  40  ILE ILE A . n 
A 1 41  ARG 41  41  41  ARG ARG A . n 
A 1 42  THR 42  42  42  THR THR A . n 
A 1 43  GLY 43  43  43  GLY GLY A . n 
A 1 44  LYS 44  44  44  LYS LYS A . n 
A 1 45  LEU 45  45  45  LEU LEU A . n 
A 1 46  VAL 46  46  46  VAL VAL A . n 
A 1 47  GLU 47  47  47  GLU GLU A . n 
A 1 48  LEU 48  48  48  LEU LEU A . n 
A 1 49  SER 49  49  49  SER SER A . n 
A 1 50  GLU 50  50  50  GLU GLU A . n 
A 1 51  GLN 51  51  51  GLN GLN A . n 
A 1 52  GLU 52  52  52  GLU GLU A . n 
A 1 53  LEU 53  53  53  LEU LEU A . n 
A 1 54  VAL 54  54  54  VAL VAL A . n 
A 1 55  ASP 55  55  55  ASP ASP A . n 
A 1 56  CYS 56  56  56  CYS CYS A . n 
A 1 57  GLU 57  57  57  GLU GLU A . n 
A 1 58  ARG 58  58  58  ARG ARG A . n 
A 1 59  ARG 59  59  59  ARG ARG A . n 
A 1 60  SER 60  60  60  SER SER A . n 
A 1 61  HIS 61  61  61  HIS HIS A . n 
A 1 62  GLY 62  62  62  GLY GLY A . n 
A 1 63  CYS 63  63  63  CYS CYS A . n 
A 1 64  LYS 64  64  64  LYS LYS A . n 
A 1 65  GLY 65  65  65  GLY GLY A . n 
A 1 66  GLY 66  66  66  GLY GLY A . n 
A 1 67  TYR 67  67  67  TYR TYR A . n 
A 1 68  PRO 68  68  68  PRO PRO A . n 
A 1 69  PRO 69  69  69  PRO PRO A . n 
A 1 70  TYR 70  70  70  TYR TYR A . n 
A 1 71  ALA 71  71  71  ALA ALA A . n 
A 1 72  LEU 72  72  72  LEU LEU A . n 
A 1 73  GLU 73  73  73  GLU GLU A . n 
A 1 74  TYR 74  74  74  TYR TYR A . n 
A 1 75  VAL 75  75  75  VAL VAL A . n 
A 1 76  ALA 76  76  76  ALA ALA A . n 
A 1 77  LYS 77  77  77  LYS LYS A . n 
A 1 78  ASN 78  78  78  ASN ASN A . n 
A 1 79  GLY 79  79  79  GLY GLY A . n 
A 1 80  ILE 80  80  80  ILE ILE A . n 
A 1 81  HIS 81  81  81  HIS HIS A . n 
A 1 82  LEU 82  82  82  LEU LEU A . n 
A 1 83  ARG 83  83  83  ARG ARG A . n 
A 1 84  SER 84  84  84  SER SER A . n 
A 1 85  LYS 85  85  85  LYS LYS A . n 
A 1 86  TYR 86  86  86  TYR TYR A . n 
A 1 87  PRO 87  87  87  PRO PRO A . n 
A 1 88  TYR 88  88  88  TYR TYR A . n 
A 1 89  LYS 89  89  89  LYS LYS A . n 
A 1 90  ALA 90  90  90  ALA ALA A . n 
A 1 91  LYS 91  91  91  LYS LYS A . n 
A 1 92  GLN 92  92  92  GLN GLN A . n 
A 1 93  GLY 93  93  93  GLY GLY A . n 
A 1 94  THR 94  94  94  THR THR A . n 
A 1 95  CYS 95  95  95  CYS CYS A . n 
A 1 96  ARG 96  96  96  ARG ARG A . n 
A 1 97  ALA 97  97  97  ALA ALA A . n 
A 1 98  LYS 98  98  98  LYS LYS A . n 
A 1 99  GLN 99  99  99  GLN GLN A . n 
A 1 100 VAL 100 100 100 VAL VAL A . n 
A 1 101 GLY 101 101 101 GLY GLY A . n 
A 1 102 GLY 102 102 102 GLY GLY A . n 
A 1 103 PRO 103 103 103 PRO PRO A . n 
A 1 104 ILE 104 104 104 ILE ILE A . n 
A 1 105 VAL 105 105 105 VAL VAL A . n 
A 1 106 LYS 106 106 106 LYS LYS A . n 
A 1 107 THR 107 107 107 THR THR A . n 
A 1 108 SER 108 108 108 SER SER A . n 
A 1 109 GLY 109 109 109 GLY GLY A . n 
A 1 110 VAL 110 110 110 VAL VAL A . n 
A 1 111 GLY 111 111 111 GLY GLY A . n 
A 1 112 ARG 112 112 112 ARG ARG A . n 
A 1 113 VAL 113 113 113 VAL VAL A . n 
A 1 114 GLN 114 114 114 GLN GLN A . n 
A 1 115 PRO 115 115 115 PRO PRO A . n 
A 1 116 ASN 116 116 116 ASN ASN A . n 
A 1 117 ASN 117 117 117 ASN ASN A . n 
A 1 118 GLU 118 118 118 GLU GLU A . n 
A 1 119 GLY 119 119 119 GLY GLY A . n 
A 1 120 ASN 120 120 120 ASN ASN A . n 
A 1 121 LEU 121 121 121 LEU LEU A . n 
A 1 122 LEU 122 122 122 LEU LEU A . n 
A 1 123 ASN 123 123 123 ASN ASN A . n 
A 1 124 ALA 124 124 124 ALA ALA A . n 
A 1 125 ILE 125 125 125 ILE ILE A . n 
A 1 126 ALA 126 126 126 ALA ALA A . n 
A 1 127 LYS 127 127 127 LYS LYS A . n 
A 1 128 GLN 128 128 128 GLN GLN A . n 
A 1 129 PRO 129 129 129 PRO PRO A . n 
A 1 130 VAL 130 130 130 VAL VAL A . n 
A 1 131 SER 131 131 131 SER SER A . n 
A 1 132 VAL 132 132 132 VAL VAL A . n 
A 1 133 VAL 133 133 133 VAL VAL A . n 
A 1 134 VAL 134 134 134 VAL VAL A . n 
A 1 135 GLU 135 135 135 GLU GLU A . n 
A 1 136 SER 136 136 136 SER SER A . n 
A 1 137 LYS 137 137 137 LYS LYS A . n 
A 1 138 GLY 138 138 138 GLY GLY A . n 
A 1 139 ARG 139 139 139 ARG ARG A . n 
A 1 140 PRO 140 140 140 PRO PRO A . n 
A 1 141 PHE 141 141 141 PHE PHE A . n 
A 1 142 GLN 142 142 142 GLN GLN A . n 
A 1 143 LEU 143 143 143 LEU LEU A . n 
A 1 144 TYR 144 144 144 TYR TYR A . n 
A 1 145 LYS 145 145 145 LYS LYS A . n 
A 1 146 GLY 146 146 146 GLY GLY A . n 
A 1 147 GLY 147 147 147 GLY GLY A . n 
A 1 148 ILE 148 148 148 ILE ILE A . n 
A 1 149 PHE 149 149 149 PHE PHE A . n 
A 1 150 GLU 150 150 150 GLU GLU A . n 
A 1 151 GLY 151 151 151 GLY GLY A . n 
A 1 152 PRO 152 152 152 PRO PRO A . n 
A 1 153 CYS 153 153 153 CYS CYS A . n 
A 1 154 GLY 154 154 154 GLY GLY A . n 
A 1 155 THR 155 155 155 THR THR A . n 
A 1 156 LYS 156 156 156 LYS LYS A . n 
A 1 157 VAL 157 157 157 VAL VAL A . n 
A 1 158 GLU 158 158 158 GLU GLU A . n 
A 1 159 HIS 159 159 159 HIS HIS A . n 
A 1 160 ALA 160 160 160 ALA ALA A . n 
A 1 161 VAL 161 161 161 VAL VAL A . n 
A 1 162 THR 162 162 162 THR THR A . n 
A 1 163 ALA 163 163 163 ALA ALA A . n 
A 1 164 VAL 164 164 164 VAL VAL A . n 
A 1 165 GLY 165 165 165 GLY GLY A . n 
A 1 166 TYR 166 166 166 TYR TYR A . n 
A 1 167 GLY 167 167 167 GLY GLY A . n 
A 1 168 LYS 168 168 168 LYS LYS A . n 
A 1 169 SER 169 169 169 SER SER A . n 
A 1 170 GLY 170 170 170 GLY GLY A . n 
A 1 171 GLY 171 171 171 GLY GLY A . n 
A 1 172 LYS 172 172 172 LYS LYS A . n 
A 1 173 GLY 173 173 173 GLY GLY A . n 
A 1 174 TYR 174 174 174 TYR TYR A . n 
A 1 175 ILE 175 175 175 ILE ILE A . n 
A 1 176 LEU 176 176 176 LEU LEU A . n 
A 1 177 ILE 177 177 177 ILE ILE A . n 
A 1 178 LYS 178 178 178 LYS LYS A . n 
A 1 179 ASN 179 179 179 ASN ASN A . n 
A 1 180 SER 180 180 180 SER SER A . n 
A 1 181 TRP 181 181 181 TRP TRP A . n 
A 1 182 GLY 182 182 182 GLY GLY A . n 
A 1 183 THR 183 183 183 THR THR A . n 
A 1 184 ALA 184 184 184 ALA ALA A . n 
A 1 185 TRP 185 185 185 TRP TRP A . n 
A 1 186 GLY 186 186 186 GLY GLY A . n 
A 1 187 GLU 187 187 187 GLU GLU A . n 
A 1 188 LYS 188 188 188 LYS LYS A . n 
A 1 189 GLY 189 189 189 GLY GLY A . n 
A 1 190 TYR 190 190 190 TYR TYR A . n 
A 1 191 ILE 191 191 191 ILE ILE A . n 
A 1 192 ARG 192 192 192 ARG ARG A . n 
A 1 193 ILE 193 193 193 ILE ILE A . n 
A 1 194 LYS 194 194 194 LYS LYS A . n 
A 1 195 ARG 195 195 195 ARG ARG A . n 
A 1 196 ALA 196 196 196 ALA ALA A . n 
A 1 197 PRO 197 197 197 PRO PRO A . n 
A 1 198 GLY 198 198 198 GLY GLY A . n 
A 1 199 ASN 199 199 199 ASN ASN A . n 
A 1 200 SER 200 200 200 SER SER A . n 
A 1 201 PRO 201 201 201 PRO PRO A . n 
A 1 202 GLY 202 202 202 GLY GLY A . n 
A 1 203 VAL 203 203 203 VAL VAL A . n 
A 1 204 CYS 204 204 204 CYS CYS A . n 
A 1 205 GLY 205 205 205 GLY GLY A . n 
A 1 206 LEU 206 206 206 LEU LEU A . n 
A 1 207 TYR 207 207 207 TYR TYR A . n 
A 1 208 LYS 208 208 208 LYS LYS A . n 
A 1 209 SER 209 209 209 SER SER A . n 
A 1 210 SER 210 210 210 SER SER A . n 
A 1 211 TYR 211 211 211 TYR TYR A . n 
A 1 212 TYR 212 212 212 TYR TYR A . n 
A 1 213 PRO 213 213 213 PRO PRO A . n 
A 1 214 THR 214 214 214 THR THR A . n 
A 1 215 LYS 215 215 215 LYS LYS A . n 
A 1 216 ASN 216 216 216 ASN ASN A . n 
# 
loop_
_pdbx_nonpoly_scheme.asym_id 
_pdbx_nonpoly_scheme.entity_id 
_pdbx_nonpoly_scheme.mon_id 
_pdbx_nonpoly_scheme.ndb_seq_num 
_pdbx_nonpoly_scheme.pdb_seq_num 
_pdbx_nonpoly_scheme.auth_seq_num 
_pdbx_nonpoly_scheme.pdb_mon_id 
_pdbx_nonpoly_scheme.auth_mon_id 
_pdbx_nonpoly_scheme.pdb_strand_id 
_pdbx_nonpoly_scheme.pdb_ins_code 
B 2 E64 1  217 217 E64 E64 A . 
C 3 EOH 1  218 218 EOH EOH A . 
D 4 HOH 1  219 219 HOH HOH A . 
D 4 HOH 2  220 220 HOH HOH A . 
D 4 HOH 3  221 221 HOH HOH A . 
D 4 HOH 4  222 222 HOH HOH A . 
D 4 HOH 5  223 223 HOH HOH A . 
D 4 HOH 6  224 224 HOH HOH A . 
D 4 HOH 7  225 225 HOH HOH A . 
D 4 HOH 8  226 226 HOH HOH A . 
D 4 HOH 9  227 227 HOH HOH A . 
D 4 HOH 10 228 228 HOH HOH A . 
D 4 HOH 11 229 229 HOH HOH A . 
D 4 HOH 12 230 230 HOH HOH A . 
D 4 HOH 13 231 231 HOH HOH A . 
D 4 HOH 14 232 232 HOH HOH A . 
D 4 HOH 15 233 233 HOH HOH A . 
D 4 HOH 16 234 234 HOH HOH A . 
D 4 HOH 17 235 235 HOH HOH A . 
D 4 HOH 18 236 236 HOH HOH A . 
D 4 HOH 19 237 237 HOH HOH A . 
D 4 HOH 20 238 238 HOH HOH A . 
D 4 HOH 21 239 239 HOH HOH A . 
D 4 HOH 22 240 240 HOH HOH A . 
D 4 HOH 23 241 241 HOH HOH A . 
D 4 HOH 24 242 242 HOH HOH A . 
D 4 HOH 25 243 243 HOH HOH A . 
D 4 HOH 26 244 244 HOH HOH A . 
D 4 HOH 27 245 245 HOH HOH A . 
D 4 HOH 28 246 246 HOH HOH A . 
D 4 HOH 29 247 247 HOH HOH A . 
D 4 HOH 30 248 248 HOH HOH A . 
D 4 HOH 31 249 249 HOH HOH A . 
D 4 HOH 32 250 250 HOH HOH A . 
D 4 HOH 33 251 251 HOH HOH A . 
D 4 HOH 34 252 252 HOH HOH A . 
D 4 HOH 35 253 253 HOH HOH A . 
D 4 HOH 36 254 254 HOH HOH A . 
D 4 HOH 37 255 255 HOH HOH A . 
D 4 HOH 38 256 256 HOH HOH A . 
D 4 HOH 39 257 257 HOH HOH A . 
D 4 HOH 40 258 258 HOH HOH A . 
D 4 HOH 41 259 259 HOH HOH A . 
D 4 HOH 42 260 260 HOH HOH A . 
D 4 HOH 43 261 261 HOH HOH A . 
D 4 HOH 44 262 262 HOH HOH A . 
D 4 HOH 45 263 263 HOH HOH A . 
D 4 HOH 46 264 264 HOH HOH A . 
D 4 HOH 47 265 265 HOH HOH A . 
D 4 HOH 48 266 266 HOH HOH A . 
D 4 HOH 49 267 267 HOH HOH A . 
D 4 HOH 50 268 268 HOH HOH A . 
D 4 HOH 51 269 269 HOH HOH A . 
D 4 HOH 52 270 270 HOH HOH A . 
D 4 HOH 53 271 271 HOH HOH A . 
D 4 HOH 54 272 272 HOH HOH A . 
D 4 HOH 55 273 273 HOH HOH A . 
D 4 HOH 56 274 274 HOH HOH A . 
D 4 HOH 57 275 275 HOH HOH A . 
D 4 HOH 58 276 276 HOH HOH A . 
D 4 HOH 59 277 277 HOH HOH A . 
D 4 HOH 60 278 278 HOH HOH A . 
D 4 HOH 61 279 279 HOH HOH A . 
D 4 HOH 62 280 280 HOH HOH A . 
D 4 HOH 63 281 281 HOH HOH A . 
D 4 HOH 64 282 282 HOH HOH A . 
D 4 HOH 65 283 283 HOH HOH A . 
D 4 HOH 66 284 284 HOH HOH A . 
D 4 HOH 67 285 285 HOH HOH A . 
D 4 HOH 68 286 286 HOH HOH A . 
D 4 HOH 69 287 287 HOH HOH A . 
D 4 HOH 70 288 288 HOH HOH A . 
D 4 HOH 71 289 289 HOH HOH A . 
D 4 HOH 72 290 290 HOH HOH A . 
D 4 HOH 73 291 291 HOH HOH A . 
D 4 HOH 74 292 292 HOH HOH A . 
D 4 HOH 75 293 293 HOH HOH A . 
D 4 HOH 76 294 294 HOH HOH A . 
D 4 HOH 77 295 295 HOH HOH A . 
D 4 HOH 78 296 296 HOH HOH A . 
D 4 HOH 79 297 297 HOH HOH A . 
D 4 HOH 80 298 298 HOH HOH A . 
D 4 HOH 81 299 299 HOH HOH A . 
D 4 HOH 82 300 300 HOH HOH A . 
D 4 HOH 83 301 301 HOH HOH A . 
D 4 HOH 84 302 302 HOH HOH A . 
D 4 HOH 85 303 303 HOH HOH A . 
D 4 HOH 86 304 304 HOH HOH A . 
D 4 HOH 87 305 305 HOH HOH A . 
D 4 HOH 88 306 306 HOH HOH A . 
D 4 HOH 89 307 307 HOH HOH A . 
D 4 HOH 90 308 308 HOH HOH A . 
D 4 HOH 91 309 309 HOH HOH A . 
D 4 HOH 92 310 310 HOH HOH A . 
D 4 HOH 93 311 311 HOH HOH A . 
D 4 HOH 94 312 312 HOH HOH A . 
# 
loop_
_software.name 
_software.classification 
_software.version 
_software.citation_id 
_software.pdbx_ordinal 
DENZO  'data reduction' . ? 1 
X-PLOR 'model building' . ? 2 
X-PLOR refinement       . ? 3 
X-PLOR phasing          . ? 4 
# 
_cell.entry_id           1MEG 
_cell.length_a           53.450 
_cell.length_b           65.330 
_cell.length_c           64.370 
_cell.angle_alpha        90.00 
_cell.angle_beta         111.60 
_cell.angle_gamma        90.00 
_cell.Z_PDB              4 
_cell.pdbx_unique_axis   ? 
# 
_symmetry.entry_id                         1MEG 
_symmetry.space_group_name_H-M             'C 1 2 1' 
_symmetry.pdbx_full_space_group_name_H-M   ? 
_symmetry.cell_setting                     ? 
_symmetry.Int_Tables_number                5 
# 
_exptl.entry_id          1MEG 
_exptl.method            'X-RAY DIFFRACTION' 
_exptl.crystals_number   ? 
# 
_exptl_crystal.id                    1 
_exptl_crystal.density_meas          ? 
_exptl_crystal.density_Matthews      2.24 
_exptl_crystal.density_percent_sol   34.2 
_exptl_crystal.description           ? 
# 
_diffrn.id                     1 
_diffrn.ambient_temp           ? 
_diffrn.ambient_temp_details   ? 
_diffrn.crystal_id             1 
# 
_diffrn_detector.diffrn_id              1 
_diffrn_detector.detector               'IMAGE PLATE' 
_diffrn_detector.type                   FUJI 
_diffrn_detector.pdbx_collection_date   1994-11-10 
_diffrn_detector.details                ? 
# 
_diffrn_radiation.diffrn_id                        1 
_diffrn_radiation.wavelength_id                    1 
_diffrn_radiation.pdbx_monochromatic_or_laue_m_l   M 
_diffrn_radiation.monochromator                    ? 
_diffrn_radiation.pdbx_diffrn_protocol             ? 
_diffrn_radiation.pdbx_scattering_type             x-ray 
# 
_diffrn_radiation_wavelength.id           1 
_diffrn_radiation_wavelength.wavelength   1.0 
_diffrn_radiation_wavelength.wt           1.0 
# 
_diffrn_source.diffrn_id                   1 
_diffrn_source.source                      SYNCHROTRON 
_diffrn_source.type                        'PHOTON FACTORY BEAMLINE BL-6A' 
_diffrn_source.pdbx_synchrotron_site       'Photon Factory' 
_diffrn_source.pdbx_synchrotron_beamline   BL-6A 
_diffrn_source.pdbx_wavelength             1.0 
_diffrn_source.pdbx_wavelength_list        ? 
# 
_reflns.entry_id                     1MEG 
_reflns.observed_criterion_sigma_I   ? 
_reflns.observed_criterion_sigma_F   ? 
_reflns.d_resolution_low             ? 
_reflns.d_resolution_high            ? 
_reflns.number_obs                   12010 
_reflns.number_all                   ? 
_reflns.percent_possible_obs         86. 
_reflns.pdbx_Rmerge_I_obs            0.06 
_reflns.pdbx_Rsym_value              ? 
_reflns.pdbx_netI_over_sigmaI        ? 
_reflns.B_iso_Wilson_estimate        ? 
_reflns.pdbx_redundancy              3.5 
_reflns.pdbx_diffrn_id               1 
_reflns.pdbx_ordinal                 1 
# 
_refine.entry_id                                 1MEG 
_refine.ls_number_reflns_obs                     11858 
_refine.ls_number_reflns_all                     ? 
_refine.pdbx_ls_sigma_I                          ? 
_refine.pdbx_ls_sigma_F                          2.0 
_refine.pdbx_data_cutoff_high_absF               ? 
_refine.pdbx_data_cutoff_low_absF                ? 
_refine.pdbx_data_cutoff_high_rms_absF           ? 
_refine.ls_d_res_low                             10.0 
_refine.ls_d_res_high                            2.0 
_refine.ls_percent_reflns_obs                    ? 
_refine.ls_R_factor_obs                          0.193 
_refine.ls_R_factor_all                          ? 
_refine.ls_R_factor_R_work                       0.193 
_refine.ls_R_factor_R_free                       ? 
_refine.ls_R_factor_R_free_error                 ? 
_refine.ls_R_factor_R_free_error_details         ? 
_refine.ls_percent_reflns_R_free                 ? 
_refine.ls_number_reflns_R_free                  ? 
_refine.ls_number_parameters                     ? 
_refine.ls_number_restraints                     ? 
_refine.occupancy_min                            ? 
_refine.occupancy_max                            ? 
_refine.B_iso_mean                               10.15 
_refine.aniso_B[1][1]                            ? 
_refine.aniso_B[2][2]                            ? 
_refine.aniso_B[3][3]                            ? 
_refine.aniso_B[1][2]                            ? 
_refine.aniso_B[1][3]                            ? 
_refine.aniso_B[2][3]                            ? 
_refine.solvent_model_details                    ? 
_refine.solvent_model_param_ksol                 ? 
_refine.solvent_model_param_bsol                 ? 
_refine.pdbx_ls_cross_valid_method               ? 
_refine.details                                  
;ATOMS C13, C14, C15, N3, C16, N4 AND N5 OF E64 WERE NOT
VISIBLE IN DENSITY BECAUSE OF THE HIGH MOBILITY OF THAT
PART OF THE E-64 MOLECULE WHICH ACCOUNTS FOR THEIR HIGH
TEMPERATURE FACTORS.
;
_refine.pdbx_starting_model                      ? 
_refine.pdbx_method_to_determine_struct          ? 
_refine.pdbx_isotropic_thermal_model             ? 
_refine.pdbx_stereochemistry_target_values       ? 
_refine.pdbx_stereochem_target_val_spec_case     ? 
_refine.pdbx_R_Free_selection_details            ? 
_refine.pdbx_overall_ESU_R                       ? 
_refine.pdbx_overall_ESU_R_Free                  ? 
_refine.overall_SU_ML                            ? 
_refine.overall_SU_B                             ? 
_refine.pdbx_refine_id                           'X-RAY DIFFRACTION' 
_refine.pdbx_diffrn_id                           1 
_refine.pdbx_TLS_residual_ADP_flag               ? 
_refine.correlation_coeff_Fo_to_Fc               ? 
_refine.correlation_coeff_Fo_to_Fc_free          ? 
_refine.pdbx_solvent_vdw_probe_radii             ? 
_refine.pdbx_solvent_ion_probe_radii             ? 
_refine.pdbx_solvent_shrinkage_radii             ? 
_refine.pdbx_overall_phase_error                 ? 
_refine.overall_SU_R_Cruickshank_DPI             ? 
_refine.pdbx_overall_SU_R_free_Cruickshank_DPI   ? 
_refine.pdbx_overall_SU_R_Blow_DPI               ? 
_refine.pdbx_overall_SU_R_free_Blow_DPI          ? 
# 
_refine_hist.pdbx_refine_id                   'X-RAY DIFFRACTION' 
_refine_hist.cycle_id                         LAST 
_refine_hist.pdbx_number_atoms_protein        1642 
_refine_hist.pdbx_number_atoms_nucleic_acid   0 
_refine_hist.pdbx_number_atoms_ligand         1 
_refine_hist.number_atoms_solvent             94 
_refine_hist.number_atoms_total               1737 
_refine_hist.d_res_high                       2.0 
_refine_hist.d_res_low                        10.0 
# 
loop_
_refine_ls_restr.type 
_refine_ls_restr.dev_ideal 
_refine_ls_restr.dev_ideal_target 
_refine_ls_restr.weight 
_refine_ls_restr.number 
_refine_ls_restr.pdbx_refine_id 
_refine_ls_restr.pdbx_restraint_function 
x_bond_d                0.012 ? ? ? 'X-RAY DIFFRACTION' ? 
x_bond_d_na             ?     ? ? ? 'X-RAY DIFFRACTION' ? 
x_bond_d_prot           ?     ? ? ? 'X-RAY DIFFRACTION' ? 
x_angle_d               ?     ? ? ? 'X-RAY DIFFRACTION' ? 
x_angle_d_na            ?     ? ? ? 'X-RAY DIFFRACTION' ? 
x_angle_d_prot          ?     ? ? ? 'X-RAY DIFFRACTION' ? 
x_angle_deg             1.740 ? ? ? 'X-RAY DIFFRACTION' ? 
x_angle_deg_na          ?     ? ? ? 'X-RAY DIFFRACTION' ? 
x_angle_deg_prot        ?     ? ? ? 'X-RAY DIFFRACTION' ? 
x_dihedral_angle_d      25.56 ? ? ? 'X-RAY DIFFRACTION' ? 
x_dihedral_angle_d_na   ?     ? ? ? 'X-RAY DIFFRACTION' ? 
x_dihedral_angle_d_prot ?     ? ? ? 'X-RAY DIFFRACTION' ? 
x_improper_angle_d      ?     ? ? ? 'X-RAY DIFFRACTION' ? 
x_improper_angle_d_na   ?     ? ? ? 'X-RAY DIFFRACTION' ? 
x_improper_angle_d_prot ?     ? ? ? 'X-RAY DIFFRACTION' ? 
x_mcbond_it             ?     ? ? ? 'X-RAY DIFFRACTION' ? 
x_mcangle_it            ?     ? ? ? 'X-RAY DIFFRACTION' ? 
x_scbond_it             ?     ? ? ? 'X-RAY DIFFRACTION' ? 
x_scangle_it            ?     ? ? ? 'X-RAY DIFFRACTION' ? 
# 
_struct.entry_id                  1MEG 
_struct.title                     'CRYSTAL STRUCTURE OF A CARICAIN D158E MUTANT IN COMPLEX WITH E-64' 
_struct.pdbx_model_details        ? 
_struct.pdbx_CASP_flag            ? 
_struct.pdbx_model_type_details   ? 
# 
_struct_keywords.entry_id        1MEG 
_struct_keywords.pdbx_keywords   HYDROLASE 
_struct_keywords.text            'CYSTEINE PROTEINASE, THIOL PROTEASE, HYDROLASE' 
# 
loop_
_struct_asym.id 
_struct_asym.pdbx_blank_PDB_chainid_flag 
_struct_asym.pdbx_modified 
_struct_asym.entity_id 
_struct_asym.details 
A N N 1 ? 
B N N 2 ? 
C N N 3 ? 
D N N 4 ? 
# 
_struct_ref.id                         1 
_struct_ref.db_name                    UNP 
_struct_ref.db_code                    PAPA3_CARPA 
_struct_ref.entity_id                  1 
_struct_ref.pdbx_db_accession          P10056 
_struct_ref.pdbx_align_begin           1 
_struct_ref.pdbx_seq_one_letter_code   
;MAMIPSISKLLFVAICLFVHMSVSFGDFSIVGYSQDDLTSTERLIQLFNSWMLNHNKFYENVDEKLYRFEIFKDNLNYID
ETNKKNNSYWLGLNEFADLSNDEFNEKYVGSLIDATIEQSYDEEFINEDTVNLPENVDWRKKGAVTPVRHQGSCGSCWAF
SAVATVEGINKIRTGKLVELSEQELVDCERRSHGCKGGYPPYALEYVAKNGIHLRSKYPYKAKQGTCRAKQVGGPIVKTS
GVGRVQPNNEGNLLNAIAKQPVSVVVESKGRPFQLYKGGIFEGPCGTKVDHAVTAVGYGKSGGKGYILIKNSWGTAWGEK
GYIRIKRAPGNSPGVCGLYKSSYYPTKN
;
_struct_ref.pdbx_db_isoform            ? 
# 
_struct_ref_seq.align_id                      1 
_struct_ref_seq.ref_id                        1 
_struct_ref_seq.pdbx_PDB_id_code              1MEG 
_struct_ref_seq.pdbx_strand_id                A 
_struct_ref_seq.seq_align_beg                 1 
_struct_ref_seq.pdbx_seq_align_beg_ins_code   ? 
_struct_ref_seq.seq_align_end                 216 
_struct_ref_seq.pdbx_seq_align_end_ins_code   ? 
_struct_ref_seq.pdbx_db_accession             P10056 
_struct_ref_seq.db_align_beg                  133 
_struct_ref_seq.pdbx_db_align_beg_ins_code    ? 
_struct_ref_seq.db_align_end                  348 
_struct_ref_seq.pdbx_db_align_end_ins_code    ? 
_struct_ref_seq.pdbx_auth_seq_align_beg       1 
_struct_ref_seq.pdbx_auth_seq_align_end       216 
# 
_struct_ref_seq_dif.align_id                     1 
_struct_ref_seq_dif.pdbx_pdb_id_code             1MEG 
_struct_ref_seq_dif.mon_id                       GLU 
_struct_ref_seq_dif.pdbx_pdb_strand_id           A 
_struct_ref_seq_dif.seq_num                      158 
_struct_ref_seq_dif.pdbx_pdb_ins_code            ? 
_struct_ref_seq_dif.pdbx_seq_db_name             UNP 
_struct_ref_seq_dif.pdbx_seq_db_accession_code   P10056 
_struct_ref_seq_dif.db_mon_id                    ASP 
_struct_ref_seq_dif.pdbx_seq_db_seq_num          290 
_struct_ref_seq_dif.details                      'engineered mutation' 
_struct_ref_seq_dif.pdbx_auth_seq_num            158 
_struct_ref_seq_dif.pdbx_ordinal                 1 
# 
_pdbx_struct_assembly.id                   1 
_pdbx_struct_assembly.details              author_defined_assembly 
_pdbx_struct_assembly.method_details       ? 
_pdbx_struct_assembly.oligomeric_details   monomeric 
_pdbx_struct_assembly.oligomeric_count     1 
# 
_pdbx_struct_assembly_gen.assembly_id       1 
_pdbx_struct_assembly_gen.oper_expression   1 
_pdbx_struct_assembly_gen.asym_id_list      A,B,C,D 
# 
_pdbx_struct_oper_list.id                   1 
_pdbx_struct_oper_list.type                 'identity operation' 
_pdbx_struct_oper_list.name                 1_555 
_pdbx_struct_oper_list.symmetry_operation   x,y,z 
_pdbx_struct_oper_list.matrix[1][1]         1.0000000000 
_pdbx_struct_oper_list.matrix[1][2]         0.0000000000 
_pdbx_struct_oper_list.matrix[1][3]         0.0000000000 
_pdbx_struct_oper_list.vector[1]            0.0000000000 
_pdbx_struct_oper_list.matrix[2][1]         0.0000000000 
_pdbx_struct_oper_list.matrix[2][2]         1.0000000000 
_pdbx_struct_oper_list.matrix[2][3]         0.0000000000 
_pdbx_struct_oper_list.vector[2]            0.0000000000 
_pdbx_struct_oper_list.matrix[3][1]         0.0000000000 
_pdbx_struct_oper_list.matrix[3][2]         0.0000000000 
_pdbx_struct_oper_list.matrix[3][3]         1.0000000000 
_pdbx_struct_oper_list.vector[3]            0.0000000000 
# 
_struct_biol.id   1 
# 
loop_
_struct_conf.conf_type_id 
_struct_conf.id 
_struct_conf.pdbx_PDB_helix_id 
_struct_conf.beg_label_comp_id 
_struct_conf.beg_label_asym_id 
_struct_conf.beg_label_seq_id 
_struct_conf.pdbx_beg_PDB_ins_code 
_struct_conf.end_label_comp_id 
_struct_conf.end_label_asym_id 
_struct_conf.end_label_seq_id 
_struct_conf.pdbx_end_PDB_ins_code 
_struct_conf.beg_auth_comp_id 
_struct_conf.beg_auth_asym_id 
_struct_conf.beg_auth_seq_id 
_struct_conf.end_auth_comp_id 
_struct_conf.end_auth_asym_id 
_struct_conf.end_auth_seq_id 
_struct_conf.pdbx_PDB_helix_class 
_struct_conf.details 
_struct_conf.pdbx_PDB_helix_length 
HELX_P HELX_P1 1 CYS A 25  ? THR A 42  ? CYS A 25  THR A 42  1 ? 18 
HELX_P HELX_P2 2 GLU A 50  ? CYS A 56  ? GLU A 50  CYS A 56  1 ? 7  
HELX_P HELX_P3 3 GLY A 62  ? LYS A 64  ? GLY A 62  LYS A 64  5 ? 3  
HELX_P HELX_P4 4 PRO A 68  ? ASN A 78  ? PRO A 68  ASN A 78  1 ? 11 
HELX_P HELX_P5 5 GLU A 118 ? LYS A 127 ? GLU A 118 LYS A 127 1 ? 10 
HELX_P HELX_P6 6 ARG A 139 ? GLN A 142 ? ARG A 139 GLN A 142 1 ? 4  
HELX_P HELX_P7 7 VAL A 203 ? GLY A 205 ? VAL A 203 GLY A 205 5 ? 3  
# 
_struct_conf_type.id          HELX_P 
_struct_conf_type.criteria    ? 
_struct_conf_type.reference   ? 
# 
loop_
_struct_conn.id 
_struct_conn.conn_type_id 
_struct_conn.pdbx_leaving_atom_flag 
_struct_conn.pdbx_PDB_id 
_struct_conn.ptnr1_label_asym_id 
_struct_conn.ptnr1_label_comp_id 
_struct_conn.ptnr1_label_seq_id 
_struct_conn.ptnr1_label_atom_id 
_struct_conn.pdbx_ptnr1_label_alt_id 
_struct_conn.pdbx_ptnr1_PDB_ins_code 
_struct_conn.pdbx_ptnr1_standard_comp_id 
_struct_conn.ptnr1_symmetry 
_struct_conn.ptnr2_label_asym_id 
_struct_conn.ptnr2_label_comp_id 
_struct_conn.ptnr2_label_seq_id 
_struct_conn.ptnr2_label_atom_id 
_struct_conn.pdbx_ptnr2_label_alt_id 
_struct_conn.pdbx_ptnr2_PDB_ins_code 
_struct_conn.ptnr1_auth_asym_id 
_struct_conn.ptnr1_auth_comp_id 
_struct_conn.ptnr1_auth_seq_id 
_struct_conn.ptnr2_auth_asym_id 
_struct_conn.ptnr2_auth_comp_id 
_struct_conn.ptnr2_auth_seq_id 
_struct_conn.ptnr2_symmetry 
_struct_conn.pdbx_ptnr3_label_atom_id 
_struct_conn.pdbx_ptnr3_label_seq_id 
_struct_conn.pdbx_ptnr3_label_comp_id 
_struct_conn.pdbx_ptnr3_label_asym_id 
_struct_conn.pdbx_ptnr3_label_alt_id 
_struct_conn.pdbx_ptnr3_PDB_ins_code 
_struct_conn.details 
_struct_conn.pdbx_dist_value 
_struct_conn.pdbx_value_order 
_struct_conn.pdbx_role 
disulf1 disulf ?    ? A CYS 22  SG ? ? ? 1_555 A CYS 63  SG ? ? A CYS 22  A CYS 63  1_555 ? ? ? ? ? ? ? 2.032 ? ? 
disulf2 disulf ?    ? A CYS 56  SG ? ? ? 1_555 A CYS 95  SG ? ? A CYS 56  A CYS 95  1_555 ? ? ? ? ? ? ? 2.025 ? ? 
disulf3 disulf ?    ? A CYS 153 SG ? ? ? 1_555 A CYS 204 SG ? ? A CYS 153 A CYS 204 1_555 ? ? ? ? ? ? ? 2.027 ? ? 
covale1 covale none ? A CYS 25  SG ? ? ? 1_555 B E64 .   C2 ? ? A CYS 25  A E64 217 1_555 ? ? ? ? ? ? ? 1.825 ? ? 
# 
loop_
_struct_conn_type.id 
_struct_conn_type.criteria 
_struct_conn_type.reference 
disulf ? ? 
covale ? ? 
# 
loop_
_pdbx_modification_feature.ordinal 
_pdbx_modification_feature.label_comp_id 
_pdbx_modification_feature.label_asym_id 
_pdbx_modification_feature.label_seq_id 
_pdbx_modification_feature.label_alt_id 
_pdbx_modification_feature.modified_residue_label_comp_id 
_pdbx_modification_feature.modified_residue_label_asym_id 
_pdbx_modification_feature.modified_residue_label_seq_id 
_pdbx_modification_feature.modified_residue_label_alt_id 
_pdbx_modification_feature.auth_comp_id 
_pdbx_modification_feature.auth_asym_id 
_pdbx_modification_feature.auth_seq_id 
_pdbx_modification_feature.PDB_ins_code 
_pdbx_modification_feature.symmetry 
_pdbx_modification_feature.modified_residue_auth_comp_id 
_pdbx_modification_feature.modified_residue_auth_asym_id 
_pdbx_modification_feature.modified_residue_auth_seq_id 
_pdbx_modification_feature.modified_residue_PDB_ins_code 
_pdbx_modification_feature.modified_residue_symmetry 
_pdbx_modification_feature.comp_id_linking_atom 
_pdbx_modification_feature.modified_residue_id_linking_atom 
_pdbx_modification_feature.modified_residue_id 
_pdbx_modification_feature.ref_pcm_id 
_pdbx_modification_feature.ref_comp_id 
_pdbx_modification_feature.type 
_pdbx_modification_feature.category 
1 E64 B .   ? CYS A 25  ? E64 A 217 ? 1_555 CYS A 25  ? 1_555 C2 SG CYS 1 E64 None 'Covalent chemical modification' 
2 CYS A 22  ? CYS A 63  ? CYS A 22  ? 1_555 CYS A 63  ? 1_555 SG SG .   . .   None 'Disulfide bridge'               
3 CYS A 56  ? CYS A 95  ? CYS A 56  ? 1_555 CYS A 95  ? 1_555 SG SG .   . .   None 'Disulfide bridge'               
4 CYS A 153 ? CYS A 204 ? CYS A 153 ? 1_555 CYS A 204 ? 1_555 SG SG .   . .   None 'Disulfide bridge'               
# 
_struct_mon_prot_cis.pdbx_id                1 
_struct_mon_prot_cis.label_comp_id          GLY 
_struct_mon_prot_cis.label_seq_id           151 
_struct_mon_prot_cis.label_asym_id          A 
_struct_mon_prot_cis.label_alt_id           . 
_struct_mon_prot_cis.pdbx_PDB_ins_code      ? 
_struct_mon_prot_cis.auth_comp_id           GLY 
_struct_mon_prot_cis.auth_seq_id            151 
_struct_mon_prot_cis.auth_asym_id           A 
_struct_mon_prot_cis.pdbx_label_comp_id_2   PRO 
_struct_mon_prot_cis.pdbx_label_seq_id_2    152 
_struct_mon_prot_cis.pdbx_label_asym_id_2   A 
_struct_mon_prot_cis.pdbx_PDB_ins_code_2    ? 
_struct_mon_prot_cis.pdbx_auth_comp_id_2    PRO 
_struct_mon_prot_cis.pdbx_auth_seq_id_2     152 
_struct_mon_prot_cis.pdbx_auth_asym_id_2    A 
_struct_mon_prot_cis.pdbx_PDB_model_num     1 
_struct_mon_prot_cis.pdbx_omega_angle       -3.81 
# 
loop_
_struct_sheet.id 
_struct_sheet.type 
_struct_sheet.number_strands 
_struct_sheet.details 
A ? 2 ? 
B ? 4 ? 
# 
loop_
_struct_sheet_order.sheet_id 
_struct_sheet_order.range_id_1 
_struct_sheet_order.range_id_2 
_struct_sheet_order.offset 
_struct_sheet_order.sense 
A 1 2 ? anti-parallel 
B 1 2 ? anti-parallel 
B 2 3 ? anti-parallel 
B 3 4 ? anti-parallel 
# 
loop_
_struct_sheet_range.sheet_id 
_struct_sheet_range.id 
_struct_sheet_range.beg_label_comp_id 
_struct_sheet_range.beg_label_asym_id 
_struct_sheet_range.beg_label_seq_id 
_struct_sheet_range.pdbx_beg_PDB_ins_code 
_struct_sheet_range.end_label_comp_id 
_struct_sheet_range.end_label_asym_id 
_struct_sheet_range.end_label_seq_id 
_struct_sheet_range.pdbx_end_PDB_ins_code 
_struct_sheet_range.beg_auth_comp_id 
_struct_sheet_range.beg_auth_asym_id 
_struct_sheet_range.beg_auth_seq_id 
_struct_sheet_range.end_auth_comp_id 
_struct_sheet_range.end_auth_asym_id 
_struct_sheet_range.end_auth_seq_id 
A 1 GLY A 109 ? ARG A 112 ? GLY A 109 ARG A 112 
A 2 TYR A 211 ? THR A 214 ? TYR A 211 THR A 214 
B 1 VAL A 130 ? VAL A 134 ? VAL A 130 VAL A 134 
B 2 HIS A 159 ? SER A 169 ? HIS A 159 SER A 169 
B 3 LYS A 172 ? LYS A 178 ? LYS A 172 LYS A 178 
B 4 TYR A 190 ? LYS A 194 ? TYR A 190 LYS A 194 
# 
loop_
_pdbx_struct_sheet_hbond.sheet_id 
_pdbx_struct_sheet_hbond.range_id_1 
_pdbx_struct_sheet_hbond.range_id_2 
_pdbx_struct_sheet_hbond.range_1_label_atom_id 
_pdbx_struct_sheet_hbond.range_1_label_comp_id 
_pdbx_struct_sheet_hbond.range_1_label_asym_id 
_pdbx_struct_sheet_hbond.range_1_label_seq_id 
_pdbx_struct_sheet_hbond.range_1_PDB_ins_code 
_pdbx_struct_sheet_hbond.range_1_auth_atom_id 
_pdbx_struct_sheet_hbond.range_1_auth_comp_id 
_pdbx_struct_sheet_hbond.range_1_auth_asym_id 
_pdbx_struct_sheet_hbond.range_1_auth_seq_id 
_pdbx_struct_sheet_hbond.range_2_label_atom_id 
_pdbx_struct_sheet_hbond.range_2_label_comp_id 
_pdbx_struct_sheet_hbond.range_2_label_asym_id 
_pdbx_struct_sheet_hbond.range_2_label_seq_id 
_pdbx_struct_sheet_hbond.range_2_PDB_ins_code 
_pdbx_struct_sheet_hbond.range_2_auth_atom_id 
_pdbx_struct_sheet_hbond.range_2_auth_comp_id 
_pdbx_struct_sheet_hbond.range_2_auth_asym_id 
_pdbx_struct_sheet_hbond.range_2_auth_seq_id 
A 1 2 O GLY A 109 ? O GLY A 109 N THR A 214 ? N THR A 214 
B 1 2 O VAL A 130 ? O VAL A 130 N ALA A 163 ? N ALA A 163 
B 2 3 O THR A 162 ? O THR A 162 N LYS A 178 ? N LYS A 178 
B 3 4 O ILE A 175 ? O ILE A 175 N ILE A 193 ? N ILE A 193 
# 
loop_
_struct_site.id 
_struct_site.pdbx_evidence_code 
_struct_site.pdbx_auth_asym_id 
_struct_site.pdbx_auth_comp_id 
_struct_site.pdbx_auth_seq_id 
_struct_site.pdbx_auth_ins_code 
_struct_site.pdbx_num_residues 
_struct_site.details 
ACT Unknown  ? ?   ?   ? 2  'ACTIVE SITE.'                       
AC1 Software A E64 217 ? 12 'BINDING SITE FOR RESIDUE E64 A 217' 
AC2 Software A EOH 218 ? 4  'BINDING SITE FOR RESIDUE EOH A 218' 
# 
loop_
_struct_site_gen.id 
_struct_site_gen.site_id 
_struct_site_gen.pdbx_num_res 
_struct_site_gen.label_comp_id 
_struct_site_gen.label_asym_id 
_struct_site_gen.label_seq_id 
_struct_site_gen.pdbx_auth_ins_code 
_struct_site_gen.auth_comp_id 
_struct_site_gen.auth_asym_id 
_struct_site_gen.auth_seq_id 
_struct_site_gen.label_atom_id 
_struct_site_gen.label_alt_id 
_struct_site_gen.symmetry 
_struct_site_gen.details 
1  ACT 2  CYS A 25  ? CYS A 25  . ? 1_555 ? 
2  ACT 2  HIS A 159 ? HIS A 159 . ? 1_555 ? 
3  AC1 12 GLN A 19  ? GLN A 19  . ? 1_555 ? 
4  AC1 12 GLY A 23  ? GLY A 23  . ? 1_555 ? 
5  AC1 12 SER A 24  ? SER A 24  . ? 1_555 ? 
6  AC1 12 CYS A 25  ? CYS A 25  . ? 1_555 ? 
7  AC1 12 TRP A 26  ? TRP A 26  . ? 1_555 ? 
8  AC1 12 GLY A 65  ? GLY A 65  . ? 1_555 ? 
9  AC1 12 GLY A 66  ? GLY A 66  . ? 1_555 ? 
10 AC1 12 TYR A 67  ? TYR A 67  . ? 1_555 ? 
11 AC1 12 VAL A 133 ? VAL A 133 . ? 1_555 ? 
12 AC1 12 GLU A 158 ? GLU A 158 . ? 1_555 ? 
13 AC1 12 HIS A 159 ? HIS A 159 . ? 1_555 ? 
14 AC1 12 HOH D .   ? HOH A 310 . ? 1_555 ? 
15 AC2 4  HIS A 18  ? HIS A 18  . ? 1_555 ? 
16 AC2 4  GLY A 20  ? GLY A 20  . ? 2_656 ? 
17 AC2 4  ALA A 90  ? ALA A 90  . ? 2_656 ? 
18 AC2 4  HOH D .   ? HOH A 312 . ? 1_555 ? 
# 
_pdbx_entry_details.entry_id                   1MEG 
_pdbx_entry_details.compound_details           ? 
_pdbx_entry_details.source_details             ? 
_pdbx_entry_details.nonpolymer_details         ? 
_pdbx_entry_details.sequence_details           ? 
_pdbx_entry_details.has_ligand_of_interest     ? 
_pdbx_entry_details.has_protein_modification   Y 
# 
loop_
_pdbx_validate_torsion.id 
_pdbx_validate_torsion.PDB_model_num 
_pdbx_validate_torsion.auth_comp_id 
_pdbx_validate_torsion.auth_asym_id 
_pdbx_validate_torsion.auth_seq_id 
_pdbx_validate_torsion.PDB_ins_code 
_pdbx_validate_torsion.label_alt_id 
_pdbx_validate_torsion.phi 
_pdbx_validate_torsion.psi 
1 1 GLU A 158 ? ? -157.63 9.86   
2 1 SER A 209 ? ? -168.68 102.56 
# 
loop_
_chem_comp_atom.comp_id 
_chem_comp_atom.atom_id 
_chem_comp_atom.type_symbol 
_chem_comp_atom.pdbx_aromatic_flag 
_chem_comp_atom.pdbx_stereo_config 
_chem_comp_atom.pdbx_ordinal 
ALA N    N N N 1   
ALA CA   C N S 2   
ALA C    C N N 3   
ALA O    O N N 4   
ALA CB   C N N 5   
ALA OXT  O N N 6   
ALA H    H N N 7   
ALA H2   H N N 8   
ALA HA   H N N 9   
ALA HB1  H N N 10  
ALA HB2  H N N 11  
ALA HB3  H N N 12  
ALA HXT  H N N 13  
ARG N    N N N 14  
ARG CA   C N S 15  
ARG C    C N N 16  
ARG O    O N N 17  
ARG CB   C N N 18  
ARG CG   C N N 19  
ARG CD   C N N 20  
ARG NE   N N N 21  
ARG CZ   C N N 22  
ARG NH1  N N N 23  
ARG NH2  N N N 24  
ARG OXT  O N N 25  
ARG H    H N N 26  
ARG H2   H N N 27  
ARG HA   H N N 28  
ARG HB2  H N N 29  
ARG HB3  H N N 30  
ARG HG2  H N N 31  
ARG HG3  H N N 32  
ARG HD2  H N N 33  
ARG HD3  H N N 34  
ARG HE   H N N 35  
ARG HH11 H N N 36  
ARG HH12 H N N 37  
ARG HH21 H N N 38  
ARG HH22 H N N 39  
ARG HXT  H N N 40  
ASN N    N N N 41  
ASN CA   C N S 42  
ASN C    C N N 43  
ASN O    O N N 44  
ASN CB   C N N 45  
ASN CG   C N N 46  
ASN OD1  O N N 47  
ASN ND2  N N N 48  
ASN OXT  O N N 49  
ASN H    H N N 50  
ASN H2   H N N 51  
ASN HA   H N N 52  
ASN HB2  H N N 53  
ASN HB3  H N N 54  
ASN HD21 H N N 55  
ASN HD22 H N N 56  
ASN HXT  H N N 57  
ASP N    N N N 58  
ASP CA   C N S 59  
ASP C    C N N 60  
ASP O    O N N 61  
ASP CB   C N N 62  
ASP CG   C N N 63  
ASP OD1  O N N 64  
ASP OD2  O N N 65  
ASP OXT  O N N 66  
ASP H    H N N 67  
ASP H2   H N N 68  
ASP HA   H N N 69  
ASP HB2  H N N 70  
ASP HB3  H N N 71  
ASP HD2  H N N 72  
ASP HXT  H N N 73  
CYS N    N N N 74  
CYS CA   C N R 75  
CYS C    C N N 76  
CYS O    O N N 77  
CYS CB   C N N 78  
CYS SG   S N N 79  
CYS OXT  O N N 80  
CYS H    H N N 81  
CYS H2   H N N 82  
CYS HA   H N N 83  
CYS HB2  H N N 84  
CYS HB3  H N N 85  
CYS HG   H N N 86  
CYS HXT  H N N 87  
E64 C1   C N N 88  
E64 O1   O N N 89  
E64 O2   O N N 90  
E64 C2   C N N 91  
E64 C3   C N S 92  
E64 O3   O N N 93  
E64 C4   C N N 94  
E64 O4   O N N 95  
E64 N1   N N N 96  
E64 C6   C N S 97  
E64 C7   C N N 98  
E64 C8   C N N 99  
E64 C9   C N N 100 
E64 C10  C N N 101 
E64 C11  C N N 102 
E64 O5   O N N 103 
E64 N2   N N N 104 
E64 C12  C N N 105 
E64 C13  C N N 106 
E64 C14  C N N 107 
E64 C15  C N N 108 
E64 N3   N N N 109 
E64 C16  C N N 110 
E64 N4   N N N 111 
E64 N5   N N N 112 
E64 HO2  H N N 113 
E64 H21  H N N 114 
E64 H22  H N N 115 
E64 H3   H N N 116 
E64 HO3  H N N 117 
E64 HN1  H N N 118 
E64 H6   H N N 119 
E64 H71  H N N 120 
E64 H72  H N N 121 
E64 H8   H N N 122 
E64 H91  H N N 123 
E64 H92  H N N 124 
E64 H93  H N N 125 
E64 H101 H N N 126 
E64 H102 H N N 127 
E64 H103 H N N 128 
E64 HN2  H N N 129 
E64 H121 H N N 130 
E64 H122 H N N 131 
E64 H131 H N N 132 
E64 H132 H N N 133 
E64 H141 H N N 134 
E64 H142 H N N 135 
E64 H151 H N N 136 
E64 H152 H N N 137 
E64 HN3  H N N 138 
E64 HN41 H N N 139 
E64 HN42 H N N 140 
E64 HN51 H N N 141 
E64 HN52 H N N 142 
EOH C1   C N N 143 
EOH C2   C N N 144 
EOH O    O N N 145 
EOH H11  H N N 146 
EOH H12  H N N 147 
EOH H21  H N N 148 
EOH H22  H N N 149 
EOH H23  H N N 150 
EOH HO   H N N 151 
GLN N    N N N 152 
GLN CA   C N S 153 
GLN C    C N N 154 
GLN O    O N N 155 
GLN CB   C N N 156 
GLN CG   C N N 157 
GLN CD   C N N 158 
GLN OE1  O N N 159 
GLN NE2  N N N 160 
GLN OXT  O N N 161 
GLN H    H N N 162 
GLN H2   H N N 163 
GLN HA   H N N 164 
GLN HB2  H N N 165 
GLN HB3  H N N 166 
GLN HG2  H N N 167 
GLN HG3  H N N 168 
GLN HE21 H N N 169 
GLN HE22 H N N 170 
GLN HXT  H N N 171 
GLU N    N N N 172 
GLU CA   C N S 173 
GLU C    C N N 174 
GLU O    O N N 175 
GLU CB   C N N 176 
GLU CG   C N N 177 
GLU CD   C N N 178 
GLU OE1  O N N 179 
GLU OE2  O N N 180 
GLU OXT  O N N 181 
GLU H    H N N 182 
GLU H2   H N N 183 
GLU HA   H N N 184 
GLU HB2  H N N 185 
GLU HB3  H N N 186 
GLU HG2  H N N 187 
GLU HG3  H N N 188 
GLU HE2  H N N 189 
GLU HXT  H N N 190 
GLY N    N N N 191 
GLY CA   C N N 192 
GLY C    C N N 193 
GLY O    O N N 194 
GLY OXT  O N N 195 
GLY H    H N N 196 
GLY H2   H N N 197 
GLY HA2  H N N 198 
GLY HA3  H N N 199 
GLY HXT  H N N 200 
HIS N    N N N 201 
HIS CA   C N S 202 
HIS C    C N N 203 
HIS O    O N N 204 
HIS CB   C N N 205 
HIS CG   C Y N 206 
HIS ND1  N Y N 207 
HIS CD2  C Y N 208 
HIS CE1  C Y N 209 
HIS NE2  N Y N 210 
HIS OXT  O N N 211 
HIS H    H N N 212 
HIS H2   H N N 213 
HIS HA   H N N 214 
HIS HB2  H N N 215 
HIS HB3  H N N 216 
HIS HD1  H N N 217 
HIS HD2  H N N 218 
HIS HE1  H N N 219 
HIS HE2  H N N 220 
HIS HXT  H N N 221 
HOH O    O N N 222 
HOH H1   H N N 223 
HOH H2   H N N 224 
ILE N    N N N 225 
ILE CA   C N S 226 
ILE C    C N N 227 
ILE O    O N N 228 
ILE CB   C N S 229 
ILE CG1  C N N 230 
ILE CG2  C N N 231 
ILE CD1  C N N 232 
ILE OXT  O N N 233 
ILE H    H N N 234 
ILE H2   H N N 235 
ILE HA   H N N 236 
ILE HB   H N N 237 
ILE HG12 H N N 238 
ILE HG13 H N N 239 
ILE HG21 H N N 240 
ILE HG22 H N N 241 
ILE HG23 H N N 242 
ILE HD11 H N N 243 
ILE HD12 H N N 244 
ILE HD13 H N N 245 
ILE HXT  H N N 246 
LEU N    N N N 247 
LEU CA   C N S 248 
LEU C    C N N 249 
LEU O    O N N 250 
LEU CB   C N N 251 
LEU CG   C N N 252 
LEU CD1  C N N 253 
LEU CD2  C N N 254 
LEU OXT  O N N 255 
LEU H    H N N 256 
LEU H2   H N N 257 
LEU HA   H N N 258 
LEU HB2  H N N 259 
LEU HB3  H N N 260 
LEU HG   H N N 261 
LEU HD11 H N N 262 
LEU HD12 H N N 263 
LEU HD13 H N N 264 
LEU HD21 H N N 265 
LEU HD22 H N N 266 
LEU HD23 H N N 267 
LEU HXT  H N N 268 
LYS N    N N N 269 
LYS CA   C N S 270 
LYS C    C N N 271 
LYS O    O N N 272 
LYS CB   C N N 273 
LYS CG   C N N 274 
LYS CD   C N N 275 
LYS CE   C N N 276 
LYS NZ   N N N 277 
LYS OXT  O N N 278 
LYS H    H N N 279 
LYS H2   H N N 280 
LYS HA   H N N 281 
LYS HB2  H N N 282 
LYS HB3  H N N 283 
LYS HG2  H N N 284 
LYS HG3  H N N 285 
LYS HD2  H N N 286 
LYS HD3  H N N 287 
LYS HE2  H N N 288 
LYS HE3  H N N 289 
LYS HZ1  H N N 290 
LYS HZ2  H N N 291 
LYS HZ3  H N N 292 
LYS HXT  H N N 293 
PHE N    N N N 294 
PHE CA   C N S 295 
PHE C    C N N 296 
PHE O    O N N 297 
PHE CB   C N N 298 
PHE CG   C Y N 299 
PHE CD1  C Y N 300 
PHE CD2  C Y N 301 
PHE CE1  C Y N 302 
PHE CE2  C Y N 303 
PHE CZ   C Y N 304 
PHE OXT  O N N 305 
PHE H    H N N 306 
PHE H2   H N N 307 
PHE HA   H N N 308 
PHE HB2  H N N 309 
PHE HB3  H N N 310 
PHE HD1  H N N 311 
PHE HD2  H N N 312 
PHE HE1  H N N 313 
PHE HE2  H N N 314 
PHE HZ   H N N 315 
PHE HXT  H N N 316 
PRO N    N N N 317 
PRO CA   C N S 318 
PRO C    C N N 319 
PRO O    O N N 320 
PRO CB   C N N 321 
PRO CG   C N N 322 
PRO CD   C N N 323 
PRO OXT  O N N 324 
PRO H    H N N 325 
PRO HA   H N N 326 
PRO HB2  H N N 327 
PRO HB3  H N N 328 
PRO HG2  H N N 329 
PRO HG3  H N N 330 
PRO HD2  H N N 331 
PRO HD3  H N N 332 
PRO HXT  H N N 333 
SER N    N N N 334 
SER CA   C N S 335 
SER C    C N N 336 
SER O    O N N 337 
SER CB   C N N 338 
SER OG   O N N 339 
SER OXT  O N N 340 
SER H    H N N 341 
SER H2   H N N 342 
SER HA   H N N 343 
SER HB2  H N N 344 
SER HB3  H N N 345 
SER HG   H N N 346 
SER HXT  H N N 347 
THR N    N N N 348 
THR CA   C N S 349 
THR C    C N N 350 
THR O    O N N 351 
THR CB   C N R 352 
THR OG1  O N N 353 
THR CG2  C N N 354 
THR OXT  O N N 355 
THR H    H N N 356 
THR H2   H N N 357 
THR HA   H N N 358 
THR HB   H N N 359 
THR HG1  H N N 360 
THR HG21 H N N 361 
THR HG22 H N N 362 
THR HG23 H N N 363 
THR HXT  H N N 364 
TRP N    N N N 365 
TRP CA   C N S 366 
TRP C    C N N 367 
TRP O    O N N 368 
TRP CB   C N N 369 
TRP CG   C Y N 370 
TRP CD1  C Y N 371 
TRP CD2  C Y N 372 
TRP NE1  N Y N 373 
TRP CE2  C Y N 374 
TRP CE3  C Y N 375 
TRP CZ2  C Y N 376 
TRP CZ3  C Y N 377 
TRP CH2  C Y N 378 
TRP OXT  O N N 379 
TRP H    H N N 380 
TRP H2   H N N 381 
TRP HA   H N N 382 
TRP HB2  H N N 383 
TRP HB3  H N N 384 
TRP HD1  H N N 385 
TRP HE1  H N N 386 
TRP HE3  H N N 387 
TRP HZ2  H N N 388 
TRP HZ3  H N N 389 
TRP HH2  H N N 390 
TRP HXT  H N N 391 
TYR N    N N N 392 
TYR CA   C N S 393 
TYR C    C N N 394 
TYR O    O N N 395 
TYR CB   C N N 396 
TYR CG   C Y N 397 
TYR CD1  C Y N 398 
TYR CD2  C Y N 399 
TYR CE1  C Y N 400 
TYR CE2  C Y N 401 
TYR CZ   C Y N 402 
TYR OH   O N N 403 
TYR OXT  O N N 404 
TYR H    H N N 405 
TYR H2   H N N 406 
TYR HA   H N N 407 
TYR HB2  H N N 408 
TYR HB3  H N N 409 
TYR HD1  H N N 410 
TYR HD2  H N N 411 
TYR HE1  H N N 412 
TYR HE2  H N N 413 
TYR HH   H N N 414 
TYR HXT  H N N 415 
VAL N    N N N 416 
VAL CA   C N S 417 
VAL C    C N N 418 
VAL O    O N N 419 
VAL CB   C N N 420 
VAL CG1  C N N 421 
VAL CG2  C N N 422 
VAL OXT  O N N 423 
VAL H    H N N 424 
VAL H2   H N N 425 
VAL HA   H N N 426 
VAL HB   H N N 427 
VAL HG11 H N N 428 
VAL HG12 H N N 429 
VAL HG13 H N N 430 
VAL HG21 H N N 431 
VAL HG22 H N N 432 
VAL HG23 H N N 433 
VAL HXT  H N N 434 
# 
loop_
_chem_comp_bond.comp_id 
_chem_comp_bond.atom_id_1 
_chem_comp_bond.atom_id_2 
_chem_comp_bond.value_order 
_chem_comp_bond.pdbx_aromatic_flag 
_chem_comp_bond.pdbx_stereo_config 
_chem_comp_bond.pdbx_ordinal 
ALA N   CA   sing N N 1   
ALA N   H    sing N N 2   
ALA N   H2   sing N N 3   
ALA CA  C    sing N N 4   
ALA CA  CB   sing N N 5   
ALA CA  HA   sing N N 6   
ALA C   O    doub N N 7   
ALA C   OXT  sing N N 8   
ALA CB  HB1  sing N N 9   
ALA CB  HB2  sing N N 10  
ALA CB  HB3  sing N N 11  
ALA OXT HXT  sing N N 12  
ARG N   CA   sing N N 13  
ARG N   H    sing N N 14  
ARG N   H2   sing N N 15  
ARG CA  C    sing N N 16  
ARG CA  CB   sing N N 17  
ARG CA  HA   sing N N 18  
ARG C   O    doub N N 19  
ARG C   OXT  sing N N 20  
ARG CB  CG   sing N N 21  
ARG CB  HB2  sing N N 22  
ARG CB  HB3  sing N N 23  
ARG CG  CD   sing N N 24  
ARG CG  HG2  sing N N 25  
ARG CG  HG3  sing N N 26  
ARG CD  NE   sing N N 27  
ARG CD  HD2  sing N N 28  
ARG CD  HD3  sing N N 29  
ARG NE  CZ   sing N N 30  
ARG NE  HE   sing N N 31  
ARG CZ  NH1  sing N N 32  
ARG CZ  NH2  doub N N 33  
ARG NH1 HH11 sing N N 34  
ARG NH1 HH12 sing N N 35  
ARG NH2 HH21 sing N N 36  
ARG NH2 HH22 sing N N 37  
ARG OXT HXT  sing N N 38  
ASN N   CA   sing N N 39  
ASN N   H    sing N N 40  
ASN N   H2   sing N N 41  
ASN CA  C    sing N N 42  
ASN CA  CB   sing N N 43  
ASN CA  HA   sing N N 44  
ASN C   O    doub N N 45  
ASN C   OXT  sing N N 46  
ASN CB  CG   sing N N 47  
ASN CB  HB2  sing N N 48  
ASN CB  HB3  sing N N 49  
ASN CG  OD1  doub N N 50  
ASN CG  ND2  sing N N 51  
ASN ND2 HD21 sing N N 52  
ASN ND2 HD22 sing N N 53  
ASN OXT HXT  sing N N 54  
ASP N   CA   sing N N 55  
ASP N   H    sing N N 56  
ASP N   H2   sing N N 57  
ASP CA  C    sing N N 58  
ASP CA  CB   sing N N 59  
ASP CA  HA   sing N N 60  
ASP C   O    doub N N 61  
ASP C   OXT  sing N N 62  
ASP CB  CG   sing N N 63  
ASP CB  HB2  sing N N 64  
ASP CB  HB3  sing N N 65  
ASP CG  OD1  doub N N 66  
ASP CG  OD2  sing N N 67  
ASP OD2 HD2  sing N N 68  
ASP OXT HXT  sing N N 69  
CYS N   CA   sing N N 70  
CYS N   H    sing N N 71  
CYS N   H2   sing N N 72  
CYS CA  C    sing N N 73  
CYS CA  CB   sing N N 74  
CYS CA  HA   sing N N 75  
CYS C   O    doub N N 76  
CYS C   OXT  sing N N 77  
CYS CB  SG   sing N N 78  
CYS CB  HB2  sing N N 79  
CYS CB  HB3  sing N N 80  
CYS SG  HG   sing N N 81  
CYS OXT HXT  sing N N 82  
E64 C1  O1   doub N N 83  
E64 C1  O2   sing N N 84  
E64 C1  C2   sing N N 85  
E64 O2  HO2  sing N N 86  
E64 C2  C3   sing N N 87  
E64 C2  H21  sing N N 88  
E64 C2  H22  sing N N 89  
E64 C3  O3   sing N N 90  
E64 C3  C4   sing N N 91  
E64 C3  H3   sing N N 92  
E64 O3  HO3  sing N N 93  
E64 C4  O4   doub N N 94  
E64 C4  N1   sing N N 95  
E64 N1  C6   sing N N 96  
E64 N1  HN1  sing N N 97  
E64 C6  C7   sing N N 98  
E64 C6  C11  sing N N 99  
E64 C6  H6   sing N N 100 
E64 C7  C8   sing N N 101 
E64 C7  H71  sing N N 102 
E64 C7  H72  sing N N 103 
E64 C8  C9   sing N N 104 
E64 C8  C10  sing N N 105 
E64 C8  H8   sing N N 106 
E64 C9  H91  sing N N 107 
E64 C9  H92  sing N N 108 
E64 C9  H93  sing N N 109 
E64 C10 H101 sing N N 110 
E64 C10 H102 sing N N 111 
E64 C10 H103 sing N N 112 
E64 C11 O5   doub N N 113 
E64 C11 N2   sing N N 114 
E64 N2  C12  sing N N 115 
E64 N2  HN2  sing N N 116 
E64 C12 C13  sing N N 117 
E64 C12 H121 sing N N 118 
E64 C12 H122 sing N N 119 
E64 C13 C14  sing N N 120 
E64 C13 H131 sing N N 121 
E64 C13 H132 sing N N 122 
E64 C14 C15  sing N N 123 
E64 C14 H141 sing N N 124 
E64 C14 H142 sing N N 125 
E64 C15 N3   sing N N 126 
E64 C15 H151 sing N N 127 
E64 C15 H152 sing N N 128 
E64 N3  C16  sing N N 129 
E64 N3  HN3  sing N N 130 
E64 C16 N4   sing N N 131 
E64 C16 N5   doub N N 132 
E64 N4  HN41 sing N N 133 
E64 N4  HN42 sing N N 134 
E64 N5  HN51 sing N N 135 
E64 N5  HN52 sing N N 136 
EOH C1  C2   sing N N 137 
EOH C1  O    sing N N 138 
EOH C1  H11  sing N N 139 
EOH C1  H12  sing N N 140 
EOH C2  H21  sing N N 141 
EOH C2  H22  sing N N 142 
EOH C2  H23  sing N N 143 
EOH O   HO   sing N N 144 
GLN N   CA   sing N N 145 
GLN N   H    sing N N 146 
GLN N   H2   sing N N 147 
GLN CA  C    sing N N 148 
GLN CA  CB   sing N N 149 
GLN CA  HA   sing N N 150 
GLN C   O    doub N N 151 
GLN C   OXT  sing N N 152 
GLN CB  CG   sing N N 153 
GLN CB  HB2  sing N N 154 
GLN CB  HB3  sing N N 155 
GLN CG  CD   sing N N 156 
GLN CG  HG2  sing N N 157 
GLN CG  HG3  sing N N 158 
GLN CD  OE1  doub N N 159 
GLN CD  NE2  sing N N 160 
GLN NE2 HE21 sing N N 161 
GLN NE2 HE22 sing N N 162 
GLN OXT HXT  sing N N 163 
GLU N   CA   sing N N 164 
GLU N   H    sing N N 165 
GLU N   H2   sing N N 166 
GLU CA  C    sing N N 167 
GLU CA  CB   sing N N 168 
GLU CA  HA   sing N N 169 
GLU C   O    doub N N 170 
GLU C   OXT  sing N N 171 
GLU CB  CG   sing N N 172 
GLU CB  HB2  sing N N 173 
GLU CB  HB3  sing N N 174 
GLU CG  CD   sing N N 175 
GLU CG  HG2  sing N N 176 
GLU CG  HG3  sing N N 177 
GLU CD  OE1  doub N N 178 
GLU CD  OE2  sing N N 179 
GLU OE2 HE2  sing N N 180 
GLU OXT HXT  sing N N 181 
GLY N   CA   sing N N 182 
GLY N   H    sing N N 183 
GLY N   H2   sing N N 184 
GLY CA  C    sing N N 185 
GLY CA  HA2  sing N N 186 
GLY CA  HA3  sing N N 187 
GLY C   O    doub N N 188 
GLY C   OXT  sing N N 189 
GLY OXT HXT  sing N N 190 
HIS N   CA   sing N N 191 
HIS N   H    sing N N 192 
HIS N   H2   sing N N 193 
HIS CA  C    sing N N 194 
HIS CA  CB   sing N N 195 
HIS CA  HA   sing N N 196 
HIS C   O    doub N N 197 
HIS C   OXT  sing N N 198 
HIS CB  CG   sing N N 199 
HIS CB  HB2  sing N N 200 
HIS CB  HB3  sing N N 201 
HIS CG  ND1  sing Y N 202 
HIS CG  CD2  doub Y N 203 
HIS ND1 CE1  doub Y N 204 
HIS ND1 HD1  sing N N 205 
HIS CD2 NE2  sing Y N 206 
HIS CD2 HD2  sing N N 207 
HIS CE1 NE2  sing Y N 208 
HIS CE1 HE1  sing N N 209 
HIS NE2 HE2  sing N N 210 
HIS OXT HXT  sing N N 211 
HOH O   H1   sing N N 212 
HOH O   H2   sing N N 213 
ILE N   CA   sing N N 214 
ILE N   H    sing N N 215 
ILE N   H2   sing N N 216 
ILE CA  C    sing N N 217 
ILE CA  CB   sing N N 218 
ILE CA  HA   sing N N 219 
ILE C   O    doub N N 220 
ILE C   OXT  sing N N 221 
ILE CB  CG1  sing N N 222 
ILE CB  CG2  sing N N 223 
ILE CB  HB   sing N N 224 
ILE CG1 CD1  sing N N 225 
ILE CG1 HG12 sing N N 226 
ILE CG1 HG13 sing N N 227 
ILE CG2 HG21 sing N N 228 
ILE CG2 HG22 sing N N 229 
ILE CG2 HG23 sing N N 230 
ILE CD1 HD11 sing N N 231 
ILE CD1 HD12 sing N N 232 
ILE CD1 HD13 sing N N 233 
ILE OXT HXT  sing N N 234 
LEU N   CA   sing N N 235 
LEU N   H    sing N N 236 
LEU N   H2   sing N N 237 
LEU CA  C    sing N N 238 
LEU CA  CB   sing N N 239 
LEU CA  HA   sing N N 240 
LEU C   O    doub N N 241 
LEU C   OXT  sing N N 242 
LEU CB  CG   sing N N 243 
LEU CB  HB2  sing N N 244 
LEU CB  HB3  sing N N 245 
LEU CG  CD1  sing N N 246 
LEU CG  CD2  sing N N 247 
LEU CG  HG   sing N N 248 
LEU CD1 HD11 sing N N 249 
LEU CD1 HD12 sing N N 250 
LEU CD1 HD13 sing N N 251 
LEU CD2 HD21 sing N N 252 
LEU CD2 HD22 sing N N 253 
LEU CD2 HD23 sing N N 254 
LEU OXT HXT  sing N N 255 
LYS N   CA   sing N N 256 
LYS N   H    sing N N 257 
LYS N   H2   sing N N 258 
LYS CA  C    sing N N 259 
LYS CA  CB   sing N N 260 
LYS CA  HA   sing N N 261 
LYS C   O    doub N N 262 
LYS C   OXT  sing N N 263 
LYS CB  CG   sing N N 264 
LYS CB  HB2  sing N N 265 
LYS CB  HB3  sing N N 266 
LYS CG  CD   sing N N 267 
LYS CG  HG2  sing N N 268 
LYS CG  HG3  sing N N 269 
LYS CD  CE   sing N N 270 
LYS CD  HD2  sing N N 271 
LYS CD  HD3  sing N N 272 
LYS CE  NZ   sing N N 273 
LYS CE  HE2  sing N N 274 
LYS CE  HE3  sing N N 275 
LYS NZ  HZ1  sing N N 276 
LYS NZ  HZ2  sing N N 277 
LYS NZ  HZ3  sing N N 278 
LYS OXT HXT  sing N N 279 
PHE N   CA   sing N N 280 
PHE N   H    sing N N 281 
PHE N   H2   sing N N 282 
PHE CA  C    sing N N 283 
PHE CA  CB   sing N N 284 
PHE CA  HA   sing N N 285 
PHE C   O    doub N N 286 
PHE C   OXT  sing N N 287 
PHE CB  CG   sing N N 288 
PHE CB  HB2  sing N N 289 
PHE CB  HB3  sing N N 290 
PHE CG  CD1  doub Y N 291 
PHE CG  CD2  sing Y N 292 
PHE CD1 CE1  sing Y N 293 
PHE CD1 HD1  sing N N 294 
PHE CD2 CE2  doub Y N 295 
PHE CD2 HD2  sing N N 296 
PHE CE1 CZ   doub Y N 297 
PHE CE1 HE1  sing N N 298 
PHE CE2 CZ   sing Y N 299 
PHE CE2 HE2  sing N N 300 
PHE CZ  HZ   sing N N 301 
PHE OXT HXT  sing N N 302 
PRO N   CA   sing N N 303 
PRO N   CD   sing N N 304 
PRO N   H    sing N N 305 
PRO CA  C    sing N N 306 
PRO CA  CB   sing N N 307 
PRO CA  HA   sing N N 308 
PRO C   O    doub N N 309 
PRO C   OXT  sing N N 310 
PRO CB  CG   sing N N 311 
PRO CB  HB2  sing N N 312 
PRO CB  HB3  sing N N 313 
PRO CG  CD   sing N N 314 
PRO CG  HG2  sing N N 315 
PRO CG  HG3  sing N N 316 
PRO CD  HD2  sing N N 317 
PRO CD  HD3  sing N N 318 
PRO OXT HXT  sing N N 319 
SER N   CA   sing N N 320 
SER N   H    sing N N 321 
SER N   H2   sing N N 322 
SER CA  C    sing N N 323 
SER CA  CB   sing N N 324 
SER CA  HA   sing N N 325 
SER C   O    doub N N 326 
SER C   OXT  sing N N 327 
SER CB  OG   sing N N 328 
SER CB  HB2  sing N N 329 
SER CB  HB3  sing N N 330 
SER OG  HG   sing N N 331 
SER OXT HXT  sing N N 332 
THR N   CA   sing N N 333 
THR N   H    sing N N 334 
THR N   H2   sing N N 335 
THR CA  C    sing N N 336 
THR CA  CB   sing N N 337 
THR CA  HA   sing N N 338 
THR C   O    doub N N 339 
THR C   OXT  sing N N 340 
THR CB  OG1  sing N N 341 
THR CB  CG2  sing N N 342 
THR CB  HB   sing N N 343 
THR OG1 HG1  sing N N 344 
THR CG2 HG21 sing N N 345 
THR CG2 HG22 sing N N 346 
THR CG2 HG23 sing N N 347 
THR OXT HXT  sing N N 348 
TRP N   CA   sing N N 349 
TRP N   H    sing N N 350 
TRP N   H2   sing N N 351 
TRP CA  C    sing N N 352 
TRP CA  CB   sing N N 353 
TRP CA  HA   sing N N 354 
TRP C   O    doub N N 355 
TRP C   OXT  sing N N 356 
TRP CB  CG   sing N N 357 
TRP CB  HB2  sing N N 358 
TRP CB  HB3  sing N N 359 
TRP CG  CD1  doub Y N 360 
TRP CG  CD2  sing Y N 361 
TRP CD1 NE1  sing Y N 362 
TRP CD1 HD1  sing N N 363 
TRP CD2 CE2  doub Y N 364 
TRP CD2 CE3  sing Y N 365 
TRP NE1 CE2  sing Y N 366 
TRP NE1 HE1  sing N N 367 
TRP CE2 CZ2  sing Y N 368 
TRP CE3 CZ3  doub Y N 369 
TRP CE3 HE3  sing N N 370 
TRP CZ2 CH2  doub Y N 371 
TRP CZ2 HZ2  sing N N 372 
TRP CZ3 CH2  sing Y N 373 
TRP CZ3 HZ3  sing N N 374 
TRP CH2 HH2  sing N N 375 
TRP OXT HXT  sing N N 376 
TYR N   CA   sing N N 377 
TYR N   H    sing N N 378 
TYR N   H2   sing N N 379 
TYR CA  C    sing N N 380 
TYR CA  CB   sing N N 381 
TYR CA  HA   sing N N 382 
TYR C   O    doub N N 383 
TYR C   OXT  sing N N 384 
TYR CB  CG   sing N N 385 
TYR CB  HB2  sing N N 386 
TYR CB  HB3  sing N N 387 
TYR CG  CD1  doub Y N 388 
TYR CG  CD2  sing Y N 389 
TYR CD1 CE1  sing Y N 390 
TYR CD1 HD1  sing N N 391 
TYR CD2 CE2  doub Y N 392 
TYR CD2 HD2  sing N N 393 
TYR CE1 CZ   doub Y N 394 
TYR CE1 HE1  sing N N 395 
TYR CE2 CZ   sing Y N 396 
TYR CE2 HE2  sing N N 397 
TYR CZ  OH   sing N N 398 
TYR OH  HH   sing N N 399 
TYR OXT HXT  sing N N 400 
VAL N   CA   sing N N 401 
VAL N   H    sing N N 402 
VAL N   H2   sing N N 403 
VAL CA  C    sing N N 404 
VAL CA  CB   sing N N 405 
VAL CA  HA   sing N N 406 
VAL C   O    doub N N 407 
VAL C   OXT  sing N N 408 
VAL CB  CG1  sing N N 409 
VAL CB  CG2  sing N N 410 
VAL CB  HB   sing N N 411 
VAL CG1 HG11 sing N N 412 
VAL CG1 HG12 sing N N 413 
VAL CG1 HG13 sing N N 414 
VAL CG2 HG21 sing N N 415 
VAL CG2 HG22 sing N N 416 
VAL CG2 HG23 sing N N 417 
VAL OXT HXT  sing N N 418 
# 
_atom_sites.entry_id                    1MEG 
_atom_sites.fract_transf_matrix[1][1]   0.01705575 
_atom_sites.fract_transf_matrix[1][2]   -0.01053902 
_atom_sites.fract_transf_matrix[1][3]   -0.00170903 
_atom_sites.fract_transf_matrix[2][1]   0.00183645 
_atom_sites.fract_transf_matrix[2][2]   0.00050910 
_atom_sites.fract_transf_matrix[2][3]   0.01518791 
_atom_sites.fract_transf_matrix[3][1]   -0.00281634 
_atom_sites.fract_transf_matrix[3][2]   -0.01644578 
_atom_sites.fract_transf_matrix[3][3]   0.00089180 
_atom_sites.fract_transf_vector[1]      0.439663 
_atom_sites.fract_transf_vector[2]      0.023341 
_atom_sites.fract_transf_vector[3]      0.226667 
# 
loop_
_atom_type.symbol 
C 
N 
O 
S 
# 
loop_
_atom_site.group_PDB 
_atom_site.id 
_atom_site.type_symbol 
_atom_site.label_atom_id 
_atom_site.label_alt_id 
_atom_site.label_comp_id 
_atom_site.label_asym_id 
_atom_site.label_entity_id 
_atom_site.label_seq_id 
_atom_site.pdbx_PDB_ins_code 
_atom_site.Cartn_x 
_atom_site.Cartn_y 
_atom_site.Cartn_z 
_atom_site.occupancy 
_atom_site.B_iso_or_equiv 
_atom_site.pdbx_formal_charge 
_atom_site.auth_seq_id 
_atom_site.auth_comp_id 
_atom_site.auth_asym_id 
_atom_site.auth_atom_id 
_atom_site.pdbx_PDB_model_num 
ATOM   1    N N   . LEU A 1 1   ? -3.182  15.166  -16.945 1.00 17.89 ? 1   LEU A N   1 
ATOM   2    C CA  . LEU A 1 1   ? -3.568  13.978  -16.109 1.00 18.23 ? 1   LEU A CA  1 
ATOM   3    C C   . LEU A 1 1   ? -4.761  13.207  -16.687 1.00 17.33 ? 1   LEU A C   1 
ATOM   4    O O   . LEU A 1 1   ? -5.715  13.806  -17.212 1.00 16.77 ? 1   LEU A O   1 
ATOM   5    C CB  . LEU A 1 1   ? -3.848  14.369  -14.636 1.00 17.60 ? 1   LEU A CB  1 
ATOM   6    C CG  . LEU A 1 1   ? -2.699  14.585  -13.633 1.00 19.04 ? 1   LEU A CG  1 
ATOM   7    C CD1 . LEU A 1 1   ? -3.212  14.262  -12.248 1.00 18.66 ? 1   LEU A CD1 1 
ATOM   8    C CD2 . LEU A 1 1   ? -1.487  13.700  -13.946 1.00 19.47 ? 1   LEU A CD2 1 
ATOM   9    N N   . PRO A 1 2   ? -4.680  11.860  -16.669 1.00 16.85 ? 2   PRO A N   1 
ATOM   10   C CA  . PRO A 1 2   ? -5.744  10.985  -17.182 1.00 16.73 ? 2   PRO A CA  1 
ATOM   11   C C   . PRO A 1 2   ? -6.971  11.041  -16.264 1.00 14.14 ? 2   PRO A C   1 
ATOM   12   O O   . PRO A 1 2   ? -6.845  11.307  -15.063 1.00 15.27 ? 2   PRO A O   1 
ATOM   13   C CB  . PRO A 1 2   ? -5.098  9.588   -17.164 1.00 15.63 ? 2   PRO A CB  1 
ATOM   14   C CG  . PRO A 1 2   ? -3.575  9.872   -17.117 1.00 16.15 ? 2   PRO A CG  1 
ATOM   15   C CD  . PRO A 1 2   ? -3.516  11.072  -16.213 1.00 16.89 ? 2   PRO A CD  1 
ATOM   16   N N   . GLU A 1 3   ? -8.148  10.822  -16.839 1.00 14.08 ? 3   GLU A N   1 
ATOM   17   C CA  . GLU A 1 3   ? -9.396  10.825  -16.081 1.00 13.35 ? 3   GLU A CA  1 
ATOM   18   C C   . GLU A 1 3   ? -9.441  9.627   -15.133 1.00 12.58 ? 3   GLU A C   1 
ATOM   19   O O   . GLU A 1 3   ? -9.994  9.703   -14.035 1.00 10.45 ? 3   GLU A O   1 
ATOM   20   C CB  . GLU A 1 3   ? -10.591 10.715  -17.029 1.00 17.16 ? 3   GLU A CB  1 
ATOM   21   C CG  . GLU A 1 3   ? -11.211 12.027  -17.493 1.00 27.40 ? 3   GLU A CG  1 
ATOM   22   C CD  . GLU A 1 3   ? -12.751 11.951  -17.620 1.00 28.82 ? 3   GLU A CD  1 
ATOM   23   O OE1 . GLU A 1 3   ? -13.453 12.164  -16.595 1.00 30.68 ? 3   GLU A OE1 1 
ATOM   24   O OE2 . GLU A 1 3   ? -13.257 11.667  -18.731 1.00 32.70 ? 3   GLU A OE2 1 
ATOM   25   N N   . ASN A 1 4   ? -8.913  8.498   -15.595 1.00 11.77 ? 4   ASN A N   1 
ATOM   26   C CA  . ASN A 1 4   ? -8.917  7.257   -14.819 1.00 12.48 ? 4   ASN A CA  1 
ATOM   27   C C   . ASN A 1 4   ? -7.582  6.552   -14.960 1.00 11.86 ? 4   ASN A C   1 
ATOM   28   O O   . ASN A 1 4   ? -6.983  6.553   -16.038 1.00 11.71 ? 4   ASN A O   1 
ATOM   29   C CB  . ASN A 1 4   ? -10.027 6.310   -15.316 1.00 15.10 ? 4   ASN A CB  1 
ATOM   30   C CG  . ASN A 1 4   ? -11.395 7.001   -15.458 1.00 21.16 ? 4   ASN A CG  1 
ATOM   31   O OD1 . ASN A 1 4   ? -11.710 7.585   -16.498 1.00 22.76 ? 4   ASN A OD1 1 
ATOM   32   N ND2 . ASN A 1 4   ? -12.206 6.935   -14.399 1.00 17.97 ? 4   ASN A ND2 1 
ATOM   33   N N   . VAL A 1 5   ? -7.146  5.919   -13.877 1.00 8.46  ? 5   VAL A N   1 
ATOM   34   C CA  . VAL A 1 5   ? -5.885  5.187   -13.832 1.00 8.01  ? 5   VAL A CA  1 
ATOM   35   C C   . VAL A 1 5   ? -6.134  3.896   -13.059 1.00 7.83  ? 5   VAL A C   1 
ATOM   36   O O   . VAL A 1 5   ? -6.888  3.893   -12.086 1.00 8.58  ? 5   VAL A O   1 
ATOM   37   C CB  . VAL A 1 5   ? -4.746  6.032   -13.115 1.00 9.93  ? 5   VAL A CB  1 
ATOM   38   C CG1 . VAL A 1 5   ? -3.524  5.145   -12.756 1.00 6.94  ? 5   VAL A CG1 1 
ATOM   39   C CG2 . VAL A 1 5   ? -4.288  7.203   -14.013 1.00 3.89  ? 5   VAL A CG2 1 
ATOM   40   N N   . ASP A 1 6   ? -5.526  2.801   -13.503 1.00 8.56  ? 6   ASP A N   1 
ATOM   41   C CA  . ASP A 1 6   ? -5.662  1.513   -12.833 1.00 10.11 ? 6   ASP A CA  1 
ATOM   42   C C   . ASP A 1 6   ? -4.466  0.657   -13.173 1.00 10.43 ? 6   ASP A C   1 
ATOM   43   O O   . ASP A 1 6   ? -4.404  0.030   -14.230 1.00 10.32 ? 6   ASP A O   1 
ATOM   44   C CB  . ASP A 1 6   ? -6.952  0.779   -13.219 1.00 8.73  ? 6   ASP A CB  1 
ATOM   45   C CG  . ASP A 1 6   ? -7.157  -0.507  -12.425 1.00 8.83  ? 6   ASP A CG  1 
ATOM   46   O OD1 . ASP A 1 6   ? -6.275  -0.882  -11.620 1.00 11.50 ? 6   ASP A OD1 1 
ATOM   47   O OD2 . ASP A 1 6   ? -8.211  -1.148  -12.583 1.00 14.46 ? 6   ASP A OD2 1 
ATOM   48   N N   . TRP A 1 7   ? -3.535  0.606   -12.230 1.00 8.48  ? 7   TRP A N   1 
ATOM   49   C CA  . TRP A 1 7   ? -2.307  -0.149  -12.385 1.00 8.73  ? 7   TRP A CA  1 
ATOM   50   C C   . TRP A 1 7   ? -2.485  -1.646  -12.536 1.00 11.01 ? 7   TRP A C   1 
ATOM   51   O O   . TRP A 1 7   ? -1.579  -2.344  -13.004 1.00 7.94  ? 7   TRP A O   1 
ATOM   52   C CB  . TRP A 1 7   ? -1.361  0.194   -11.245 1.00 9.32  ? 7   TRP A CB  1 
ATOM   53   C CG  . TRP A 1 7   ? -0.796  1.563   -11.425 1.00 8.68  ? 7   TRP A CG  1 
ATOM   54   C CD1 . TRP A 1 7   ? -1.133  2.704   -10.740 1.00 6.90  ? 7   TRP A CD1 1 
ATOM   55   C CD2 . TRP A 1 7   ? 0.158   1.961   -12.420 1.00 8.45  ? 7   TRP A CD2 1 
ATOM   56   N NE1 . TRP A 1 7   ? -0.457  3.782   -11.264 1.00 9.30  ? 7   TRP A NE1 1 
ATOM   57   C CE2 . TRP A 1 7   ? 0.343   3.356   -12.292 1.00 10.21 ? 7   TRP A CE2 1 
ATOM   58   C CE3 . TRP A 1 7   ? 0.871   1.264   -13.413 1.00 9.05  ? 7   TRP A CE3 1 
ATOM   59   C CZ2 . TRP A 1 7   ? 1.217   4.084   -13.127 1.00 7.93  ? 7   TRP A CZ2 1 
ATOM   60   C CZ3 . TRP A 1 7   ? 1.743   1.988   -14.243 1.00 11.24 ? 7   TRP A CZ3 1 
ATOM   61   C CH2 . TRP A 1 7   ? 1.906   3.381   -14.093 1.00 11.94 ? 7   TRP A CH2 1 
ATOM   62   N N   . ARG A 1 8   ? -3.649  -2.149  -12.148 1.00 11.55 ? 8   ARG A N   1 
ATOM   63   C CA  . ARG A 1 8   ? -3.926  -3.573  -12.290 1.00 11.51 ? 8   ARG A CA  1 
ATOM   64   C C   . ARG A 1 8   ? -3.948  -3.939  -13.761 1.00 10.58 ? 8   ARG A C   1 
ATOM   65   O O   . ARG A 1 8   ? -3.397  -4.958  -14.168 1.00 12.05 ? 8   ARG A O   1 
ATOM   66   C CB  . ARG A 1 8   ? -5.263  -3.937  -11.660 1.00 8.53  ? 8   ARG A CB  1 
ATOM   67   C CG  . ARG A 1 8   ? -5.288  -3.702  -10.180 1.00 9.39  ? 8   ARG A CG  1 
ATOM   68   C CD  . ARG A 1 8   ? -6.624  -4.063  -9.601  1.00 10.55 ? 8   ARG A CD  1 
ATOM   69   N NE  . ARG A 1 8   ? -7.711  -3.414  -10.325 1.00 10.28 ? 8   ARG A NE  1 
ATOM   70   C CZ  . ARG A 1 8   ? -8.992  -3.516  -9.995  1.00 10.96 ? 8   ARG A CZ  1 
ATOM   71   N NH1 . ARG A 1 8   ? -9.351  -4.239  -8.942  1.00 9.70  ? 8   ARG A NH1 1 
ATOM   72   N NH2 . ARG A 1 8   ? -9.914  -2.957  -10.765 1.00 9.40  ? 8   ARG A NH2 1 
ATOM   73   N N   . LYS A 1 9   ? -4.537  -3.071  -14.571 1.00 11.73 ? 9   LYS A N   1 
ATOM   74   C CA  . LYS A 1 9   ? -4.639  -3.340  -15.996 1.00 14.64 ? 9   LYS A CA  1 
ATOM   75   C C   . LYS A 1 9   ? -3.313  -3.318  -16.728 1.00 15.48 ? 9   LYS A C   1 
ATOM   76   O O   . LYS A 1 9   ? -3.205  -3.851  -17.834 1.00 16.64 ? 9   LYS A O   1 
ATOM   77   C CB  . LYS A 1 9   ? -5.609  -2.368  -16.645 1.00 16.71 ? 9   LYS A CB  1 
ATOM   78   C CG  . LYS A 1 9   ? -7.015  -2.473  -16.085 1.00 21.71 ? 9   LYS A CG  1 
ATOM   79   C CD  . LYS A 1 9   ? -7.927  -1.438  -16.735 1.00 27.28 ? 9   LYS A CD  1 
ATOM   80   C CE  . LYS A 1 9   ? -9.239  -1.206  -15.958 1.00 30.50 ? 9   LYS A CE  1 
ATOM   81   N NZ  . LYS A 1 9   ? -9.665  0.257   -16.018 1.00 33.45 ? 9   LYS A NZ  1 
ATOM   82   N N   . LYS A 1 10  ? -2.310  -2.721  -16.095 1.00 16.14 ? 10  LYS A N   1 
ATOM   83   C CA  . LYS A 1 10  ? -0.977  -2.611  -16.666 1.00 13.82 ? 10  LYS A CA  1 
ATOM   84   C C   . LYS A 1 10  ? -0.027  -3.658  -16.059 1.00 11.07 ? 10  LYS A C   1 
ATOM   85   O O   . LYS A 1 10  ? 1.190   -3.517  -16.121 1.00 11.90 ? 10  LYS A O   1 
ATOM   86   C CB  . LYS A 1 10  ? -0.448  -1.189  -16.470 1.00 15.50 ? 10  LYS A CB  1 
ATOM   87   C CG  . LYS A 1 10  ? -1.525  -0.093  -16.569 1.00 18.53 ? 10  LYS A CG  1 
ATOM   88   C CD  . LYS A 1 10  ? -0.896  1.287   -16.379 1.00 25.57 ? 10  LYS A CD  1 
ATOM   89   C CE  . LYS A 1 10  ? -1.824  2.322   -15.732 1.00 26.76 ? 10  LYS A CE  1 
ATOM   90   N NZ  . LYS A 1 10  ? -1.299  3.732   -15.811 1.00 28.02 ? 10  LYS A NZ  1 
ATOM   91   N N   . GLY A 1 11  ? -0.604  -4.695  -15.456 1.00 9.49  ? 11  GLY A N   1 
ATOM   92   C CA  . GLY A 1 11  ? 0.171   -5.781  -14.873 1.00 8.32  ? 11  GLY A CA  1 
ATOM   93   C C   . GLY A 1 11  ? 1.155   -5.428  -13.778 1.00 6.85  ? 11  GLY A C   1 
ATOM   94   O O   . GLY A 1 11  ? 2.136   -6.144  -13.560 1.00 5.07  ? 11  GLY A O   1 
ATOM   95   N N   . ALA A 1 12  ? 0.860   -4.368  -13.035 1.00 7.73  ? 12  ALA A N   1 
ATOM   96   C CA  . ALA A 1 12  ? 1.741   -3.887  -11.980 1.00 8.61  ? 12  ALA A CA  1 
ATOM   97   C C   . ALA A 1 12  ? 1.252   -4.215  -10.573 1.00 6.15  ? 12  ALA A C   1 
ATOM   98   O O   . ALA A 1 12  ? 1.775   -3.682  -9.596  1.00 6.26  ? 12  ALA A O   1 
ATOM   99   C CB  . ALA A 1 12  ? 1.945   -2.357  -12.136 1.00 7.66  ? 12  ALA A CB  1 
ATOM   100  N N   . VAL A 1 13  ? 0.232   -5.066  -10.463 1.00 7.23  ? 13  VAL A N   1 
ATOM   101  C CA  . VAL A 1 13  ? -0.317  -5.433  -9.153  1.00 6.75  ? 13  VAL A CA  1 
ATOM   102  C C   . VAL A 1 13  ? -0.423  -6.939  -8.971  1.00 5.26  ? 13  VAL A C   1 
ATOM   103  O O   . VAL A 1 13  ? -0.965  -7.639  -9.823  1.00 5.79  ? 13  VAL A O   1 
ATOM   104  C CB  . VAL A 1 13  ? -1.727  -4.789  -8.904  1.00 6.74  ? 13  VAL A CB  1 
ATOM   105  C CG1 . VAL A 1 13  ? -2.202  -5.035  -7.451  1.00 4.85  ? 13  VAL A CG1 1 
ATOM   106  C CG2 . VAL A 1 13  ? -1.674  -3.296  -9.186  1.00 8.66  ? 13  VAL A CG2 1 
ATOM   107  N N   . THR A 1 14  ? 0.153   -7.435  -7.881  1.00 4.49  ? 14  THR A N   1 
ATOM   108  C CA  . THR A 1 14  ? 0.120   -8.852  -7.570  1.00 3.46  ? 14  THR A CA  1 
ATOM   109  C C   . THR A 1 14  ? -1.242  -9.103  -6.928  1.00 5.38  ? 14  THR A C   1 
ATOM   110  O O   . THR A 1 14  ? -1.949  -8.145  -6.590  1.00 3.39  ? 14  THR A O   1 
ATOM   111  C CB  . THR A 1 14  ? 1.238   -9.221  -6.580  1.00 3.91  ? 14  THR A CB  1 
ATOM   112  O OG1 . THR A 1 14  ? 1.134   -8.396  -5.416  1.00 4.95  ? 14  THR A OG1 1 
ATOM   113  C CG2 . THR A 1 14  ? 2.622   -9.032  -7.211  1.00 5.79  ? 14  THR A CG2 1 
ATOM   114  N N   . PRO A 1 15  ? -1.669  -10.384 -6.817  1.00 6.76  ? 15  PRO A N   1 
ATOM   115  C CA  . PRO A 1 15  ? -2.954  -10.746 -6.214  1.00 6.06  ? 15  PRO A CA  1 
ATOM   116  C C   . PRO A 1 15  ? -3.027  -10.299 -4.751  1.00 6.84  ? 15  PRO A C   1 
ATOM   117  O O   . PRO A 1 15  ? -1.983  -10.162 -4.085  1.00 5.35  ? 15  PRO A O   1 
ATOM   118  C CB  . PRO A 1 15  ? -2.965  -12.279 -6.322  1.00 9.37  ? 15  PRO A CB  1 
ATOM   119  C CG  . PRO A 1 15  ? -2.178  -12.544 -7.570  1.00 6.78  ? 15  PRO A CG  1 
ATOM   120  C CD  . PRO A 1 15  ? -1.017  -11.570 -7.408  1.00 8.06  ? 15  PRO A CD  1 
ATOM   121  N N   . VAL A 1 16  ? -4.254  -10.102 -4.265  1.00 5.49  ? 16  VAL A N   1 
ATOM   122  C CA  . VAL A 1 16  ? -4.536  -9.666  -2.888  1.00 4.87  ? 16  VAL A CA  1 
ATOM   123  C C   . VAL A 1 16  ? -4.058  -10.696 -1.851  1.00 5.18  ? 16  VAL A C   1 
ATOM   124  O O   . VAL A 1 16  ? -4.147  -11.903 -2.082  1.00 4.96  ? 16  VAL A O   1 
ATOM   125  C CB  . VAL A 1 16  ? -6.059  -9.331  -2.725  1.00 6.15  ? 16  VAL A CB  1 
ATOM   126  C CG1 . VAL A 1 16  ? -6.416  -9.024  -1.275  1.00 6.23  ? 16  VAL A CG1 1 
ATOM   127  C CG2 . VAL A 1 16  ? -6.420  -8.139  -3.617  1.00 5.86  ? 16  VAL A CG2 1 
ATOM   128  N N   . ARG A 1 17  ? -3.542  -10.224 -0.714  1.00 4.89  ? 17  ARG A N   1 
ATOM   129  C CA  . ARG A 1 17  ? -3.003  -11.108 0.331   1.00 7.03  ? 17  ARG A CA  1 
ATOM   130  C C   . ARG A 1 17  ? -3.732  -10.938 1.661   1.00 6.68  ? 17  ARG A C   1 
ATOM   131  O O   . ARG A 1 17  ? -4.600  -10.076 1.767   1.00 4.23  ? 17  ARG A O   1 
ATOM   132  C CB  . ARG A 1 17  ? -1.501  -10.827 0.513   1.00 9.03  ? 17  ARG A CB  1 
ATOM   133  C CG  . ARG A 1 17  ? -0.704  -10.926 -0.799  1.00 12.41 ? 17  ARG A CG  1 
ATOM   134  C CD  . ARG A 1 17  ? 0.764   -10.490 -0.698  1.00 9.20  ? 17  ARG A CD  1 
ATOM   135  N NE  . ARG A 1 17  ? 1.413   -10.680 -2.000  1.00 9.09  ? 17  ARG A NE  1 
ATOM   136  C CZ  . ARG A 1 17  ? 2.612   -10.221 -2.361  1.00 10.39 ? 17  ARG A CZ  1 
ATOM   137  N NH1 . ARG A 1 17  ? 3.372   -9.519  -1.522  1.00 6.48  ? 17  ARG A NH1 1 
ATOM   138  N NH2 . ARG A 1 17  ? 3.040   -10.439 -3.600  1.00 8.78  ? 17  ARG A NH2 1 
ATOM   139  N N   . HIS A 1 18  ? -3.420  -11.787 2.644   1.00 7.33  ? 18  HIS A N   1 
ATOM   140  C CA  . HIS A 1 18  ? -4.040  -11.693 3.973   1.00 9.40  ? 18  HIS A CA  1 
ATOM   141  C C   . HIS A 1 18  ? -3.022  -11.521 5.093   1.00 10.05 ? 18  HIS A C   1 
ATOM   142  O O   . HIS A 1 18  ? -2.293  -12.449 5.430   1.00 12.22 ? 18  HIS A O   1 
ATOM   143  C CB  . HIS A 1 18  ? -4.946  -12.892 4.304   1.00 11.83 ? 18  HIS A CB  1 
ATOM   144  C CG  . HIS A 1 18  ? -6.081  -12.544 5.218   1.00 16.21 ? 18  HIS A CG  1 
ATOM   145  N ND1 . HIS A 1 18  ? -5.936  -11.721 6.313   1.00 15.63 ? 18  HIS A ND1 1 
ATOM   146  C CD2 . HIS A 1 18  ? -7.399  -12.856 5.165   1.00 14.90 ? 18  HIS A CD2 1 
ATOM   147  C CE1 . HIS A 1 18  ? -7.113  -11.536 6.897   1.00 15.57 ? 18  HIS A CE1 1 
ATOM   148  N NE2 . HIS A 1 18  ? -8.017  -12.215 6.218   1.00 16.56 ? 18  HIS A NE2 1 
ATOM   149  N N   . GLN A 1 19  ? -3.068  -10.370 5.745   1.00 7.79  ? 19  GLN A N   1 
ATOM   150  C CA  . GLN A 1 19  ? -2.130  -10.088 6.818   1.00 8.55  ? 19  GLN A CA  1 
ATOM   151  C C   . GLN A 1 19  ? -2.399  -10.893 8.071   1.00 8.06  ? 19  GLN A C   1 
ATOM   152  O O   . GLN A 1 19  ? -1.511  -11.065 8.903   1.00 7.43  ? 19  GLN A O   1 
ATOM   153  C CB  . GLN A 1 19  ? -2.097  -8.600  7.146   1.00 5.64  ? 19  GLN A CB  1 
ATOM   154  C CG  . GLN A 1 19  ? -3.381  -8.045  7.650   1.00 5.13  ? 19  GLN A CG  1 
ATOM   155  C CD  . GLN A 1 19  ? -3.197  -6.625  8.071   1.00 6.50  ? 19  GLN A CD  1 
ATOM   156  O OE1 . GLN A 1 19  ? -3.445  -5.689  7.300   1.00 5.84  ? 19  GLN A OE1 1 
ATOM   157  N NE2 . GLN A 1 19  ? -2.678  -6.443  9.278   1.00 5.61  ? 19  GLN A NE2 1 
ATOM   158  N N   . GLY A 1 20  ? -3.621  -11.393 8.211   1.00 8.68  ? 20  GLY A N   1 
ATOM   159  C CA  . GLY A 1 20  ? -3.953  -12.167 9.391   1.00 7.55  ? 20  GLY A CA  1 
ATOM   160  C C   . GLY A 1 20  ? -3.946  -11.270 10.612  1.00 9.69  ? 20  GLY A C   1 
ATOM   161  O O   . GLY A 1 20  ? -4.038  -10.045 10.489  1.00 9.55  ? 20  GLY A O   1 
ATOM   162  N N   . SER A 1 21  ? -3.810  -11.874 11.786  1.00 10.45 ? 21  SER A N   1 
ATOM   163  C CA  . SER A 1 21  ? -3.804  -11.136 13.046  1.00 13.77 ? 21  SER A CA  1 
ATOM   164  C C   . SER A 1 21  ? -2.401  -10.714 13.470  1.00 14.52 ? 21  SER A C   1 
ATOM   165  O O   . SER A 1 21  ? -1.886  -11.188 14.479  1.00 21.09 ? 21  SER A O   1 
ATOM   166  C CB  . SER A 1 21  ? -4.438  -11.985 14.155  1.00 14.85 ? 21  SER A CB  1 
ATOM   167  O OG  . SER A 1 21  ? -3.749  -13.215 14.303  1.00 18.89 ? 21  SER A OG  1 
ATOM   168  N N   . CYS A 1 22  ? -1.758  -9.900  12.649  1.00 13.71 ? 22  CYS A N   1 
ATOM   169  C CA  . CYS A 1 22  ? -0.427  -9.374  12.929  1.00 9.43  ? 22  CYS A CA  1 
ATOM   170  C C   . CYS A 1 22  ? -0.589  -7.940  12.445  1.00 7.13  ? 22  CYS A C   1 
ATOM   171  O O   . CYS A 1 22  ? -1.183  -7.715  11.388  1.00 10.39 ? 22  CYS A O   1 
ATOM   172  C CB  . CYS A 1 22  ? 0.634   -10.147 12.111  1.00 10.67 ? 22  CYS A CB  1 
ATOM   173  S SG  . CYS A 1 22  ? 2.312   -9.424  11.965  1.00 10.13 ? 22  CYS A SG  1 
ATOM   174  N N   . GLY A 1 23  ? -0.226  -6.969  13.273  1.00 5.74  ? 23  GLY A N   1 
ATOM   175  C CA  . GLY A 1 23  ? -0.346  -5.582  12.851  1.00 7.17  ? 23  GLY A CA  1 
ATOM   176  C C   . GLY A 1 23  ? 0.723   -5.224  11.832  1.00 7.55  ? 23  GLY A C   1 
ATOM   177  O O   . GLY A 1 23  ? 1.454   -4.254  12.022  1.00 10.89 ? 23  GLY A O   1 
ATOM   178  N N   . SER A 1 24  ? 0.775   -5.965  10.732  1.00 5.67  ? 24  SER A N   1 
ATOM   179  C CA  . SER A 1 24  ? 1.771   -5.775  9.675   1.00 5.67  ? 24  SER A CA  1 
ATOM   180  C C   . SER A 1 24  ? 1.353   -4.947  8.439   1.00 6.15  ? 24  SER A C   1 
ATOM   181  O O   . SER A 1 24  ? 2.097   -4.890  7.452   1.00 5.41  ? 24  SER A O   1 
ATOM   182  C CB  . SER A 1 24  ? 2.249   -7.153  9.232   1.00 6.68  ? 24  SER A CB  1 
ATOM   183  O OG  . SER A 1 24  ? 1.152   -7.911  8.742   1.00 7.87  ? 24  SER A OG  1 
ATOM   184  N N   . CYS A 1 25  ? 0.201   -4.281  8.492   1.00 4.69  ? 25  CYS A N   1 
ATOM   185  C CA  . CYS A 1 25  ? -0.278  -3.473  7.361   1.00 5.19  ? 25  CYS A CA  1 
ATOM   186  C C   . CYS A 1 25  ? 0.798   -2.563  6.754   1.00 3.79  ? 25  CYS A C   1 
ATOM   187  O O   . CYS A 1 25  ? 0.880   -2.430  5.523   1.00 2.71  ? 25  CYS A O   1 
ATOM   188  C CB  . CYS A 1 25  ? -1.502  -2.646  7.763   1.00 5.83  ? 25  CYS A CB  1 
ATOM   189  S SG  . CYS A 1 25  ? -1.215  -1.274  8.943   1.00 4.99  ? 25  CYS A SG  1 
ATOM   190  N N   . TRP A 1 26  ? 1.627   -1.960  7.613   1.00 4.97  ? 26  TRP A N   1 
ATOM   191  C CA  . TRP A 1 26  ? 2.731   -1.075  7.197   1.00 7.59  ? 26  TRP A CA  1 
ATOM   192  C C   . TRP A 1 26  ? 3.688   -1.787  6.223   1.00 6.82  ? 26  TRP A C   1 
ATOM   193  O O   . TRP A 1 26  ? 4.161   -1.177  5.262   1.00 8.12  ? 26  TRP A O   1 
ATOM   194  C CB  . TRP A 1 26  ? 3.532   -0.548  8.420   1.00 7.20  ? 26  TRP A CB  1 
ATOM   195  C CG  . TRP A 1 26  ? 4.219   -1.642  9.280   1.00 5.18  ? 26  TRP A CG  1 
ATOM   196  C CD1 . TRP A 1 26  ? 3.623   -2.426  10.228  1.00 4.33  ? 26  TRP A CD1 1 
ATOM   197  C CD2 . TRP A 1 26  ? 5.609   -2.060  9.228   1.00 5.76  ? 26  TRP A CD2 1 
ATOM   198  N NE1 . TRP A 1 26  ? 4.540   -3.310  10.760  1.00 5.70  ? 26  TRP A NE1 1 
ATOM   199  C CE2 . TRP A 1 26  ? 5.763   -3.115  10.175  1.00 3.63  ? 26  TRP A CE2 1 
ATOM   200  C CE3 . TRP A 1 26  ? 6.735   -1.661  8.489   1.00 3.17  ? 26  TRP A CE3 1 
ATOM   201  C CZ2 . TRP A 1 26  ? 6.997   -3.765  10.389  1.00 5.77  ? 26  TRP A CZ2 1 
ATOM   202  C CZ3 . TRP A 1 26  ? 7.965   -2.307  8.706   1.00 4.15  ? 26  TRP A CZ3 1 
ATOM   203  C CH2 . TRP A 1 26  ? 8.080   -3.348  9.648   1.00 5.16  ? 26  TRP A CH2 1 
ATOM   204  N N   . ALA A 1 27  ? 3.983   -3.061  6.479   1.00 6.82  ? 27  ALA A N   1 
ATOM   205  C CA  . ALA A 1 27  ? 4.870   -3.838  5.606   1.00 5.19  ? 27  ALA A CA  1 
ATOM   206  C C   . ALA A 1 27  ? 4.150   -4.212  4.302   1.00 4.93  ? 27  ALA A C   1 
ATOM   207  O O   . ALA A 1 27  ? 4.754   -4.225  3.224   1.00 6.04  ? 27  ALA A O   1 
ATOM   208  C CB  . ALA A 1 27  ? 5.383   -5.108  6.340   1.00 3.27  ? 27  ALA A CB  1 
ATOM   209  N N   . PHE A 1 28  ? 2.849   -4.504  4.391   1.00 4.66  ? 28  PHE A N   1 
ATOM   210  C CA  . PHE A 1 28  ? 2.047   -4.864  3.214   1.00 5.92  ? 28  PHE A CA  1 
ATOM   211  C C   . PHE A 1 28  ? 1.932   -3.710  2.220   1.00 5.64  ? 28  PHE A C   1 
ATOM   212  O O   . PHE A 1 28  ? 2.079   -3.883  1.007   1.00 5.05  ? 28  PHE A O   1 
ATOM   213  C CB  . PHE A 1 28  ? 0.653   -5.379  3.633   1.00 6.27  ? 28  PHE A CB  1 
ATOM   214  C CG  . PHE A 1 28  ? 0.640   -6.840  4.011   1.00 3.84  ? 28  PHE A CG  1 
ATOM   215  C CD1 . PHE A 1 28  ? 1.044   -7.242  5.281   1.00 2.93  ? 28  PHE A CD1 1 
ATOM   216  C CD2 . PHE A 1 28  ? 0.321   -7.826  3.066   1.00 6.19  ? 28  PHE A CD2 1 
ATOM   217  C CE1 . PHE A 1 28  ? 1.153   -8.599  5.603   1.00 7.52  ? 28  PHE A CE1 1 
ATOM   218  C CE2 . PHE A 1 28  ? 0.427   -9.205  3.378   1.00 6.61  ? 28  PHE A CE2 1 
ATOM   219  C CZ  . PHE A 1 28  ? 0.846   -9.585  4.647   1.00 5.23  ? 28  PHE A CZ  1 
ATOM   220  N N   . SER A 1 29  ? 1.640   -2.533  2.751   1.00 6.27  ? 29  SER A N   1 
ATOM   221  C CA  . SER A 1 29  ? 1.529   -1.322  1.951   1.00 6.72  ? 29  SER A CA  1 
ATOM   222  C C   . SER A 1 29  ? 2.860   -1.062  1.228   1.00 5.85  ? 29  SER A C   1 
ATOM   223  O O   . SER A 1 29  ? 2.872   -0.878  0.004   1.00 6.32  ? 29  SER A O   1 
ATOM   224  C CB  . SER A 1 29  ? 1.190   -0.160  2.880   1.00 4.38  ? 29  SER A CB  1 
ATOM   225  O OG  . SER A 1 29  ? 0.873   0.995   2.137   1.00 11.10 ? 29  SER A OG  1 
ATOM   226  N N   . ALA A 1 30  ? 3.972   -1.062  1.974   1.00 4.52  ? 30  ALA A N   1 
ATOM   227  C CA  . ALA A 1 30  ? 5.336   -0.835  1.451   1.00 2.95  ? 30  ALA A CA  1 
ATOM   228  C C   . ALA A 1 30  ? 5.728   -1.793  0.316   1.00 4.67  ? 30  ALA A C   1 
ATOM   229  O O   . ALA A 1 30  ? 6.245   -1.361  -0.724  1.00 3.19  ? 30  ALA A O   1 
ATOM   230  C CB  . ALA A 1 30  ? 6.359   -0.929  2.590   1.00 2.01  ? 30  ALA A CB  1 
ATOM   231  N N   . VAL A 1 31  ? 5.456   -3.086  0.509   1.00 3.93  ? 31  VAL A N   1 
ATOM   232  C CA  . VAL A 1 31  ? 5.755   -4.119  -0.488  1.00 2.90  ? 31  VAL A CA  1 
ATOM   233  C C   . VAL A 1 31  ? 4.952   -3.929  -1.776  1.00 3.23  ? 31  VAL A C   1 
ATOM   234  O O   . VAL A 1 31  ? 5.509   -4.017  -2.878  1.00 3.39  ? 31  VAL A O   1 
ATOM   235  C CB  . VAL A 1 31  ? 5.553   -5.550  0.098   1.00 3.80  ? 31  VAL A CB  1 
ATOM   236  C CG1 . VAL A 1 31  ? 5.374   -6.578  -1.012  1.00 3.90  ? 31  VAL A CG1 1 
ATOM   237  C CG2 . VAL A 1 31  ? 6.768   -5.929  0.943   1.00 2.01  ? 31  VAL A CG2 1 
ATOM   238  N N   . ALA A 1 32  ? 3.667   -3.616  -1.655  1.00 3.05  ? 32  ALA A N   1 
ATOM   239  C CA  . ALA A 1 32  ? 2.858   -3.420  -2.855  1.00 3.81  ? 32  ALA A CA  1 
ATOM   240  C C   . ALA A 1 32  ? 3.402   -2.282  -3.739  1.00 2.01  ? 32  ALA A C   1 
ATOM   241  O O   . ALA A 1 32  ? 3.471   -2.437  -4.959  1.00 3.51  ? 32  ALA A O   1 
ATOM   242  C CB  . ALA A 1 32  ? 1.388   -3.202  -2.488  1.00 2.01  ? 32  ALA A CB  1 
ATOM   243  N N   . THR A 1 33  ? 3.878   -1.186  -3.144  1.00 3.68  ? 33  THR A N   1 
ATOM   244  C CA  . THR A 1 33  ? 4.428   -0.049  -3.912  1.00 3.84  ? 33  THR A CA  1 
ATOM   245  C C   . THR A 1 33  ? 5.743   -0.420  -4.611  1.00 2.39  ? 33  THR A C   1 
ATOM   246  O O   . THR A 1 33  ? 5.992   0.004   -5.734  1.00 2.01  ? 33  THR A O   1 
ATOM   247  C CB  . THR A 1 33  ? 4.628   1.239   -3.031  1.00 2.21  ? 33  THR A CB  1 
ATOM   248  O OG1 . THR A 1 33  ? 5.573   0.986   -1.981  1.00 2.06  ? 33  THR A OG1 1 
ATOM   249  C CG2 . THR A 1 33  ? 3.296   1.696   -2.421  1.00 2.04  ? 33  THR A CG2 1 
ATOM   250  N N   . VAL A 1 34  ? 6.573   -1.241  -3.968  1.00 3.40  ? 34  VAL A N   1 
ATOM   251  C CA  . VAL A 1 34  ? 7.835   -1.656  -4.580  1.00 4.55  ? 34  VAL A CA  1 
ATOM   252  C C   . VAL A 1 34  ? 7.596   -2.662  -5.729  1.00 6.74  ? 34  VAL A C   1 
ATOM   253  O O   . VAL A 1 34  ? 8.301   -2.621  -6.748  1.00 6.65  ? 34  VAL A O   1 
ATOM   254  C CB  . VAL A 1 34  ? 8.896   -2.182  -3.528  1.00 7.07  ? 34  VAL A CB  1 
ATOM   255  C CG1 . VAL A 1 34  ? 8.984   -1.247  -2.318  1.00 4.80  ? 34  VAL A CG1 1 
ATOM   256  C CG2 . VAL A 1 34  ? 8.574   -3.574  -3.070  1.00 12.93 ? 34  VAL A CG2 1 
ATOM   257  N N   . GLU A 1 35  ? 6.605   -3.547  -5.591  1.00 6.81  ? 35  GLU A N   1 
ATOM   258  C CA  . GLU A 1 35  ? 6.274   -4.505  -6.658  1.00 4.14  ? 35  GLU A CA  1 
ATOM   259  C C   . GLU A 1 35  ? 5.812   -3.738  -7.906  1.00 3.94  ? 35  GLU A C   1 
ATOM   260  O O   . GLU A 1 35  ? 6.175   -4.069  -9.041  1.00 4.85  ? 35  GLU A O   1 
ATOM   261  C CB  . GLU A 1 35  ? 5.175   -5.462  -6.181  1.00 2.01  ? 35  GLU A CB  1 
ATOM   262  C CG  . GLU A 1 35  ? 5.628   -6.320  -5.020  1.00 3.43  ? 35  GLU A CG  1 
ATOM   263  C CD  . GLU A 1 35  ? 4.554   -7.227  -4.491  1.00 5.13  ? 35  GLU A CD  1 
ATOM   264  O OE1 . GLU A 1 35  ? 3.360   -6.887  -4.638  1.00 3.85  ? 35  GLU A OE1 1 
ATOM   265  O OE2 . GLU A 1 35  ? 4.897   -8.273  -3.911  1.00 3.13  ? 35  GLU A OE2 1 
ATOM   266  N N   . GLY A 1 36  ? 5.074   -2.656  -7.673  1.00 2.47  ? 36  GLY A N   1 
ATOM   267  C CA  . GLY A 1 36  ? 4.570   -1.832  -8.756  1.00 3.10  ? 36  GLY A CA  1 
ATOM   268  C C   . GLY A 1 36  ? 5.655   -1.075  -9.485  1.00 4.00  ? 36  GLY A C   1 
ATOM   269  O O   . GLY A 1 36  ? 5.692   -1.132  -10.717 1.00 4.43  ? 36  GLY A O   1 
ATOM   270  N N   . ILE A 1 37  ? 6.538   -0.371  -8.768  1.00 4.45  ? 37  ILE A N   1 
ATOM   271  C CA  . ILE A 1 37  ? 7.602   0.380   -9.444  1.00 4.23  ? 37  ILE A CA  1 
ATOM   272  C C   . ILE A 1 37  ? 8.629   -0.525  -10.126 1.00 3.93  ? 37  ILE A C   1 
ATOM   273  O O   . ILE A 1 37  ? 9.187   -0.149  -11.169 1.00 6.77  ? 37  ILE A O   1 
ATOM   274  C CB  . ILE A 1 37  ? 8.284   1.477   -8.550  1.00 4.31  ? 37  ILE A CB  1 
ATOM   275  C CG1 . ILE A 1 37  ? 9.073   2.452   -9.446  1.00 4.31  ? 37  ILE A CG1 1 
ATOM   276  C CG2 . ILE A 1 37  ? 9.189   0.857   -7.469  1.00 2.01  ? 37  ILE A CG2 1 
ATOM   277  C CD1 . ILE A 1 37  ? 8.194   3.394   -10.338 1.00 2.00  ? 37  ILE A CD1 1 
ATOM   278  N N   . ASN A 1 38  ? 8.858   -1.719  -9.578  1.00 4.96  ? 38  ASN A N   1 
ATOM   279  C CA  . ASN A 1 38  ? 9.782   -2.670  -10.186 1.00 2.95  ? 38  ASN A CA  1 
ATOM   280  C C   . ASN A 1 38  ? 9.219   -3.126  -11.516 1.00 4.47  ? 38  ASN A C   1 
ATOM   281  O O   . ASN A 1 38  ? 9.958   -3.274  -12.484 1.00 6.66  ? 38  ASN A O   1 
ATOM   282  C CB  . ASN A 1 38  ? 10.005  -3.901  -9.328  1.00 4.83  ? 38  ASN A CB  1 
ATOM   283  C CG  . ASN A 1 38  ? 11.009  -4.836  -9.960  1.00 10.64 ? 38  ASN A CG  1 
ATOM   284  O OD1 . ASN A 1 38  ? 12.151  -4.446  -10.206 1.00 11.05 ? 38  ASN A OD1 1 
ATOM   285  N ND2 . ASN A 1 38  ? 10.572  -6.043  -10.316 1.00 9.33  ? 38  ASN A ND2 1 
ATOM   286  N N   . LYS A 1 39  ? 7.907   -3.341  -11.574 1.00 6.99  ? 39  LYS A N   1 
ATOM   287  C CA  . LYS A 1 39  ? 7.232   -3.753  -12.806 1.00 6.46  ? 39  LYS A CA  1 
ATOM   288  C C   . LYS A 1 39  ? 7.379   -2.641  -13.842 1.00 7.05  ? 39  LYS A C   1 
ATOM   289  O O   . LYS A 1 39  ? 7.785   -2.881  -14.978 1.00 6.98  ? 39  LYS A O   1 
ATOM   290  C CB  . LYS A 1 39  ? 5.732   -3.999  -12.554 1.00 8.10  ? 39  LYS A CB  1 
ATOM   291  C CG  . LYS A 1 39  ? 4.889   -4.052  -13.831 1.00 8.59  ? 39  LYS A CG  1 
ATOM   292  C CD  . LYS A 1 39  ? 5.197   -5.302  -14.638 1.00 17.06 ? 39  LYS A CD  1 
ATOM   293  C CE  . LYS A 1 39  ? 4.428   -5.356  -15.978 1.00 22.80 ? 39  LYS A CE  1 
ATOM   294  N NZ  . LYS A 1 39  ? 4.396   -6.731  -16.622 1.00 26.25 ? 39  LYS A NZ  1 
ATOM   295  N N   . ILE A 1 40  ? 7.017   -1.430  -13.442 1.00 8.42  ? 40  ILE A N   1 
ATOM   296  C CA  . ILE A 1 40  ? 7.087   -0.248  -14.299 1.00 9.74  ? 40  ILE A CA  1 
ATOM   297  C C   . ILE A 1 40  ? 8.504   -0.024  -14.886 1.00 9.41  ? 40  ILE A C   1 
ATOM   298  O O   . ILE A 1 40  ? 8.646   0.237   -16.083 1.00 8.49  ? 40  ILE A O   1 
ATOM   299  C CB  . ILE A 1 40  ? 6.573   1.017   -13.511 1.00 8.00  ? 40  ILE A CB  1 
ATOM   300  C CG1 . ILE A 1 40  ? 5.097   0.857   -13.112 1.00 6.47  ? 40  ILE A CG1 1 
ATOM   301  C CG2 . ILE A 1 40  ? 6.770   2.285   -14.328 1.00 9.75  ? 40  ILE A CG2 1 
ATOM   302  C CD1 . ILE A 1 40  ? 4.604   1.940   -12.178 1.00 7.96  ? 40  ILE A CD1 1 
ATOM   303  N N   . ARG A 1 41  ? 9.555   -0.165  -14.070 1.00 8.73  ? 41  ARG A N   1 
ATOM   304  C CA  . ARG A 1 41  ? 10.926  0.033   -14.568 1.00 11.11 ? 41  ARG A CA  1 
ATOM   305  C C   . ARG A 1 41  ? 11.507  -1.133  -15.358 1.00 13.26 ? 41  ARG A C   1 
ATOM   306  O O   . ARG A 1 41  ? 12.067  -0.938  -16.439 1.00 14.09 ? 41  ARG A O   1 
ATOM   307  C CB  . ARG A 1 41  ? 11.907  0.363   -13.431 1.00 5.74  ? 41  ARG A CB  1 
ATOM   308  C CG  . ARG A 1 41  ? 11.638  1.654   -12.725 1.00 8.17  ? 41  ARG A CG  1 
ATOM   309  C CD  . ARG A 1 41  ? 11.923  2.866   -13.595 1.00 10.98 ? 41  ARG A CD  1 
ATOM   310  N NE  . ARG A 1 41  ? 11.696  4.092   -12.834 1.00 14.39 ? 41  ARG A NE  1 
ATOM   311  C CZ  . ARG A 1 41  ? 10.694  4.936   -13.065 1.00 16.76 ? 41  ARG A CZ  1 
ATOM   312  N NH1 . ARG A 1 41  ? 9.840   4.688   -14.046 1.00 19.25 ? 41  ARG A NH1 1 
ATOM   313  N NH2 . ARG A 1 41  ? 10.502  5.982   -12.266 1.00 17.66 ? 41  ARG A NH2 1 
ATOM   314  N N   . THR A 1 42  ? 11.340  -2.352  -14.848 1.00 10.34 ? 42  THR A N   1 
ATOM   315  C CA  . THR A 1 42  ? 11.921  -3.519  -15.493 1.00 10.62 ? 42  THR A CA  1 
ATOM   316  C C   . THR A 1 42  ? 11.038  -4.323  -16.426 1.00 11.89 ? 42  THR A C   1 
ATOM   317  O O   . THR A 1 42  ? 11.533  -5.088  -17.251 1.00 12.61 ? 42  THR A O   1 
ATOM   318  C CB  . THR A 1 42  ? 12.466  -4.472  -14.443 1.00 12.86 ? 42  THR A CB  1 
ATOM   319  O OG1 . THR A 1 42  ? 11.373  -5.141  -13.796 1.00 11.61 ? 42  THR A OG1 1 
ATOM   320  C CG2 . THR A 1 42  ? 13.308  -3.682  -13.415 1.00 10.70 ? 42  THR A CG2 1 
ATOM   321  N N   . GLY A 1 43  ? 9.733   -4.164  -16.274 1.00 11.15 ? 43  GLY A N   1 
ATOM   322  C CA  . GLY A 1 43  ? 8.811   -4.908  -17.106 1.00 11.83 ? 43  GLY A CA  1 
ATOM   323  C C   . GLY A 1 43  ? 8.499   -6.257  -16.486 1.00 12.51 ? 43  GLY A C   1 
ATOM   324  O O   . GLY A 1 43  ? 7.793   -7.062  -17.087 1.00 12.65 ? 43  GLY A O   1 
ATOM   325  N N   . LYS A 1 44  ? 8.965   -6.488  -15.260 1.00 11.90 ? 44  LYS A N   1 
ATOM   326  C CA  . LYS A 1 44  ? 8.720   -7.759  -14.575 1.00 13.26 ? 44  LYS A CA  1 
ATOM   327  C C   . LYS A 1 44  ? 7.998   -7.596  -13.247 1.00 11.12 ? 44  LYS A C   1 
ATOM   328  O O   . LYS A 1 44  ? 8.431   -6.817  -12.401 1.00 11.53 ? 44  LYS A O   1 
ATOM   329  C CB  . LYS A 1 44  ? 10.043  -8.499  -14.321 1.00 13.75 ? 44  LYS A CB  1 
ATOM   330  C CG  . LYS A 1 44  ? 10.847  -8.832  -15.574 1.00 19.23 ? 44  LYS A CG  1 
ATOM   331  C CD  . LYS A 1 44  ? 12.332  -9.085  -15.237 1.00 26.24 ? 44  LYS A CD  1 
ATOM   332  C CE  . LYS A 1 44  ? 13.189  -9.511  -16.455 1.00 28.42 ? 44  LYS A CE  1 
ATOM   333  N NZ  . LYS A 1 44  ? 14.321  -10.443 -16.048 1.00 30.03 ? 44  LYS A NZ  1 
ATOM   334  N N   . LEU A 1 45  ? 6.886   -8.312  -13.070 1.00 9.56  ? 45  LEU A N   1 
ATOM   335  C CA  . LEU A 1 45  ? 6.135   -8.291  -11.808 1.00 10.07 ? 45  LEU A CA  1 
ATOM   336  C C   . LEU A 1 45  ? 6.579   -9.512  -10.975 1.00 9.86  ? 45  LEU A C   1 
ATOM   337  O O   . LEU A 1 45  ? 6.395   -10.667 -11.371 1.00 12.45 ? 45  LEU A O   1 
ATOM   338  C CB  . LEU A 1 45  ? 4.613   -8.314  -12.047 1.00 8.62  ? 45  LEU A CB  1 
ATOM   339  C CG  . LEU A 1 45  ? 3.693   -8.263  -10.816 1.00 6.92  ? 45  LEU A CG  1 
ATOM   340  C CD1 . LEU A 1 45  ? 3.787   -6.928  -10.067 1.00 7.49  ? 45  LEU A CD1 1 
ATOM   341  C CD2 . LEU A 1 45  ? 2.280   -8.478  -11.286 1.00 8.92  ? 45  LEU A CD2 1 
ATOM   342  N N   . VAL A 1 46  ? 7.232   -9.234  -9.852  1.00 7.18  ? 46  VAL A N   1 
ATOM   343  C CA  . VAL A 1 46  ? 7.738   -10.254 -8.957  1.00 7.25  ? 46  VAL A CA  1 
ATOM   344  C C   . VAL A 1 46  ? 7.091   -10.026 -7.593  1.00 7.51  ? 46  VAL A C   1 
ATOM   345  O O   . VAL A 1 46  ? 6.710   -8.901  -7.264  1.00 5.48  ? 46  VAL A O   1 
ATOM   346  C CB  . VAL A 1 46  ? 9.307   -10.166 -8.875  1.00 10.08 ? 46  VAL A CB  1 
ATOM   347  C CG1 . VAL A 1 46  ? 9.763   -8.744  -8.578  1.00 12.56 ? 46  VAL A CG1 1 
ATOM   348  C CG2 . VAL A 1 46  ? 9.840   -11.076 -7.806  1.00 14.52 ? 46  VAL A CG2 1 
ATOM   349  N N   . GLU A 1 47  ? 6.881   -11.094 -6.831  1.00 6.38  ? 47  GLU A N   1 
ATOM   350  C CA  . GLU A 1 47  ? 6.287   -10.945 -5.502  1.00 9.42  ? 47  GLU A CA  1 
ATOM   351  C C   . GLU A 1 47  ? 7.372   -10.827 -4.448  1.00 8.97  ? 47  GLU A C   1 
ATOM   352  O O   . GLU A 1 47  ? 8.283   -11.651 -4.381  1.00 9.71  ? 47  GLU A O   1 
ATOM   353  C CB  . GLU A 1 47  ? 5.355   -12.107 -5.186  1.00 6.18  ? 47  GLU A CB  1 
ATOM   354  C CG  . GLU A 1 47  ? 4.278   -12.296 -6.237  1.00 12.38 ? 47  GLU A CG  1 
ATOM   355  C CD  . GLU A 1 47  ? 3.253   -13.365 -5.878  1.00 13.10 ? 47  GLU A CD  1 
ATOM   356  O OE1 . GLU A 1 47  ? 3.458   -14.124 -4.905  1.00 16.84 ? 47  GLU A OE1 1 
ATOM   357  O OE2 . GLU A 1 47  ? 2.227   -13.443 -6.579  1.00 19.50 ? 47  GLU A OE2 1 
ATOM   358  N N   . LEU A 1 48  ? 7.241   -9.816  -3.593  1.00 9.50  ? 48  LEU A N   1 
ATOM   359  C CA  . LEU A 1 48  ? 8.230   -9.552  -2.564  1.00 9.43  ? 48  LEU A CA  1 
ATOM   360  C C   . LEU A 1 48  ? 7.779   -9.886  -1.146  1.00 7.67  ? 48  LEU A C   1 
ATOM   361  O O   . LEU A 1 48  ? 6.597   -10.082 -0.877  1.00 8.08  ? 48  LEU A O   1 
ATOM   362  C CB  . LEU A 1 48  ? 8.757   -8.117  -2.718  1.00 7.96  ? 48  LEU A CB  1 
ATOM   363  C CG  . LEU A 1 48  ? 9.336   -7.890  -4.138  1.00 7.96  ? 48  LEU A CG  1 
ATOM   364  C CD1 . LEU A 1 48  ? 9.569   -6.402  -4.408  1.00 8.22  ? 48  LEU A CD1 1 
ATOM   365  C CD2 . LEU A 1 48  ? 10.632  -8.722  -4.365  1.00 7.30  ? 48  LEU A CD2 1 
ATOM   366  N N   . SER A 1 49  ? 8.760   -9.918  -0.253  1.00 7.23  ? 49  SER A N   1 
ATOM   367  C CA  . SER A 1 49  ? 8.605   -10.313 1.143   1.00 7.58  ? 49  SER A CA  1 
ATOM   368  C C   . SER A 1 49  ? 8.216   -9.302  2.245   1.00 7.34  ? 49  SER A C   1 
ATOM   369  O O   . SER A 1 49  ? 9.053   -8.500  2.680   1.00 9.43  ? 49  SER A O   1 
ATOM   370  C CB  . SER A 1 49  ? 9.895   -11.065 1.527   1.00 8.72  ? 49  SER A CB  1 
ATOM   371  O OG  . SER A 1 49  ? 9.886   -11.539 2.859   1.00 7.34  ? 49  SER A OG  1 
ATOM   372  N N   . GLU A 1 50  ? 6.981   -9.398  2.751   1.00 7.48  ? 50  GLU A N   1 
ATOM   373  C CA  . GLU A 1 50  ? 6.518   -8.541  3.848   1.00 6.57  ? 50  GLU A CA  1 
ATOM   374  C C   . GLU A 1 50  ? 7.240   -8.971  5.132   1.00 5.78  ? 50  GLU A C   1 
ATOM   375  O O   . GLU A 1 50  ? 7.479   -8.169  6.034   1.00 8.10  ? 50  GLU A O   1 
ATOM   376  C CB  . GLU A 1 50  ? 5.007   -8.698  4.091   1.00 7.38  ? 50  GLU A CB  1 
ATOM   377  C CG  . GLU A 1 50  ? 4.086   -8.154  2.993   1.00 5.62  ? 50  GLU A CG  1 
ATOM   378  C CD  . GLU A 1 50  ? 3.793   -9.143  1.883   1.00 8.10  ? 50  GLU A CD  1 
ATOM   379  O OE1 . GLU A 1 50  ? 4.288   -10.279 1.943   1.00 7.82  ? 50  GLU A OE1 1 
ATOM   380  O OE2 . GLU A 1 50  ? 3.063   -8.772  0.943   1.00 7.09  ? 50  GLU A OE2 1 
ATOM   381  N N   . GLN A 1 51  ? 7.578   -10.255 5.198   1.00 5.72  ? 51  GLN A N   1 
ATOM   382  C CA  . GLN A 1 51  ? 8.248   -10.831 6.364   1.00 4.28  ? 51  GLN A CA  1 
ATOM   383  C C   . GLN A 1 51  ? 9.659   -10.274 6.593   1.00 3.90  ? 51  GLN A C   1 
ATOM   384  O O   . GLN A 1 51  ? 10.092  -10.108 7.738   1.00 5.44  ? 51  GLN A O   1 
ATOM   385  C CB  . GLN A 1 51  ? 8.264   -12.358 6.242   1.00 3.15  ? 51  GLN A CB  1 
ATOM   386  C CG  . GLN A 1 51  ? 8.590   -13.077 7.541   1.00 5.67  ? 51  GLN A CG  1 
ATOM   387  C CD  . GLN A 1 51  ? 7.475   -12.954 8.544   1.00 5.97  ? 51  GLN A CD  1 
ATOM   388  O OE1 . GLN A 1 51  ? 6.309   -13.193 8.222   1.00 10.26 ? 51  GLN A OE1 1 
ATOM   389  N NE2 . GLN A 1 51  ? 7.809   -12.528 9.749   1.00 6.14  ? 51  GLN A NE2 1 
ATOM   390  N N   . GLU A 1 52  ? 10.397  -10.012 5.519   1.00 5.22  ? 52  GLU A N   1 
ATOM   391  C CA  . GLU A 1 52  ? 11.722  -9.435  5.682   1.00 6.79  ? 52  GLU A CA  1 
ATOM   392  C C   . GLU A 1 52  ? 11.576  -8.127  6.475   1.00 8.20  ? 52  GLU A C   1 
ATOM   393  O O   . GLU A 1 52  ? 12.258  -7.932  7.489   1.00 7.61  ? 52  GLU A O   1 
ATOM   394  C CB  . GLU A 1 52  ? 12.396  -9.177  4.330   1.00 7.47  ? 52  GLU A CB  1 
ATOM   395  C CG  . GLU A 1 52  ? 13.813  -8.660  4.516   1.00 8.66  ? 52  GLU A CG  1 
ATOM   396  C CD  . GLU A 1 52  ? 14.665  -8.652  3.265   1.00 8.11  ? 52  GLU A CD  1 
ATOM   397  O OE1 . GLU A 1 52  ? 14.319  -9.298  2.250   1.00 8.64  ? 52  GLU A OE1 1 
ATOM   398  O OE2 . GLU A 1 52  ? 15.721  -7.995  3.332   1.00 9.49  ? 52  GLU A OE2 1 
ATOM   399  N N   . LEU A 1 53  ? 10.615  -7.288  6.090   1.00 7.25  ? 53  LEU A N   1 
ATOM   400  C CA  . LEU A 1 53  ? 10.374  -6.014  6.777   1.00 4.00  ? 53  LEU A CA  1 
ATOM   401  C C   . LEU A 1 53  ? 9.982   -6.217  8.250   1.00 5.95  ? 53  LEU A C   1 
ATOM   402  O O   . LEU A 1 53  ? 10.582  -5.606  9.141   1.00 5.10  ? 53  LEU A O   1 
ATOM   403  C CB  . LEU A 1 53  ? 9.319   -5.193  6.022   1.00 2.45  ? 53  LEU A CB  1 
ATOM   404  C CG  . LEU A 1 53  ? 9.794   -4.720  4.644   1.00 3.93  ? 53  LEU A CG  1 
ATOM   405  C CD1 . LEU A 1 53  ? 8.627   -4.278  3.747   1.00 4.80  ? 53  LEU A CD1 1 
ATOM   406  C CD2 . LEU A 1 53  ? 10.812  -3.600  4.835   1.00 3.59  ? 53  LEU A CD2 1 
ATOM   407  N N   . VAL A 1 54  ? 9.025   -7.110  8.500   1.00 7.23  ? 54  VAL A N   1 
ATOM   408  C CA  . VAL A 1 54  ? 8.556   -7.427  9.855   1.00 7.84  ? 54  VAL A CA  1 
ATOM   409  C C   . VAL A 1 54  ? 9.696   -7.887  10.770  1.00 7.33  ? 54  VAL A C   1 
ATOM   410  O O   . VAL A 1 54  ? 9.725   -7.557  11.960  1.00 8.54  ? 54  VAL A O   1 
ATOM   411  C CB  . VAL A 1 54  ? 7.446   -8.542  9.822   1.00 7.74  ? 54  VAL A CB  1 
ATOM   412  C CG1 . VAL A 1 54  ? 7.134   -9.053  11.229  1.00 7.97  ? 54  VAL A CG1 1 
ATOM   413  C CG2 . VAL A 1 54  ? 6.171   -8.004  9.174   1.00 5.60  ? 54  VAL A CG2 1 
ATOM   414  N N   . ASP A 1 55  ? 10.621  -8.667  10.228  1.00 8.59  ? 55  ASP A N   1 
ATOM   415  C CA  . ASP A 1 55  ? 11.738  -9.177  11.019  1.00 11.02 ? 55  ASP A CA  1 
ATOM   416  C C   . ASP A 1 55  ? 12.946  -8.273  11.084  1.00 9.71  ? 55  ASP A C   1 
ATOM   417  O O   . ASP A 1 55  ? 13.633  -8.234  12.102  1.00 11.14 ? 55  ASP A O   1 
ATOM   418  C CB  . ASP A 1 55  ? 12.219  -10.533 10.482  1.00 11.16 ? 55  ASP A CB  1 
ATOM   419  C CG  . ASP A 1 55  ? 11.174  -11.615 10.578  1.00 9.99  ? 55  ASP A CG  1 
ATOM   420  O OD1 . ASP A 1 55  ? 10.179  -11.434 11.303  1.00 9.73  ? 55  ASP A OD1 1 
ATOM   421  O OD2 . ASP A 1 55  ? 11.350  -12.652 9.914   1.00 8.43  ? 55  ASP A OD2 1 
ATOM   422  N N   . CYS A 1 56  ? 13.200  -7.526  10.015  1.00 11.13 ? 56  CYS A N   1 
ATOM   423  C CA  . CYS A 1 56  ? 14.396  -6.691  9.926   1.00 11.29 ? 56  CYS A CA  1 
ATOM   424  C C   . CYS A 1 56  ? 14.296  -5.178  10.092  1.00 14.07 ? 56  CYS A C   1 
ATOM   425  O O   . CYS A 1 56  ? 15.263  -4.550  10.540  1.00 13.71 ? 56  CYS A O   1 
ATOM   426  C CB  . CYS A 1 56  ? 15.113  -7.013  8.616   1.00 10.67 ? 56  CYS A CB  1 
ATOM   427  S SG  . CYS A 1 56  ? 15.196  -8.798  8.257   1.00 11.57 ? 56  CYS A SG  1 
ATOM   428  N N   . GLU A 1 57  ? 13.171  -4.576  9.724   1.00 13.10 ? 57  GLU A N   1 
ATOM   429  C CA  . GLU A 1 57  ? 13.055  -3.129  9.865   1.00 13.16 ? 57  GLU A CA  1 
ATOM   430  C C   . GLU A 1 57  ? 12.534  -2.839  11.266  1.00 12.88 ? 57  GLU A C   1 
ATOM   431  O O   . GLU A 1 57  ? 11.326  -2.854  11.494  1.00 14.91 ? 57  GLU A O   1 
ATOM   432  C CB  . GLU A 1 57  ? 12.157  -2.549  8.767   1.00 12.96 ? 57  GLU A CB  1 
ATOM   433  C CG  . GLU A 1 57  ? 12.301  -1.046  8.582   1.00 12.57 ? 57  GLU A CG  1 
ATOM   434  C CD  . GLU A 1 57  ? 11.472  -0.246  9.577   1.00 15.45 ? 57  GLU A CD  1 
ATOM   435  O OE1 . GLU A 1 57  ? 10.256  -0.104  9.360   1.00 17.86 ? 57  GLU A OE1 1 
ATOM   436  O OE2 . GLU A 1 57  ? 12.037  0.252   10.574  1.00 14.56 ? 57  GLU A OE2 1 
ATOM   437  N N   . ARG A 1 58  ? 13.455  -2.544  12.191  1.00 14.24 ? 58  ARG A N   1 
ATOM   438  C CA  . ARG A 1 58  ? 13.104  -2.312  13.600  1.00 16.66 ? 58  ARG A CA  1 
ATOM   439  C C   . ARG A 1 58  ? 12.888  -0.937  14.245  1.00 15.05 ? 58  ARG A C   1 
ATOM   440  O O   . ARG A 1 58  ? 12.964  -0.804  15.472  1.00 14.01 ? 58  ARG A O   1 
ATOM   441  C CB  . ARG A 1 58  ? 13.923  -3.214  14.535  1.00 21.21 ? 58  ARG A CB  1 
ATOM   442  C CG  . ARG A 1 58  ? 13.603  -4.706  14.388  1.00 24.75 ? 58  ARG A CG  1 
ATOM   443  C CD  . ARG A 1 58  ? 13.665  -5.434  15.729  1.00 30.49 ? 58  ARG A CD  1 
ATOM   444  N NE  . ARG A 1 58  ? 14.858  -5.123  16.534  1.00 35.85 ? 58  ARG A NE  1 
ATOM   445  C CZ  . ARG A 1 58  ? 14.861  -4.429  17.677  1.00 38.31 ? 58  ARG A CZ  1 
ATOM   446  N NH1 . ARG A 1 58  ? 13.720  -3.952  18.175  1.00 37.67 ? 58  ARG A NH1 1 
ATOM   447  N NH2 . ARG A 1 58  ? 15.994  -4.218  18.349  1.00 37.94 ? 58  ARG A NH2 1 
ATOM   448  N N   . ARG A 1 59  ? 12.665  0.090   13.427  1.00 14.25 ? 59  ARG A N   1 
ATOM   449  C CA  . ARG A 1 59  ? 12.287  1.392   13.968  1.00 15.53 ? 59  ARG A CA  1 
ATOM   450  C C   . ARG A 1 59  ? 10.763  1.156   14.094  1.00 13.03 ? 59  ARG A C   1 
ATOM   451  O O   . ARG A 1 59  ? 10.048  1.866   14.798  1.00 14.03 ? 59  ARG A O   1 
ATOM   452  C CB  . ARG A 1 59  ? 12.595  2.541   12.994  1.00 17.86 ? 59  ARG A CB  1 
ATOM   453  C CG  . ARG A 1 59  ? 13.399  3.696   13.633  1.00 25.87 ? 59  ARG A CG  1 
ATOM   454  C CD  . ARG A 1 59  ? 13.699  4.851   12.673  1.00 29.03 ? 59  ARG A CD  1 
ATOM   455  N NE  . ARG A 1 59  ? 14.409  4.421   11.457  1.00 36.27 ? 59  ARG A NE  1 
ATOM   456  C CZ  . ARG A 1 59  ? 14.666  5.194   10.404  1.00 36.23 ? 59  ARG A CZ  1 
ATOM   457  N NH1 . ARG A 1 59  ? 14.294  6.473   10.400  1.00 36.87 ? 59  ARG A NH1 1 
ATOM   458  N NH2 . ARG A 1 59  ? 15.199  4.680   9.297   1.00 35.59 ? 59  ARG A NH2 1 
ATOM   459  N N   . SER A 1 60  ? 10.276  0.169   13.342  1.00 14.12 ? 60  SER A N   1 
ATOM   460  C CA  . SER A 1 60  ? 8.877   -0.254  13.371  1.00 12.80 ? 60  SER A CA  1 
ATOM   461  C C   . SER A 1 60  ? 8.781   -1.319  14.469  1.00 10.15 ? 60  SER A C   1 
ATOM   462  O O   . SER A 1 60  ? 9.794   -1.719  15.037  1.00 10.90 ? 60  SER A O   1 
ATOM   463  C CB  . SER A 1 60  ? 8.450   -0.817  12.018  1.00 8.89  ? 60  SER A CB  1 
ATOM   464  O OG  . SER A 1 60  ? 8.415   0.222   11.047  1.00 7.86  ? 60  SER A OG  1 
ATOM   465  N N   . HIS A 1 61  ? 7.579   -1.830  14.714  1.00 10.94 ? 61  HIS A N   1 
ATOM   466  C CA  . HIS A 1 61  ? 7.362   -2.796  15.788  1.00 9.29  ? 61  HIS A CA  1 
ATOM   467  C C   . HIS A 1 61  ? 6.821   -4.171  15.404  1.00 9.56  ? 61  HIS A C   1 
ATOM   468  O O   . HIS A 1 61  ? 6.031   -4.764  16.153  1.00 6.33  ? 61  HIS A O   1 
ATOM   469  C CB  . HIS A 1 61  ? 6.434   -2.170  16.829  1.00 11.72 ? 61  HIS A CB  1 
ATOM   470  C CG  . HIS A 1 61  ? 6.759   -0.745  17.153  1.00 13.67 ? 61  HIS A CG  1 
ATOM   471  N ND1 . HIS A 1 61  ? 7.818   -0.386  17.958  1.00 16.28 ? 61  HIS A ND1 1 
ATOM   472  C CD2 . HIS A 1 61  ? 6.154   0.409   16.798  1.00 17.02 ? 61  HIS A CD2 1 
ATOM   473  C CE1 . HIS A 1 61  ? 7.857   0.926   18.079  1.00 18.10 ? 61  HIS A CE1 1 
ATOM   474  N NE2 . HIS A 1 61  ? 6.854   1.432   17.386  1.00 20.20 ? 61  HIS A NE2 1 
ATOM   475  N N   . GLY A 1 62  ? 7.224   -4.654  14.235  1.00 8.04  ? 62  GLY A N   1 
ATOM   476  C CA  . GLY A 1 62  ? 6.809   -5.965  13.769  1.00 10.27 ? 62  GLY A CA  1 
ATOM   477  C C   . GLY A 1 62  ? 5.318   -6.121  13.664  1.00 10.80 ? 62  GLY A C   1 
ATOM   478  O O   . GLY A 1 62  ? 4.673   -5.391  12.909  1.00 7.78  ? 62  GLY A O   1 
ATOM   479  N N   . CYS A 1 63  ? 4.766   -7.054  14.442  1.00 10.89 ? 63  CYS A N   1 
ATOM   480  C CA  . CYS A 1 63  ? 3.328   -7.317  14.446  1.00 11.25 ? 63  CYS A CA  1 
ATOM   481  C C   . CYS A 1 63  ? 2.560   -6.354  15.328  1.00 11.53 ? 63  CYS A C   1 
ATOM   482  O O   . CYS A 1 63  ? 1.361   -6.539  15.560  1.00 11.84 ? 63  CYS A O   1 
ATOM   483  C CB  . CYS A 1 63  ? 3.018   -8.753  14.869  1.00 8.45  ? 63  CYS A CB  1 
ATOM   484  S SG  . CYS A 1 63  ? 3.359   -10.014 13.604  1.00 11.72 ? 63  CYS A SG  1 
ATOM   485  N N   . LYS A 1 64  ? 3.243   -5.353  15.853  1.00 12.66 ? 64  LYS A N   1 
ATOM   486  C CA  . LYS A 1 64  ? 2.574   -4.365  16.677  1.00 14.66 ? 64  LYS A CA  1 
ATOM   487  C C   . LYS A 1 64  ? 2.386   -3.002  15.991  1.00 13.30 ? 64  LYS A C   1 
ATOM   488  O O   . LYS A 1 64  ? 2.118   -2.001  16.659  1.00 15.36 ? 64  LYS A O   1 
ATOM   489  C CB  . LYS A 1 64  ? 3.266   -4.222  18.033  1.00 19.03 ? 64  LYS A CB  1 
ATOM   490  C CG  . LYS A 1 64  ? 3.077   -5.442  18.914  1.00 23.03 ? 64  LYS A CG  1 
ATOM   491  C CD  . LYS A 1 64  ? 2.827   -5.030  20.341  1.00 27.74 ? 64  LYS A CD  1 
ATOM   492  C CE  . LYS A 1 64  ? 3.881   -5.613  21.256  1.00 31.89 ? 64  LYS A CE  1 
ATOM   493  N NZ  . LYS A 1 64  ? 3.760   -5.072  22.647  1.00 35.40 ? 64  LYS A NZ  1 
ATOM   494  N N   . GLY A 1 65  ? 2.484   -2.975  14.664  1.00 9.45  ? 65  GLY A N   1 
ATOM   495  C CA  . GLY A 1 65  ? 2.310   -1.727  13.936  1.00 7.01  ? 65  GLY A CA  1 
ATOM   496  C C   . GLY A 1 65  ? 3.652   -1.194  13.498  1.00 7.88  ? 65  GLY A C   1 
ATOM   497  O O   . GLY A 1 65  ? 4.684   -1.541  14.074  1.00 7.22  ? 65  GLY A O   1 
ATOM   498  N N   . GLY A 1 66  ? 3.655   -0.328  12.500  1.00 8.40  ? 66  GLY A N   1 
ATOM   499  C CA  . GLY A 1 66  ? 4.914   0.187   12.018  1.00 6.69  ? 66  GLY A CA  1 
ATOM   500  C C   . GLY A 1 66  ? 4.723   1.421   11.186  1.00 6.49  ? 66  GLY A C   1 
ATOM   501  O O   . GLY A 1 66  ? 3.658   2.048   11.239  1.00 7.50  ? 66  GLY A O   1 
ATOM   502  N N   . TYR A 1 67  ? 5.701   1.694   10.341  1.00 5.49  ? 67  TYR A N   1 
ATOM   503  C CA  . TYR A 1 67  ? 5.697   2.908   9.543   1.00 5.52  ? 67  TYR A CA  1 
ATOM   504  C C   . TYR A 1 67  ? 6.171   2.739   8.107   1.00 3.84  ? 67  TYR A C   1 
ATOM   505  O O   . TYR A 1 67  ? 7.336   2.432   7.852   1.00 5.46  ? 67  TYR A O   1 
ATOM   506  C CB  . TYR A 1 67  ? 6.576   3.959   10.248  1.00 7.22  ? 67  TYR A CB  1 
ATOM   507  C CG  . TYR A 1 67  ? 6.385   4.052   11.763  1.00 9.87  ? 67  TYR A CG  1 
ATOM   508  C CD1 . TYR A 1 67  ? 7.126   3.241   12.627  1.00 12.94 ? 67  TYR A CD1 1 
ATOM   509  C CD2 . TYR A 1 67  ? 5.469   4.944   12.334  1.00 13.42 ? 67  TYR A CD2 1 
ATOM   510  C CE1 . TYR A 1 67  ? 6.954   3.302   14.020  1.00 13.21 ? 67  TYR A CE1 1 
ATOM   511  C CE2 . TYR A 1 67  ? 5.293   5.016   13.741  1.00 13.02 ? 67  TYR A CE2 1 
ATOM   512  C CZ  . TYR A 1 67  ? 6.040   4.181   14.575  1.00 13.98 ? 67  TYR A CZ  1 
ATOM   513  O OH  . TYR A 1 67  ? 5.851   4.147   15.944  1.00 19.04 ? 67  TYR A OH  1 
ATOM   514  N N   . PRO A 1 68  ? 5.279   2.996   7.134   1.00 3.48  ? 68  PRO A N   1 
ATOM   515  C CA  . PRO A 1 68  ? 5.636   2.867   5.717   1.00 5.55  ? 68  PRO A CA  1 
ATOM   516  C C   . PRO A 1 68  ? 6.887   3.635   5.244   1.00 6.32  ? 68  PRO A C   1 
ATOM   517  O O   . PRO A 1 68  ? 7.661   3.105   4.451   1.00 8.31  ? 68  PRO A O   1 
ATOM   518  C CB  . PRO A 1 68  ? 4.360   3.316   5.003   1.00 6.16  ? 68  PRO A CB  1 
ATOM   519  C CG  . PRO A 1 68  ? 3.275   2.874   5.960   1.00 3.97  ? 68  PRO A CG  1 
ATOM   520  C CD  . PRO A 1 68  ? 3.840   3.264   7.304   1.00 2.00  ? 68  PRO A CD  1 
ATOM   521  N N   . PRO A 1 69  ? 7.106   4.887   5.692   1.00 7.38  ? 69  PRO A N   1 
ATOM   522  C CA  . PRO A 1 69  ? 8.330   5.523   5.178   1.00 6.49  ? 69  PRO A CA  1 
ATOM   523  C C   . PRO A 1 69  ? 9.601   4.817   5.634   1.00 5.96  ? 69  PRO A C   1 
ATOM   524  O O   . PRO A 1 69  ? 10.592  4.803   4.910   1.00 7.56  ? 69  PRO A O   1 
ATOM   525  C CB  . PRO A 1 69  ? 8.244   6.957   5.706   1.00 7.73  ? 69  PRO A CB  1 
ATOM   526  C CG  . PRO A 1 69  ? 7.284   6.866   6.897   1.00 8.55  ? 69  PRO A CG  1 
ATOM   527  C CD  . PRO A 1 69  ? 6.278   5.840   6.452   1.00 8.31  ? 69  PRO A CD  1 
ATOM   528  N N   . TYR A 1 70  ? 9.579   4.240   6.836   1.00 7.23  ? 70  TYR A N   1 
ATOM   529  C CA  . TYR A 1 70  ? 10.745  3.525   7.361   1.00 8.34  ? 70  TYR A CA  1 
ATOM   530  C C   . TYR A 1 70  ? 10.976  2.239   6.601   1.00 8.08  ? 70  TYR A C   1 
ATOM   531  O O   . TYR A 1 70  ? 12.108  1.892   6.281   1.00 5.37  ? 70  TYR A O   1 
ATOM   532  C CB  . TYR A 1 70  ? 10.599  3.237   8.850   1.00 11.21 ? 70  TYR A CB  1 
ATOM   533  C CG  . TYR A 1 70  ? 10.633  4.485   9.679   1.00 13.64 ? 70  TYR A CG  1 
ATOM   534  C CD1 . TYR A 1 70  ? 11.428  5.571   9.299   1.00 14.15 ? 70  TYR A CD1 1 
ATOM   535  C CD2 . TYR A 1 70  ? 9.852   4.606   10.816  1.00 14.57 ? 70  TYR A CD2 1 
ATOM   536  C CE1 . TYR A 1 70  ? 11.429  6.740   10.042  1.00 17.51 ? 70  TYR A CE1 1 
ATOM   537  C CE2 . TYR A 1 70  ? 9.846   5.759   11.558  1.00 16.56 ? 70  TYR A CE2 1 
ATOM   538  C CZ  . TYR A 1 70  ? 10.631  6.824   11.173  1.00 16.65 ? 70  TYR A CZ  1 
ATOM   539  O OH  . TYR A 1 70  ? 10.595  7.967   11.933  1.00 21.98 ? 70  TYR A OH  1 
ATOM   540  N N   . ALA A 1 71  ? 9.885   1.564   6.267   1.00 3.89  ? 71  ALA A N   1 
ATOM   541  C CA  . ALA A 1 71  ? 9.960   0.337   5.499   1.00 4.35  ? 71  ALA A CA  1 
ATOM   542  C C   . ALA A 1 71  ? 10.547  0.676   4.119   1.00 6.68  ? 71  ALA A C   1 
ATOM   543  O O   . ALA A 1 71  ? 11.405  -0.050  3.609   1.00 6.66  ? 71  ALA A O   1 
ATOM   544  C CB  . ALA A 1 71  ? 8.558   -0.274  5.363   1.00 2.83  ? 71  ALA A CB  1 
ATOM   545  N N   . LEU A 1 72  ? 10.107  1.789   3.526   1.00 6.19  ? 72  LEU A N   1 
ATOM   546  C CA  . LEU A 1 72  ? 10.595  2.213   2.210   1.00 6.22  ? 72  LEU A CA  1 
ATOM   547  C C   . LEU A 1 72  ? 12.084  2.600   2.242   1.00 6.96  ? 72  LEU A C   1 
ATOM   548  O O   . LEU A 1 72  ? 12.808  2.427   1.255   1.00 6.71  ? 72  LEU A O   1 
ATOM   549  C CB  . LEU A 1 72  ? 9.717   3.339   1.636   1.00 2.25  ? 72  LEU A CB  1 
ATOM   550  C CG  . LEU A 1 72  ? 8.299   2.920   1.219   1.00 4.06  ? 72  LEU A CG  1 
ATOM   551  C CD1 . LEU A 1 72  ? 7.479   4.129   0.782   1.00 4.42  ? 72  LEU A CD1 1 
ATOM   552  C CD2 . LEU A 1 72  ? 8.350   1.863   0.118   1.00 4.70  ? 72  LEU A CD2 1 
ATOM   553  N N   . GLU A 1 73  ? 12.553  3.083   3.388   1.00 6.21  ? 73  GLU A N   1 
ATOM   554  C CA  . GLU A 1 73  ? 13.960  3.432   3.527   1.00 7.13  ? 73  GLU A CA  1 
ATOM   555  C C   . GLU A 1 73  ? 14.810  2.159   3.621   1.00 8.63  ? 73  GLU A C   1 
ATOM   556  O O   . GLU A 1 73  ? 15.904  2.074   3.042   1.00 8.31  ? 73  GLU A O   1 
ATOM   557  C CB  . GLU A 1 73  ? 14.156  4.351   4.732   1.00 10.79 ? 73  GLU A CB  1 
ATOM   558  C CG  . GLU A 1 73  ? 13.716  5.784   4.405   1.00 21.61 ? 73  GLU A CG  1 
ATOM   559  C CD  . GLU A 1 73  ? 13.605  6.720   5.612   1.00 25.47 ? 73  GLU A CD  1 
ATOM   560  O OE1 . GLU A 1 73  ? 14.310  6.448   6.621   1.00 27.39 ? 73  GLU A OE1 1 
ATOM   561  O OE2 . GLU A 1 73  ? 12.833  7.715   5.540   1.00 28.60 ? 73  GLU A OE2 1 
ATOM   562  N N   . TYR A 1 74  ? 14.272  1.149   4.307   1.00 7.90  ? 74  TYR A N   1 
ATOM   563  C CA  . TYR A 1 74  ? 14.951  -0.132  4.455   1.00 6.12  ? 74  TYR A CA  1 
ATOM   564  C C   . TYR A 1 74  ? 15.174  -0.735  3.073   1.00 6.17  ? 74  TYR A C   1 
ATOM   565  O O   . TYR A 1 74  ? 16.279  -1.164  2.766   1.00 9.28  ? 74  TYR A O   1 
ATOM   566  C CB  . TYR A 1 74  ? 14.145  -1.084  5.357   1.00 6.11  ? 74  TYR A CB  1 
ATOM   567  C CG  . TYR A 1 74  ? 14.699  -2.502  5.418   1.00 6.89  ? 74  TYR A CG  1 
ATOM   568  C CD1 . TYR A 1 74  ? 14.538  -3.378  4.335   1.00 7.08  ? 74  TYR A CD1 1 
ATOM   569  C CD2 . TYR A 1 74  ? 15.390  -2.957  6.546   1.00 5.70  ? 74  TYR A CD2 1 
ATOM   570  C CE1 . TYR A 1 74  ? 15.063  -4.687  4.367   1.00 8.34  ? 74  TYR A CE1 1 
ATOM   571  C CE2 . TYR A 1 74  ? 15.919  -4.259  6.596   1.00 7.43  ? 74  TYR A CE2 1 
ATOM   572  C CZ  . TYR A 1 74  ? 15.756  -5.129  5.505   1.00 11.37 ? 74  TYR A CZ  1 
ATOM   573  O OH  . TYR A 1 74  ? 16.264  -6.429  5.549   1.00 9.75  ? 74  TYR A OH  1 
ATOM   574  N N   . VAL A 1 75  ? 14.156  -0.711  2.211   1.00 5.06  ? 75  VAL A N   1 
ATOM   575  C CA  . VAL A 1 75  ? 14.293  -1.269  0.860   1.00 4.49  ? 75  VAL A CA  1 
ATOM   576  C C   . VAL A 1 75  ? 15.315  -0.537  -0.017  1.00 3.75  ? 75  VAL A C   1 
ATOM   577  O O   . VAL A 1 75  ? 16.035  -1.169  -0.798  1.00 4.93  ? 75  VAL A O   1 
ATOM   578  C CB  . VAL A 1 75  ? 12.926  -1.331  0.114   1.00 2.49  ? 75  VAL A CB  1 
ATOM   579  C CG1 . VAL A 1 75  ? 13.121  -1.896  -1.307  1.00 4.52  ? 75  VAL A CG1 1 
ATOM   580  C CG2 . VAL A 1 75  ? 11.962  -2.212  0.873   1.00 2.01  ? 75  VAL A CG2 1 
ATOM   581  N N   . ALA A 1 76  ? 15.353  0.786   0.076   1.00 6.81  ? 76  ALA A N   1 
ATOM   582  C CA  . ALA A 1 76  ? 16.270  1.618   -0.710  1.00 6.49  ? 76  ALA A CA  1 
ATOM   583  C C   . ALA A 1 76  ? 17.703  1.344   -0.290  1.00 8.57  ? 76  ALA A C   1 
ATOM   584  O O   . ALA A 1 76  ? 18.630  1.400   -1.095  1.00 8.16  ? 76  ALA A O   1 
ATOM   585  C CB  . ALA A 1 76  ? 15.948  3.110   -0.501  1.00 6.22  ? 76  ALA A CB  1 
ATOM   586  N N   . LYS A 1 77  ? 17.869  1.028   0.982   1.00 7.36  ? 77  LYS A N   1 
ATOM   587  C CA  . LYS A 1 77  ? 19.186  0.766   1.515   1.00 11.71 ? 77  LYS A CA  1 
ATOM   588  C C   . LYS A 1 77  ? 19.629  -0.682  1.396   1.00 11.15 ? 77  LYS A C   1 
ATOM   589  O O   . LYS A 1 77  ? 20.739  -0.967  0.951   1.00 10.30 ? 77  LYS A O   1 
ATOM   590  C CB  . LYS A 1 77  ? 19.226  1.215   2.974   1.00 11.42 ? 77  LYS A CB  1 
ATOM   591  C CG  . LYS A 1 77  ? 20.542  0.969   3.682   1.00 14.25 ? 77  LYS A CG  1 
ATOM   592  C CD  . LYS A 1 77  ? 20.436  1.369   5.152   1.00 17.10 ? 77  LYS A CD  1 
ATOM   593  C CE  . LYS A 1 77  ? 21.713  1.034   5.943   1.00 21.94 ? 77  LYS A CE  1 
ATOM   594  N NZ  . LYS A 1 77  ? 22.007  -0.437  6.123   1.00 27.19 ? 77  LYS A NZ  1 
ATOM   595  N N   . ASN A 1 78  ? 18.758  -1.612  1.755   1.00 10.43 ? 78  ASN A N   1 
ATOM   596  C CA  . ASN A 1 78  ? 19.135  -3.014  1.728   1.00 9.55  ? 78  ASN A CA  1 
ATOM   597  C C   . ASN A 1 78  ? 18.535  -3.827  0.591   1.00 11.22 ? 78  ASN A C   1 
ATOM   598  O O   . ASN A 1 78  ? 19.018  -4.924  0.286   1.00 13.14 ? 78  ASN A O   1 
ATOM   599  C CB  . ASN A 1 78  ? 18.768  -3.651  3.072   1.00 9.88  ? 78  ASN A CB  1 
ATOM   600  C CG  . ASN A 1 78  ? 19.318  -2.873  4.255   1.00 9.26  ? 78  ASN A CG  1 
ATOM   601  O OD1 . ASN A 1 78  ? 18.582  -2.205  4.984   1.00 11.39 ? 78  ASN A OD1 1 
ATOM   602  N ND2 . ASN A 1 78  ? 20.626  -2.948  4.444   1.00 8.52  ? 78  ASN A ND2 1 
ATOM   603  N N   . GLY A 1 79  ? 17.521  -3.275  -0.065  1.00 11.26 ? 79  GLY A N   1 
ATOM   604  C CA  . GLY A 1 79  ? 16.868  -4.008  -1.129  1.00 11.00 ? 79  GLY A CA  1 
ATOM   605  C C   . GLY A 1 79  ? 15.930  -5.004  -0.463  1.00 10.85 ? 79  GLY A C   1 
ATOM   606  O O   . GLY A 1 79  ? 15.900  -5.089  0.768   1.00 7.91  ? 79  GLY A O   1 
ATOM   607  N N   . ILE A 1 80  ? 15.200  -5.793  -1.247  1.00 8.14  ? 80  ILE A N   1 
ATOM   608  C CA  . ILE A 1 80  ? 14.268  -6.741  -0.649  1.00 7.59  ? 80  ILE A CA  1 
ATOM   609  C C   . ILE A 1 80  ? 14.213  -8.046  -1.453  1.00 7.29  ? 80  ILE A C   1 
ATOM   610  O O   . ILE A 1 80  ? 14.334  -8.040  -2.684  1.00 7.51  ? 80  ILE A O   1 
ATOM   611  C CB  . ILE A 1 80  ? 12.855  -6.066  -0.479  1.00 8.75  ? 80  ILE A CB  1 
ATOM   612  C CG1 . ILE A 1 80  ? 11.957  -6.873  0.458   1.00 9.12  ? 80  ILE A CG1 1 
ATOM   613  C CG2 . ILE A 1 80  ? 12.172  -5.893  -1.829  1.00 7.07  ? 80  ILE A CG2 1 
ATOM   614  C CD1 . ILE A 1 80  ? 10.615  -6.223  0.685   1.00 11.37 ? 80  ILE A CD1 1 
ATOM   615  N N   . HIS A 1 81  ? 14.126  -9.165  -0.729  1.00 8.08  ? 81  HIS A N   1 
ATOM   616  C CA  . HIS A 1 81  ? 14.074  -10.510 -1.305  1.00 7.12  ? 81  HIS A CA  1 
ATOM   617  C C   . HIS A 1 81  ? 12.688  -10.962 -1.766  1.00 8.96  ? 81  HIS A C   1 
ATOM   618  O O   . HIS A 1 81  ? 11.665  -10.324 -1.464  1.00 7.10  ? 81  HIS A O   1 
ATOM   619  C CB  . HIS A 1 81  ? 14.644  -11.517 -0.294  1.00 5.33  ? 81  HIS A CB  1 
ATOM   620  C CG  . HIS A 1 81  ? 16.104  -11.341 -0.018  1.00 10.26 ? 81  HIS A CG  1 
ATOM   621  N ND1 . HIS A 1 81  ? 16.582  -10.539 0.993   1.00 8.59  ? 81  HIS A ND1 1 
ATOM   622  C CD2 . HIS A 1 81  ? 17.193  -11.862 -0.632  1.00 11.05 ? 81  HIS A CD2 1 
ATOM   623  C CE1 . HIS A 1 81  ? 17.904  -10.572 0.992   1.00 11.82 ? 81  HIS A CE1 1 
ATOM   624  N NE2 . HIS A 1 81  ? 18.298  -11.365 0.016   1.00 11.42 ? 81  HIS A NE2 1 
ATOM   625  N N   . LEU A 1 82  ? 12.669  -12.064 -2.512  1.00 9.16  ? 82  LEU A N   1 
ATOM   626  C CA  . LEU A 1 82  ? 11.443  -12.652 -3.039  1.00 9.48  ? 82  LEU A CA  1 
ATOM   627  C C   . LEU A 1 82  ? 10.563  -13.239 -1.927  1.00 10.09 ? 82  LEU A C   1 
ATOM   628  O O   . LEU A 1 82  ? 11.050  -13.725 -0.897  1.00 9.26  ? 82  LEU A O   1 
ATOM   629  C CB  . LEU A 1 82  ? 11.782  -13.740 -4.081  1.00 10.77 ? 82  LEU A CB  1 
ATOM   630  C CG  . LEU A 1 82  ? 11.862  -13.501 -5.605  1.00 13.15 ? 82  LEU A CG  1 
ATOM   631  C CD1 . LEU A 1 82  ? 12.277  -12.085 -5.967  1.00 13.34 ? 82  LEU A CD1 1 
ATOM   632  C CD2 . LEU A 1 82  ? 12.823  -14.497 -6.221  1.00 14.60 ? 82  LEU A CD2 1 
ATOM   633  N N   . ARG A 1 83  ? 9.254   -13.195 -2.157  1.00 9.01  ? 83  ARG A N   1 
ATOM   634  C CA  . ARG A 1 83  ? 8.268   -13.725 -1.220  1.00 9.73  ? 83  ARG A CA  1 
ATOM   635  C C   . ARG A 1 83  ? 8.381   -15.253 -1.073  1.00 9.56  ? 83  ARG A C   1 
ATOM   636  O O   . ARG A 1 83  ? 8.065   -15.812 -0.031  1.00 10.90 ? 83  ARG A O   1 
ATOM   637  C CB  . ARG A 1 83  ? 6.863   -13.355 -1.694  1.00 7.47  ? 83  ARG A CB  1 
ATOM   638  C CG  . ARG A 1 83  ? 5.817   -13.523 -0.632  1.00 7.39  ? 83  ARG A CG  1 
ATOM   639  C CD  . ARG A 1 83  ? 4.586   -12.699 -0.914  1.00 4.91  ? 83  ARG A CD  1 
ATOM   640  N NE  . ARG A 1 83  ? 3.864   -12.447 0.332   1.00 8.19  ? 83  ARG A NE  1 
ATOM   641  C CZ  . ARG A 1 83  ? 2.696   -12.992 0.660   1.00 9.67  ? 83  ARG A CZ  1 
ATOM   642  N NH1 . ARG A 1 83  ? 2.084   -13.828 -0.176  1.00 6.82  ? 83  ARG A NH1 1 
ATOM   643  N NH2 . ARG A 1 83  ? 2.139   -12.703 1.837   1.00 5.35  ? 83  ARG A NH2 1 
ATOM   644  N N   . SER A 1 84  ? 8.811   -15.933 -2.133  1.00 12.49 ? 84  SER A N   1 
ATOM   645  C CA  . SER A 1 84  ? 8.962   -17.384 -2.091  1.00 12.72 ? 84  SER A CA  1 
ATOM   646  C C   . SER A 1 84  ? 10.180  -17.798 -1.259  1.00 12.99 ? 84  SER A C   1 
ATOM   647  O O   . SER A 1 84  ? 10.206  -18.876 -0.676  1.00 14.68 ? 84  SER A O   1 
ATOM   648  C CB  . SER A 1 84  ? 9.067   -17.940 -3.513  1.00 13.46 ? 84  SER A CB  1 
ATOM   649  O OG  . SER A 1 84  ? 10.057  -17.244 -4.258  1.00 10.25 ? 84  SER A OG  1 
ATOM   650  N N   . LYS A 1 85  ? 11.180  -16.921 -1.200  1.00 10.70 ? 85  LYS A N   1 
ATOM   651  C CA  . LYS A 1 85  ? 12.397  -17.193 -0.435  1.00 9.65  ? 85  LYS A CA  1 
ATOM   652  C C   . LYS A 1 85  ? 12.276  -16.808 1.038   1.00 10.03 ? 85  LYS A C   1 
ATOM   653  O O   . LYS A 1 85  ? 12.961  -17.375 1.885   1.00 12.29 ? 85  LYS A O   1 
ATOM   654  C CB  . LYS A 1 85  ? 13.589  -16.454 -1.050  1.00 11.92 ? 85  LYS A CB  1 
ATOM   655  C CG  . LYS A 1 85  ? 13.894  -16.856 -2.475  1.00 12.56 ? 85  LYS A CG  1 
ATOM   656  C CD  . LYS A 1 85  ? 14.677  -18.158 -2.501  1.00 18.16 ? 85  LYS A CD  1 
ATOM   657  C CE  . LYS A 1 85  ? 14.735  -18.743 -3.893  1.00 19.83 ? 85  LYS A CE  1 
ATOM   658  N NZ  . LYS A 1 85  ? 16.114  -19.218 -4.123  1.00 25.68 ? 85  LYS A NZ  1 
ATOM   659  N N   . TYR A 1 86  ? 11.437  -15.827 1.337   1.00 8.91  ? 86  TYR A N   1 
ATOM   660  C CA  . TYR A 1 86  ? 11.232  -15.368 2.711   1.00 10.31 ? 86  TYR A CA  1 
ATOM   661  C C   . TYR A 1 86  ? 9.716   -15.143 2.872   1.00 10.81 ? 86  TYR A C   1 
ATOM   662  O O   . TYR A 1 86  ? 9.233   -14.012 2.873   1.00 7.62  ? 86  TYR A O   1 
ATOM   663  C CB  . TYR A 1 86  ? 12.020  -14.073 2.900   1.00 6.21  ? 86  TYR A CB  1 
ATOM   664  C CG  . TYR A 1 86  ? 12.427  -13.732 4.314   1.00 8.40  ? 86  TYR A CG  1 
ATOM   665  C CD1 . TYR A 1 86  ? 11.726  -14.217 5.420   1.00 5.78  ? 86  TYR A CD1 1 
ATOM   666  C CD2 . TYR A 1 86  ? 13.465  -12.828 4.542   1.00 7.67  ? 86  TYR A CD2 1 
ATOM   667  C CE1 . TYR A 1 86  ? 12.056  -13.792 6.729   1.00 8.48  ? 86  TYR A CE1 1 
ATOM   668  C CE2 . TYR A 1 86  ? 13.800  -12.401 5.821   1.00 6.89  ? 86  TYR A CE2 1 
ATOM   669  C CZ  . TYR A 1 86  ? 13.098  -12.872 6.913   1.00 7.66  ? 86  TYR A CZ  1 
ATOM   670  O OH  . TYR A 1 86  ? 13.454  -12.407 8.165   1.00 7.83  ? 86  TYR A OH  1 
ATOM   671  N N   . PRO A 1 87  ? 8.950   -16.237 3.018   1.00 12.73 ? 87  PRO A N   1 
ATOM   672  C CA  . PRO A 1 87  ? 7.481   -16.223 3.173   1.00 12.69 ? 87  PRO A CA  1 
ATOM   673  C C   . PRO A 1 87  ? 6.911   -15.619 4.457   1.00 12.11 ? 87  PRO A C   1 
ATOM   674  O O   . PRO A 1 87  ? 7.568   -15.568 5.507   1.00 10.42 ? 87  PRO A O   1 
ATOM   675  C CB  . PRO A 1 87  ? 7.110   -17.691 2.998   1.00 12.62 ? 87  PRO A CB  1 
ATOM   676  C CG  . PRO A 1 87  ? 8.307   -18.410 3.627   1.00 14.67 ? 87  PRO A CG  1 
ATOM   677  C CD  . PRO A 1 87  ? 9.491   -17.603 3.133   1.00 12.64 ? 87  PRO A CD  1 
ATOM   678  N N   . TYR A 1 88  ? 5.678   -15.139 4.349   1.00 10.12 ? 88  TYR A N   1 
ATOM   679  C CA  . TYR A 1 88  ? 4.991   -14.510 5.468   1.00 10.78 ? 88  TYR A CA  1 
ATOM   680  C C   . TYR A 1 88  ? 4.394   -15.516 6.456   1.00 11.18 ? 88  TYR A C   1 
ATOM   681  O O   . TYR A 1 88  ? 3.705   -16.446 6.060   1.00 11.60 ? 88  TYR A O   1 
ATOM   682  C CB  . TYR A 1 88  ? 3.907   -13.587 4.915   1.00 8.02  ? 88  TYR A CB  1 
ATOM   683  C CG  . TYR A 1 88  ? 3.167   -12.830 5.970   1.00 7.41  ? 88  TYR A CG  1 
ATOM   684  C CD1 . TYR A 1 88  ? 3.830   -11.906 6.777   1.00 5.58  ? 88  TYR A CD1 1 
ATOM   685  C CD2 . TYR A 1 88  ? 1.803   -13.027 6.155   1.00 4.82  ? 88  TYR A CD2 1 
ATOM   686  C CE1 . TYR A 1 88  ? 3.147   -11.198 7.741   1.00 2.74  ? 88  TYR A CE1 1 
ATOM   687  C CE2 . TYR A 1 88  ? 1.107   -12.327 7.113   1.00 5.52  ? 88  TYR A CE2 1 
ATOM   688  C CZ  . TYR A 1 88  ? 1.784   -11.407 7.901   1.00 3.61  ? 88  TYR A CZ  1 
ATOM   689  O OH  . TYR A 1 88  ? 1.082   -10.666 8.823   1.00 2.22  ? 88  TYR A OH  1 
ATOM   690  N N   . LYS A 1 89  ? 4.614   -15.300 7.758   1.00 12.48 ? 89  LYS A N   1 
ATOM   691  C CA  . LYS A 1 89  ? 4.093   -16.214 8.775   1.00 13.76 ? 89  LYS A CA  1 
ATOM   692  C C   . LYS A 1 89  ? 3.239   -15.557 9.881   1.00 12.59 ? 89  LYS A C   1 
ATOM   693  O O   . LYS A 1 89  ? 2.977   -16.161 10.915  1.00 14.88 ? 89  LYS A O   1 
ATOM   694  C CB  . LYS A 1 89  ? 5.240   -17.019 9.385   1.00 15.21 ? 89  LYS A CB  1 
ATOM   695  C CG  . LYS A 1 89  ? 6.179   -16.165 10.179  1.00 19.67 ? 89  LYS A CG  1 
ATOM   696  C CD  . LYS A 1 89  ? 7.474   -16.849 10.442  1.00 22.48 ? 89  LYS A CD  1 
ATOM   697  C CE  . LYS A 1 89  ? 8.235   -16.017 11.432  1.00 24.70 ? 89  LYS A CE  1 
ATOM   698  N NZ  . LYS A 1 89  ? 9.673   -16.398 11.446  1.00 30.02 ? 89  LYS A NZ  1 
ATOM   699  N N   . ALA A 1 90  ? 2.840   -14.310 9.674   1.00 13.25 ? 90  ALA A N   1 
ATOM   700  C CA  . ALA A 1 90  ? 1.989   -13.615 10.638  1.00 12.23 ? 90  ALA A CA  1 
ATOM   701  C C   . ALA A 1 90  ? 2.523   -13.555 12.071  1.00 14.09 ? 90  ALA A C   1 
ATOM   702  O O   . ALA A 1 90  ? 1.741   -13.552 13.027  1.00 12.86 ? 90  ALA A O   1 
ATOM   703  C CB  . ALA A 1 90  ? 0.572   -14.208 10.610  1.00 14.02 ? 90  ALA A CB  1 
ATOM   704  N N   . LYS A 1 91  ? 3.848   -13.515 12.209  1.00 14.74 ? 91  LYS A N   1 
ATOM   705  C CA  . LYS A 1 91  ? 4.524   -13.400 13.507  1.00 14.58 ? 91  LYS A CA  1 
ATOM   706  C C   . LYS A 1 91  ? 5.936   -12.866 13.300  1.00 13.40 ? 91  LYS A C   1 
ATOM   707  O O   . LYS A 1 91  ? 6.557   -13.133 12.272  1.00 13.08 ? 91  LYS A O   1 
ATOM   708  C CB  . LYS A 1 91  ? 4.561   -14.729 14.273  1.00 18.08 ? 91  LYS A CB  1 
ATOM   709  C CG  . LYS A 1 91  ? 5.230   -15.876 13.553  1.00 25.49 ? 91  LYS A CG  1 
ATOM   710  C CD  . LYS A 1 91  ? 4.831   -17.219 14.180  1.00 30.28 ? 91  LYS A CD  1 
ATOM   711  C CE  . LYS A 1 91  ? 5.467   -18.395 13.430  1.00 33.06 ? 91  LYS A CE  1 
ATOM   712  N NZ  . LYS A 1 91  ? 4.997   -19.744 13.919  1.00 34.95 ? 91  LYS A NZ  1 
ATOM   713  N N   . GLN A 1 92  ? 6.424   -12.066 14.241  1.00 13.35 ? 92  GLN A N   1 
ATOM   714  C CA  . GLN A 1 92  ? 7.766   -11.518 14.104  1.00 14.51 ? 92  GLN A CA  1 
ATOM   715  C C   . GLN A 1 92  ? 8.874   -12.454 14.582  1.00 16.16 ? 92  GLN A C   1 
ATOM   716  O O   . GLN A 1 92  ? 8.883   -12.861 15.744  1.00 17.65 ? 92  GLN A O   1 
ATOM   717  C CB  . GLN A 1 92  ? 7.906   -10.192 14.838  1.00 15.44 ? 92  GLN A CB  1 
ATOM   718  C CG  . GLN A 1 92  ? 9.307   -9.627  14.652  1.00 15.28 ? 92  GLN A CG  1 
ATOM   719  C CD  . GLN A 1 92  ? 9.555   -8.333  15.387  1.00 18.26 ? 92  GLN A CD  1 
ATOM   720  O OE1 . GLN A 1 92  ? 10.070  -7.383  14.815  1.00 20.71 ? 92  GLN A OE1 1 
ATOM   721  N NE2 . GLN A 1 92  ? 9.191   -8.290  16.666  1.00 18.35 ? 92  GLN A NE2 1 
ATOM   722  N N   . GLY A 1 93  ? 9.834   -12.724 13.703  1.00 16.65 ? 93  GLY A N   1 
ATOM   723  C CA  . GLY A 1 93  ? 10.944  -13.596 14.041  1.00 17.26 ? 93  GLY A CA  1 
ATOM   724  C C   . GLY A 1 93  ? 12.300  -12.955 13.799  1.00 19.43 ? 93  GLY A C   1 
ATOM   725  O O   . GLY A 1 93  ? 12.397  -11.785 13.422  1.00 20.09 ? 93  GLY A O   1 
ATOM   726  N N   . THR A 1 94  ? 13.350  -13.739 14.013  1.00 19.58 ? 94  THR A N   1 
ATOM   727  C CA  . THR A 1 94  ? 14.737  -13.306 13.831  1.00 20.82 ? 94  THR A CA  1 
ATOM   728  C C   . THR A 1 94  ? 15.025  -12.852 12.373  1.00 17.67 ? 94  THR A C   1 
ATOM   729  O O   . THR A 1 94  ? 14.605  -13.506 11.422  1.00 19.02 ? 94  THR A O   1 
ATOM   730  C CB  . THR A 1 94  ? 15.698  -14.474 14.281  1.00 22.46 ? 94  THR A CB  1 
ATOM   731  O OG1 . THR A 1 94  ? 17.066  -14.114 14.078  1.00 26.54 ? 94  THR A OG1 1 
ATOM   732  C CG2 . THR A 1 94  ? 15.381  -15.776 13.530  1.00 23.70 ? 94  THR A CG2 1 
ATOM   733  N N   . CYS A 1 95  ? 15.721  -11.729 12.177  1.00 14.49 ? 95  CYS A N   1 
ATOM   734  C CA  . CYS A 1 95  ? 15.991  -11.301 10.805  1.00 13.88 ? 95  CYS A CA  1 
ATOM   735  C C   . CYS A 1 95  ? 16.906  -12.270 10.053  1.00 14.29 ? 95  CYS A C   1 
ATOM   736  O O   . CYS A 1 95  ? 18.017  -12.572 10.477  1.00 15.27 ? 95  CYS A O   1 
ATOM   737  C CB  . CYS A 1 95  ? 16.555  -9.882  10.747  1.00 12.85 ? 95  CYS A CB  1 
ATOM   738  S SG  . CYS A 1 95  ? 16.973  -9.349  9.056   1.00 13.44 ? 95  CYS A SG  1 
ATOM   739  N N   . ARG A 1 96  ? 16.424  -12.746 8.912   1.00 14.15 ? 96  ARG A N   1 
ATOM   740  C CA  . ARG A 1 96  ? 17.202  -13.690 8.140   1.00 17.52 ? 96  ARG A CA  1 
ATOM   741  C C   . ARG A 1 96  ? 17.524  -13.219 6.762   1.00 16.46 ? 96  ARG A C   1 
ATOM   742  O O   . ARG A 1 96  ? 17.890  -14.018 5.907   1.00 15.49 ? 96  ARG A O   1 
ATOM   743  C CB  . ARG A 1 96  ? 16.478  -15.019 8.087   1.00 20.36 ? 96  ARG A CB  1 
ATOM   744  C CG  . ARG A 1 96  ? 16.335  -15.562 9.478   1.00 26.82 ? 96  ARG A CG  1 
ATOM   745  C CD  . ARG A 1 96  ? 15.501  -16.806 9.573   1.00 32.29 ? 96  ARG A CD  1 
ATOM   746  N NE  . ARG A 1 96  ? 15.600  -17.343 10.923  1.00 35.81 ? 96  ARG A NE  1 
ATOM   747  C CZ  . ARG A 1 96  ? 15.187  -18.548 11.299  1.00 37.64 ? 96  ARG A CZ  1 
ATOM   748  N NH1 . ARG A 1 96  ? 14.622  -19.360 10.407  1.00 38.27 ? 96  ARG A NH1 1 
ATOM   749  N NH2 . ARG A 1 96  ? 15.382  -18.946 12.551  1.00 38.36 ? 96  ARG A NH2 1 
ATOM   750  N N   . ALA A 1 97  ? 17.423  -11.911 6.564   1.00 16.19 ? 97  ALA A N   1 
ATOM   751  C CA  . ALA A 1 97  ? 17.701  -11.287 5.281   1.00 18.67 ? 97  ALA A CA  1 
ATOM   752  C C   . ALA A 1 97  ? 18.969  -11.832 4.641   1.00 22.18 ? 97  ALA A C   1 
ATOM   753  O O   . ALA A 1 97  ? 18.986  -12.157 3.457   1.00 21.80 ? 97  ALA A O   1 
ATOM   754  C CB  . ALA A 1 97  ? 17.823  -9.758  5.449   1.00 16.32 ? 97  ALA A CB  1 
ATOM   755  N N   . LYS A 1 98  ? 20.020  -11.978 5.434   1.00 23.29 ? 98  LYS A N   1 
ATOM   756  C CA  . LYS A 1 98  ? 21.299  -12.423 4.907   1.00 26.52 ? 98  LYS A CA  1 
ATOM   757  C C   . LYS A 1 98  ? 21.508  -13.941 4.806   1.00 27.83 ? 98  LYS A C   1 
ATOM   758  O O   . LYS A 1 98  ? 22.545  -14.394 4.319   1.00 28.83 ? 98  LYS A O   1 
ATOM   759  C CB  . LYS A 1 98  ? 22.447  -11.708 5.652   1.00 27.34 ? 98  LYS A CB  1 
ATOM   760  C CG  . LYS A 1 98  ? 22.098  -11.207 7.088   1.00 32.99 ? 98  LYS A CG  1 
ATOM   761  C CD  . LYS A 1 98  ? 21.074  -10.033 7.108   1.00 34.59 ? 98  LYS A CD  1 
ATOM   762  C CE  . LYS A 1 98  ? 20.538  -9.666  8.511   1.00 34.60 ? 98  LYS A CE  1 
ATOM   763  N NZ  . LYS A 1 98  ? 20.679  -8.176  8.742   1.00 35.37 ? 98  LYS A NZ  1 
ATOM   764  N N   . GLN A 1 99  ? 20.529  -14.721 5.279   1.00 29.56 ? 99  GLN A N   1 
ATOM   765  C CA  . GLN A 1 99  ? 20.578  -16.187 5.224   1.00 29.18 ? 99  GLN A CA  1 
ATOM   766  C C   . GLN A 1 99  ? 19.778  -16.651 3.983   1.00 29.19 ? 99  GLN A C   1 
ATOM   767  O O   . GLN A 1 99  ? 20.112  -17.658 3.363   1.00 30.82 ? 99  GLN A O   1 
ATOM   768  C CB  . GLN A 1 99  ? 19.976  -16.832 6.502   1.00 30.23 ? 99  GLN A CB  1 
ATOM   769  C CG  . GLN A 1 99  ? 20.533  -16.356 7.881   1.00 32.07 ? 99  GLN A CG  1 
ATOM   770  C CD  . GLN A 1 99  ? 19.960  -17.149 9.088   1.00 34.15 ? 99  GLN A CD  1 
ATOM   771  O OE1 . GLN A 1 99  ? 18.794  -16.999 9.458   1.00 37.61 ? 99  GLN A OE1 1 
ATOM   772  N NE2 . GLN A 1 99  ? 20.794  -18.006 9.677   1.00 36.30 ? 99  GLN A NE2 1 
ATOM   773  N N   . VAL A 1 100 ? 18.699  -15.932 3.673   1.00 28.36 ? 100 VAL A N   1 
ATOM   774  C CA  . VAL A 1 100 ? 17.865  -16.239 2.505   1.00 25.99 ? 100 VAL A CA  1 
ATOM   775  C C   . VAL A 1 100 ? 18.582  -15.649 1.287   1.00 26.10 ? 100 VAL A C   1 
ATOM   776  O O   . VAL A 1 100 ? 19.197  -14.573 1.363   1.00 27.73 ? 100 VAL A O   1 
ATOM   777  C CB  . VAL A 1 100 ? 16.419  -15.596 2.595   1.00 25.27 ? 100 VAL A CB  1 
ATOM   778  C CG1 . VAL A 1 100 ? 15.693  -16.041 3.854   1.00 20.33 ? 100 VAL A CG1 1 
ATOM   779  C CG2 . VAL A 1 100 ? 16.497  -14.066 2.556   1.00 25.35 ? 100 VAL A CG2 1 
ATOM   780  N N   . GLY A 1 101 ? 18.522  -16.366 0.173   1.00 24.13 ? 101 GLY A N   1 
ATOM   781  C CA  . GLY A 1 101 ? 19.142  -15.893 -1.043  1.00 21.70 ? 101 GLY A CA  1 
ATOM   782  C C   . GLY A 1 101 ? 18.076  -15.555 -2.068  1.00 21.22 ? 101 GLY A C   1 
ATOM   783  O O   . GLY A 1 101 ? 16.961  -15.159 -1.704  1.00 20.31 ? 101 GLY A O   1 
ATOM   784  N N   . GLY A 1 102 ? 18.375  -15.843 -3.331  1.00 19.26 ? 102 GLY A N   1 
ATOM   785  C CA  . GLY A 1 102 ? 17.468  -15.511 -4.416  1.00 18.83 ? 102 GLY A CA  1 
ATOM   786  C C   . GLY A 1 102 ? 17.817  -14.075 -4.789  1.00 18.58 ? 102 GLY A C   1 
ATOM   787  O O   . GLY A 1 102 ? 18.663  -13.466 -4.123  1.00 19.01 ? 102 GLY A O   1 
ATOM   788  N N   . PRO A 1 103 ? 17.249  -13.507 -5.869  1.00 17.24 ? 103 PRO A N   1 
ATOM   789  C CA  . PRO A 1 103 ? 17.607  -12.121 -6.202  1.00 17.38 ? 103 PRO A CA  1 
ATOM   790  C C   . PRO A 1 103 ? 17.002  -11.060 -5.260  1.00 14.77 ? 103 PRO A C   1 
ATOM   791  O O   . PRO A 1 103 ? 16.106  -11.361 -4.461  1.00 14.03 ? 103 PRO A O   1 
ATOM   792  C CB  . PRO A 1 103 ? 17.059  -11.963 -7.627  1.00 17.82 ? 103 PRO A CB  1 
ATOM   793  C CG  . PRO A 1 103 ? 15.832  -12.882 -7.622  1.00 18.28 ? 103 PRO A CG  1 
ATOM   794  C CD  . PRO A 1 103 ? 16.376  -14.107 -6.901  1.00 16.25 ? 103 PRO A CD  1 
ATOM   795  N N   . ILE A 1 104 ? 17.556  -9.845  -5.273  1.00 13.73 ? 104 ILE A N   1 
ATOM   796  C CA  . ILE A 1 104 ? 16.962  -8.766  -4.485  1.00 15.52 ? 104 ILE A CA  1 
ATOM   797  C C   . ILE A 1 104 ? 16.553  -7.615  -5.392  1.00 15.01 ? 104 ILE A C   1 
ATOM   798  O O   . ILE A 1 104 ? 17.216  -7.345  -6.404  1.00 14.17 ? 104 ILE A O   1 
ATOM   799  C CB  . ILE A 1 104 ? 17.882  -8.138  -3.424  1.00 16.52 ? 104 ILE A CB  1 
ATOM   800  C CG1 . ILE A 1 104 ? 19.122  -7.566  -4.074  1.00 18.62 ? 104 ILE A CG1 1 
ATOM   801  C CG2 . ILE A 1 104 ? 18.201  -9.110  -2.311  1.00 19.29 ? 104 ILE A CG2 1 
ATOM   802  C CD1 . ILE A 1 104 ? 20.068  -7.030  -3.054  1.00 23.50 ? 104 ILE A CD1 1 
ATOM   803  N N   . VAL A 1 105 ? 15.437  -6.974  -5.039  1.00 12.37 ? 105 VAL A N   1 
ATOM   804  C CA  . VAL A 1 105 ? 14.926  -5.807  -5.750  1.00 9.99  ? 105 VAL A CA  1 
ATOM   805  C C   . VAL A 1 105 ? 15.369  -4.610  -4.903  1.00 9.32  ? 105 VAL A C   1 
ATOM   806  O O   . VAL A 1 105 ? 15.238  -4.616  -3.671  1.00 6.73  ? 105 VAL A O   1 
ATOM   807  C CB  . VAL A 1 105 ? 13.358  -5.781  -5.854  1.00 10.47 ? 105 VAL A CB  1 
ATOM   808  C CG1 . VAL A 1 105 ? 12.881  -4.427  -6.446  1.00 6.97  ? 105 VAL A CG1 1 
ATOM   809  C CG2 . VAL A 1 105 ? 12.841  -6.957  -6.699  1.00 12.27 ? 105 VAL A CG2 1 
ATOM   810  N N   . LYS A 1 106 ? 15.972  -3.611  -5.534  1.00 9.75  ? 106 LYS A N   1 
ATOM   811  C CA  . LYS A 1 106 ? 16.387  -2.435  -4.784  1.00 13.10 ? 106 LYS A CA  1 
ATOM   812  C C   . LYS A 1 106 ? 15.775  -1.197  -5.427  1.00 9.95  ? 106 LYS A C   1 
ATOM   813  O O   . LYS A 1 106 ? 15.307  -1.246  -6.565  1.00 11.69 ? 106 LYS A O   1 
ATOM   814  C CB  . LYS A 1 106 ? 17.924  -2.357  -4.669  1.00 17.50 ? 106 LYS A CB  1 
ATOM   815  C CG  . LYS A 1 106 ? 18.619  -1.361  -5.598  1.00 22.84 ? 106 LYS A CG  1 
ATOM   816  C CD  . LYS A 1 106 ? 18.929  -1.889  -7.006  1.00 26.39 ? 106 LYS A CD  1 
ATOM   817  C CE  . LYS A 1 106 ? 19.568  -0.754  -7.863  1.00 31.26 ? 106 LYS A CE  1 
ATOM   818  N NZ  . LYS A 1 106 ? 20.149  -1.112  -9.230  1.00 32.64 ? 106 LYS A NZ  1 
ATOM   819  N N   . THR A 1 107 ? 15.685  -0.119  -4.655  1.00 7.80  ? 107 THR A N   1 
ATOM   820  C CA  . THR A 1 107 ? 15.117  1.139   -5.131  1.00 6.68  ? 107 THR A CA  1 
ATOM   821  C C   . THR A 1 107 ? 16.168  2.208   -4.864  1.00 7.35  ? 107 THR A C   1 
ATOM   822  O O   . THR A 1 107 ? 17.165  1.908   -4.205  1.00 4.01  ? 107 THR A O   1 
ATOM   823  C CB  . THR A 1 107 ? 13.806  1.471   -4.391  1.00 7.92  ? 107 THR A CB  1 
ATOM   824  O OG1 . THR A 1 107 ? 14.024  1.406   -2.975  1.00 6.30  ? 107 THR A OG1 1 
ATOM   825  C CG2 . THR A 1 107 ? 12.701  0.493   -4.782  1.00 5.52  ? 107 THR A CG2 1 
ATOM   826  N N   . SER A 1 108 ? 15.920  3.447   -5.280  1.00 6.35  ? 108 SER A N   1 
ATOM   827  C CA  . SER A 1 108 ? 16.883  4.552   -5.134  1.00 6.14  ? 108 SER A CA  1 
ATOM   828  C C   . SER A 1 108 ? 16.612  5.650   -4.100  1.00 6.19  ? 108 SER A C   1 
ATOM   829  O O   . SER A 1 108 ? 17.449  6.542   -3.900  1.00 5.42  ? 108 SER A O   1 
ATOM   830  C CB  . SER A 1 108 ? 17.076  5.198   -6.493  1.00 4.70  ? 108 SER A CB  1 
ATOM   831  O OG  . SER A 1 108 ? 15.814  5.583   -6.995  1.00 3.90  ? 108 SER A OG  1 
ATOM   832  N N   . GLY A 1 109 ? 15.442  5.602   -3.470  1.00 5.97  ? 109 GLY A N   1 
ATOM   833  C CA  . GLY A 1 109 ? 15.065  6.580   -2.460  1.00 4.31  ? 109 GLY A CA  1 
ATOM   834  C C   . GLY A 1 109 ? 13.580  6.461   -2.171  1.00 5.51  ? 109 GLY A C   1 
ATOM   835  O O   . GLY A 1 109 ? 12.943  5.471   -2.547  1.00 6.59  ? 109 GLY A O   1 
ATOM   836  N N   . VAL A 1 110 ? 13.009  7.468   -1.524  1.00 2.00  ? 110 VAL A N   1 
ATOM   837  C CA  . VAL A 1 110 ? 11.578  7.455   -1.205  1.00 6.62  ? 110 VAL A CA  1 
ATOM   838  C C   . VAL A 1 110 ? 11.062  8.885   -1.246  1.00 7.10  ? 110 VAL A C   1 
ATOM   839  O O   . VAL A 1 110 ? 11.801  9.824   -0.936  1.00 6.46  ? 110 VAL A O   1 
ATOM   840  C CB  . VAL A 1 110 ? 11.248  6.693   0.161   1.00 10.83 ? 110 VAL A CB  1 
ATOM   841  C CG1 . VAL A 1 110 ? 12.503  6.317   0.929   1.00 9.27  ? 110 VAL A CG1 1 
ATOM   842  C CG2 . VAL A 1 110 ? 10.243  7.457   1.038   1.00 9.80  ? 110 VAL A CG2 1 
ATOM   843  N N   . GLY A 1 111 ? 9.856   9.060   -1.790  1.00 2.32  ? 111 GLY A N   1 
ATOM   844  C CA  . GLY A 1 111 ? 9.266   10.382  -1.876  1.00 2.53  ? 111 GLY A CA  1 
ATOM   845  C C   . GLY A 1 111 ? 8.109   10.542  -0.913  1.00 4.22  ? 111 GLY A C   1 
ATOM   846  O O   . GLY A 1 111 ? 7.424   9.568   -0.596  1.00 6.92  ? 111 GLY A O   1 
ATOM   847  N N   . ARG A 1 112 ? 7.931   11.761  -0.412  1.00 5.61  ? 112 ARG A N   1 
ATOM   848  C CA  . ARG A 1 112 ? 6.835   12.096  0.503   1.00 6.93  ? 112 ARG A CA  1 
ATOM   849  C C   . ARG A 1 112 ? 5.884   13.076  -0.181  1.00 5.77  ? 112 ARG A C   1 
ATOM   850  O O   . ARG A 1 112 ? 6.304   14.149  -0.615  1.00 5.98  ? 112 ARG A O   1 
ATOM   851  C CB  . ARG A 1 112 ? 7.375   12.750  1.787   1.00 9.67  ? 112 ARG A CB  1 
ATOM   852  C CG  . ARG A 1 112 ? 6.283   13.409  2.656   1.00 12.65 ? 112 ARG A CG  1 
ATOM   853  C CD  . ARG A 1 112 ? 6.830   14.010  3.946   1.00 12.37 ? 112 ARG A CD  1 
ATOM   854  N NE  . ARG A 1 112 ? 5.951   15.044  4.492   1.00 15.74 ? 112 ARG A NE  1 
ATOM   855  C CZ  . ARG A 1 112 ? 4.807   14.818  5.134   1.00 16.80 ? 112 ARG A CZ  1 
ATOM   856  N NH1 . ARG A 1 112 ? 4.365   13.579  5.329   1.00 19.86 ? 112 ARG A NH1 1 
ATOM   857  N NH2 . ARG A 1 112 ? 4.127   15.841  5.629   1.00 17.62 ? 112 ARG A NH2 1 
ATOM   858  N N   . VAL A 1 113 ? 4.606   12.718  -0.342  1.00 7.12  ? 113 VAL A N   1 
ATOM   859  C CA  . VAL A 1 113 ? 3.691   13.681  -0.957  1.00 7.11  ? 113 VAL A CA  1 
ATOM   860  C C   . VAL A 1 113 ? 3.147   14.621  0.110   1.00 5.81  ? 113 VAL A C   1 
ATOM   861  O O   . VAL A 1 113 ? 2.960   14.216  1.261   1.00 5.06  ? 113 VAL A O   1 
ATOM   862  C CB  . VAL A 1 113 ? 2.527   13.026  -1.819  1.00 9.94  ? 113 VAL A CB  1 
ATOM   863  C CG1 . VAL A 1 113 ? 2.516   11.530  -1.711  1.00 8.15  ? 113 VAL A CG1 1 
ATOM   864  C CG2 . VAL A 1 113 ? 1.163   13.637  -1.505  1.00 10.23 ? 113 VAL A CG2 1 
ATOM   865  N N   . GLN A 1 114 ? 2.981   15.898  -0.221  1.00 6.09  ? 114 GLN A N   1 
ATOM   866  C CA  . GLN A 1 114 ? 2.428   16.836  0.756   1.00 8.62  ? 114 GLN A CA  1 
ATOM   867  C C   . GLN A 1 114 ? 0.991   16.377  1.031   1.00 7.94  ? 114 GLN A C   1 
ATOM   868  O O   . GLN A 1 114 ? 0.160   16.329  0.119   1.00 7.90  ? 114 GLN A O   1 
ATOM   869  C CB  . GLN A 1 114 ? 2.444   18.259  0.203   1.00 10.86 ? 114 GLN A CB  1 
ATOM   870  C CG  . GLN A 1 114 ? 1.949   19.302  1.192   1.00 11.47 ? 114 GLN A CG  1 
ATOM   871  C CD  . GLN A 1 114 ? 2.773   19.342  2.471   1.00 12.04 ? 114 GLN A CD  1 
ATOM   872  O OE1 . GLN A 1 114 ? 3.955   18.971  2.488   1.00 14.74 ? 114 GLN A OE1 1 
ATOM   873  N NE2 . GLN A 1 114 ? 2.150   19.775  3.554   1.00 15.76 ? 114 GLN A NE2 1 
ATOM   874  N N   . PRO A 1 115 ? 0.686   15.998  2.284   1.00 8.02  ? 115 PRO A N   1 
ATOM   875  C CA  . PRO A 1 115 ? -0.645  15.527  2.675   1.00 7.44  ? 115 PRO A CA  1 
ATOM   876  C C   . PRO A 1 115 ? -1.811  16.521  2.579   1.00 10.16 ? 115 PRO A C   1 
ATOM   877  O O   . PRO A 1 115 ? -1.620  17.731  2.351   1.00 9.15  ? 115 PRO A O   1 
ATOM   878  C CB  . PRO A 1 115 ? -0.416  15.044  4.107   1.00 8.44  ? 115 PRO A CB  1 
ATOM   879  C CG  . PRO A 1 115 ? 0.647   15.965  4.603   1.00 8.24  ? 115 PRO A CG  1 
ATOM   880  C CD  . PRO A 1 115 ? 1.596   16.011  3.443   1.00 9.73  ? 115 PRO A CD  1 
ATOM   881  N N   . ASN A 1 116 ? -3.013  15.955  2.711   1.00 7.29  ? 116 ASN A N   1 
ATOM   882  C CA  . ASN A 1 116 ? -4.277  16.688  2.701   1.00 6.54  ? 116 ASN A CA  1 
ATOM   883  C C   . ASN A 1 116 ? -4.593  17.491  1.445   1.00 5.86  ? 116 ASN A C   1 
ATOM   884  O O   . ASN A 1 116 ? -5.186  18.574  1.506   1.00 7.23  ? 116 ASN A O   1 
ATOM   885  C CB  . ASN A 1 116 ? -4.370  17.562  3.952   1.00 9.03  ? 116 ASN A CB  1 
ATOM   886  C CG  . ASN A 1 116 ? -4.216  16.762  5.248   1.00 9.69  ? 116 ASN A CG  1 
ATOM   887  O OD1 . ASN A 1 116 ? -3.649  17.243  6.216   1.00 19.63 ? 116 ASN A OD1 1 
ATOM   888  N ND2 . ASN A 1 116 ? -4.701  15.533  5.250   1.00 14.31 ? 116 ASN A ND2 1 
ATOM   889  N N   . ASN A 1 117 ? -4.266  16.932  0.292   1.00 4.33  ? 117 ASN A N   1 
ATOM   890  C CA  . ASN A 1 117 ? -4.520  17.613  -0.962  1.00 6.03  ? 117 ASN A CA  1 
ATOM   891  C C   . ASN A 1 117 ? -4.775  16.587  -2.031  1.00 7.09  ? 117 ASN A C   1 
ATOM   892  O O   . ASN A 1 117 ? -3.893  15.794  -2.380  1.00 7.25  ? 117 ASN A O   1 
ATOM   893  C CB  . ASN A 1 117 ? -3.331  18.480  -1.381  1.00 7.60  ? 117 ASN A CB  1 
ATOM   894  C CG  . ASN A 1 117 ? -3.603  19.253  -2.658  1.00 7.34  ? 117 ASN A CG  1 
ATOM   895  O OD1 . ASN A 1 117 ? -3.199  18.859  -3.752  1.00 7.16  ? 117 ASN A OD1 1 
ATOM   896  N ND2 . ASN A 1 117 ? -4.349  20.333  -2.532  1.00 11.90 ? 117 ASN A ND2 1 
ATOM   897  N N   . GLU A 1 118 ? -5.973  16.639  -2.587  1.00 7.18  ? 118 GLU A N   1 
ATOM   898  C CA  . GLU A 1 118 ? -6.353  15.711  -3.626  1.00 5.27  ? 118 GLU A CA  1 
ATOM   899  C C   . GLU A 1 118 ? -5.377  15.680  -4.801  1.00 7.29  ? 118 GLU A C   1 
ATOM   900  O O   . GLU A 1 118 ? -4.866  14.615  -5.173  1.00 8.57  ? 118 GLU A O   1 
ATOM   901  C CB  . GLU A 1 118 ? -7.728  16.090  -4.126  1.00 4.63  ? 118 GLU A CB  1 
ATOM   902  C CG  . GLU A 1 118 ? -8.099  15.355  -5.349  1.00 7.36  ? 118 GLU A CG  1 
ATOM   903  C CD  . GLU A 1 118 ? -9.432  15.789  -5.885  1.00 9.94  ? 118 GLU A CD  1 
ATOM   904  O OE1 . GLU A 1 118 ? -9.682  17.012  -6.017  1.00 10.47 ? 118 GLU A OE1 1 
ATOM   905  O OE2 . GLU A 1 118 ? -10.233 14.890  -6.183  1.00 11.61 ? 118 GLU A OE2 1 
ATOM   906  N N   . GLY A 1 119 ? -5.121  16.855  -5.371  1.00 5.29  ? 119 GLY A N   1 
ATOM   907  C CA  . GLY A 1 119 ? -4.228  16.991  -6.516  1.00 4.91  ? 119 GLY A CA  1 
ATOM   908  C C   . GLY A 1 119 ? -2.859  16.371  -6.373  1.00 4.71  ? 119 GLY A C   1 
ATOM   909  O O   . GLY A 1 119 ? -2.381  15.697  -7.301  1.00 5.18  ? 119 GLY A O   1 
ATOM   910  N N   . ASN A 1 120 ? -2.227  16.608  -5.221  1.00 3.97  ? 120 ASN A N   1 
ATOM   911  C CA  . ASN A 1 120 ? -0.893  16.087  -4.911  1.00 5.42  ? 120 ASN A CA  1 
ATOM   912  C C   . ASN A 1 120 ? -0.891  14.577  -5.010  1.00 5.00  ? 120 ASN A C   1 
ATOM   913  O O   . ASN A 1 120 ? 0.033   13.971  -5.571  1.00 2.65  ? 120 ASN A O   1 
ATOM   914  C CB  . ASN A 1 120 ? -0.468  16.467  -3.483  1.00 2.89  ? 120 ASN A CB  1 
ATOM   915  C CG  . ASN A 1 120 ? -0.036  17.917  -3.342  1.00 5.45  ? 120 ASN A CG  1 
ATOM   916  O OD1 . ASN A 1 120 ? 0.151   18.394  -2.228  1.00 8.96  ? 120 ASN A OD1 1 
ATOM   917  N ND2 . ASN A 1 120 ? 0.148   18.616  -4.460  1.00 2.35  ? 120 ASN A ND2 1 
ATOM   918  N N   . LEU A 1 121 ? -1.934  13.984  -4.444  1.00 3.83  ? 121 LEU A N   1 
ATOM   919  C CA  . LEU A 1 121 ? -2.106  12.538  -4.435  1.00 6.98  ? 121 LEU A CA  1 
ATOM   920  C C   . LEU A 1 121 ? -2.380  11.953  -5.827  1.00 7.29  ? 121 LEU A C   1 
ATOM   921  O O   . LEU A 1 121 ? -1.760  10.947  -6.217  1.00 6.61  ? 121 LEU A O   1 
ATOM   922  C CB  . LEU A 1 121 ? -3.210  12.167  -3.441  1.00 8.14  ? 121 LEU A CB  1 
ATOM   923  C CG  . LEU A 1 121 ? -3.359  10.690  -3.057  1.00 9.69  ? 121 LEU A CG  1 
ATOM   924  C CD1 . LEU A 1 121 ? -1.977  10.045  -2.915  1.00 7.48  ? 121 LEU A CD1 1 
ATOM   925  C CD2 . LEU A 1 121 ? -4.179  10.572  -1.756  1.00 9.67  ? 121 LEU A CD2 1 
ATOM   926  N N   . LEU A 1 122 ? -3.273  12.581  -6.599  1.00 8.58  ? 122 LEU A N   1 
ATOM   927  C CA  . LEU A 1 122 ? -3.596  12.082  -7.939  1.00 8.08  ? 122 LEU A CA  1 
ATOM   928  C C   . LEU A 1 122 ? -2.369  12.063  -8.858  1.00 6.38  ? 122 LEU A C   1 
ATOM   929  O O   . LEU A 1 122 ? -2.147  11.086  -9.575  1.00 6.06  ? 122 LEU A O   1 
ATOM   930  C CB  . LEU A 1 122 ? -4.773  12.847  -8.578  1.00 7.01  ? 122 LEU A CB  1 
ATOM   931  C CG  . LEU A 1 122 ? -6.160  12.729  -7.927  1.00 9.72  ? 122 LEU A CG  1 
ATOM   932  C CD1 . LEU A 1 122 ? -7.216  13.348  -8.841  1.00 12.98 ? 122 LEU A CD1 1 
ATOM   933  C CD2 . LEU A 1 122 ? -6.508  11.270  -7.651  1.00 9.76  ? 122 LEU A CD2 1 
ATOM   934  N N   . ASN A 1 123 ? -1.570  13.132  -8.832  1.00 5.80  ? 123 ASN A N   1 
ATOM   935  C CA  . ASN A 1 123 ? -0.341  13.193  -9.627  1.00 4.57  ? 123 ASN A CA  1 
ATOM   936  C C   . ASN A 1 123 ? 0.630   12.084  -9.222  1.00 3.08  ? 123 ASN A C   1 
ATOM   937  O O   . ASN A 1 123 ? 1.351   11.570  -10.063 1.00 4.47  ? 123 ASN A O   1 
ATOM   938  C CB  . ASN A 1 123 ? 0.356   14.551  -9.469  1.00 4.96  ? 123 ASN A CB  1 
ATOM   939  C CG  . ASN A 1 123 ? -0.175  15.593  -10.433 1.00 7.97  ? 123 ASN A CG  1 
ATOM   940  O OD1 . ASN A 1 123 ? 0.157   15.590  -11.614 1.00 9.88  ? 123 ASN A OD1 1 
ATOM   941  N ND2 . ASN A 1 123 ? -1.018  16.489  -9.929  1.00 8.11  ? 123 ASN A ND2 1 
ATOM   942  N N   . ALA A 1 124 ? 0.688   11.728  -7.941  1.00 2.02  ? 124 ALA A N   1 
ATOM   943  C CA  . ALA A 1 124 ? 1.582   10.651  -7.489  1.00 2.50  ? 124 ALA A CA  1 
ATOM   944  C C   . ALA A 1 124 ? 1.067   9.304   -7.996  1.00 3.79  ? 124 ALA A C   1 
ATOM   945  O O   . ALA A 1 124 ? 1.840   8.476   -8.491  1.00 2.46  ? 124 ALA A O   1 
ATOM   946  C CB  . ALA A 1 124 ? 1.684   10.639  -5.961  1.00 6.12  ? 124 ALA A CB  1 
ATOM   947  N N   . ILE A 1 125 ? -0.245  9.100   -7.901  1.00 4.62  ? 125 ILE A N   1 
ATOM   948  C CA  . ILE A 1 125 ? -0.863  7.856   -8.362  1.00 3.66  ? 125 ILE A CA  1 
ATOM   949  C C   . ILE A 1 125 ? -0.767  7.679   -9.881  1.00 4.04  ? 125 ILE A C   1 
ATOM   950  O O   . ILE A 1 125 ? -0.534  6.564   -10.355 1.00 3.94  ? 125 ILE A O   1 
ATOM   951  C CB  . ILE A 1 125 ? -2.339  7.717   -7.882  1.00 2.93  ? 125 ILE A CB  1 
ATOM   952  C CG1 . ILE A 1 125 ? -2.379  7.663   -6.354  1.00 3.74  ? 125 ILE A CG1 1 
ATOM   953  C CG2 . ILE A 1 125 ? -2.941  6.412   -8.395  1.00 3.65  ? 125 ILE A CG2 1 
ATOM   954  C CD1 . ILE A 1 125 ? -3.765  7.761   -5.766  1.00 3.76  ? 125 ILE A CD1 1 
ATOM   955  N N   . ALA A 1 126 ? -0.901  8.768   -10.640 1.00 3.26  ? 126 ALA A N   1 
ATOM   956  C CA  . ALA A 1 126 ? -0.802  8.712   -12.104 1.00 4.92  ? 126 ALA A CA  1 
ATOM   957  C C   . ALA A 1 126 ? 0.528   8.069   -12.492 1.00 6.23  ? 126 ALA A C   1 
ATOM   958  O O   . ALA A 1 126 ? 0.634   7.368   -13.506 1.00 6.28  ? 126 ALA A O   1 
ATOM   959  C CB  . ALA A 1 126 ? -0.912  10.131  -12.699 1.00 3.78  ? 126 ALA A CB  1 
ATOM   960  N N   . LYS A 1 127 ? 1.513   8.269   -11.633 1.00 6.77  ? 127 LYS A N   1 
ATOM   961  C CA  . LYS A 1 127 ? 2.859   7.748   -11.808 1.00 7.49  ? 127 LYS A CA  1 
ATOM   962  C C   . LYS A 1 127 ? 3.091   6.294   -11.440 1.00 6.86  ? 127 LYS A C   1 
ATOM   963  O O   . LYS A 1 127 ? 3.823   5.586   -12.136 1.00 6.16  ? 127 LYS A O   1 
ATOM   964  C CB  . LYS A 1 127 ? 3.794   8.539   -10.921 1.00 11.82 ? 127 LYS A CB  1 
ATOM   965  C CG  . LYS A 1 127 ? 4.991   8.990   -11.620 1.00 16.78 ? 127 LYS A CG  1 
ATOM   966  C CD  . LYS A 1 127 ? 4.666   10.270  -12.349 1.00 19.05 ? 127 LYS A CD  1 
ATOM   967  C CE  . LYS A 1 127 ? 5.380   11.470  -11.699 1.00 22.61 ? 127 LYS A CE  1 
ATOM   968  N NZ  . LYS A 1 127 ? 4.468   12.405  -10.937 1.00 21.50 ? 127 LYS A NZ  1 
ATOM   969  N N   . GLN A 1 128 ? 2.514   5.854   -10.322 1.00 4.40  ? 128 GLN A N   1 
ATOM   970  C CA  . GLN A 1 128 ? 2.752   4.504   -9.805  1.00 4.38  ? 128 GLN A CA  1 
ATOM   971  C C   . GLN A 1 128 ? 1.895   4.241   -8.571  1.00 2.55  ? 128 GLN A C   1 
ATOM   972  O O   . GLN A 1 128 ? 1.203   5.133   -8.097  1.00 5.31  ? 128 GLN A O   1 
ATOM   973  C CB  . GLN A 1 128 ? 4.206   4.479   -9.317  1.00 6.69  ? 128 GLN A CB  1 
ATOM   974  C CG  . GLN A 1 128 ? 4.438   5.518   -8.187  1.00 6.91  ? 128 GLN A CG  1 
ATOM   975  C CD  . GLN A 1 128 ? 5.895   5.772   -7.854  1.00 10.88 ? 128 GLN A CD  1 
ATOM   976  O OE1 . GLN A 1 128 ? 6.448   6.801   -8.237  1.00 8.24  ? 128 GLN A OE1 1 
ATOM   977  N NE2 . GLN A 1 128 ? 6.512   4.855   -7.106  1.00 7.99  ? 128 GLN A NE2 1 
ATOM   978  N N   . PRO A 1 129 ? 1.913   2.996   -8.041  1.00 3.48  ? 129 PRO A N   1 
ATOM   979  C CA  . PRO A 1 129 ? 1.135   2.679   -6.836  1.00 2.02  ? 129 PRO A CA  1 
ATOM   980  C C   . PRO A 1 129 ? 1.698   3.522   -5.655  1.00 3.37  ? 129 PRO A C   1 
ATOM   981  O O   . PRO A 1 129 ? 2.915   3.705   -5.537  1.00 4.79  ? 129 PRO A O   1 
ATOM   982  C CB  . PRO A 1 129 ? 1.422   1.190   -6.645  1.00 2.82  ? 129 PRO A CB  1 
ATOM   983  C CG  . PRO A 1 129 ? 1.525   0.691   -8.086  1.00 2.99  ? 129 PRO A CG  1 
ATOM   984  C CD  . PRO A 1 129 ? 2.366   1.769   -8.732  1.00 2.00  ? 129 PRO A CD  1 
ATOM   985  N N   . VAL A 1 130 ? 0.826   4.000   -4.770  1.00 2.00  ? 130 VAL A N   1 
ATOM   986  C CA  . VAL A 1 130 ? 1.228   4.850   -3.637  1.00 2.01  ? 130 VAL A CA  1 
ATOM   987  C C   . VAL A 1 130 ? 0.790   4.277   -2.269  1.00 3.38  ? 130 VAL A C   1 
ATOM   988  O O   . VAL A 1 130 ? -0.331  3.791   -2.128  1.00 6.09  ? 130 VAL A O   1 
ATOM   989  C CB  . VAL A 1 130 ? 0.578   6.299   -3.809  1.00 2.00  ? 130 VAL A CB  1 
ATOM   990  C CG1 . VAL A 1 130 ? 0.866   7.203   -2.624  1.00 3.60  ? 130 VAL A CG1 1 
ATOM   991  C CG2 . VAL A 1 130 ? 1.086   6.984   -5.072  1.00 2.01  ? 130 VAL A CG2 1 
ATOM   992  N N   . SER A 1 131 ? 1.660   4.337   -1.256  1.00 4.43  ? 131 SER A N   1 
ATOM   993  C CA  . SER A 1 131 ? 1.286   3.888   0.098   1.00 4.68  ? 131 SER A CA  1 
ATOM   994  C C   . SER A 1 131 ? 0.408   4.980   0.748   1.00 6.49  ? 131 SER A C   1 
ATOM   995  O O   . SER A 1 131 ? 0.833   6.136   0.861   1.00 5.88  ? 131 SER A O   1 
ATOM   996  C CB  . SER A 1 131 ? 2.542   3.655   0.957   1.00 2.55  ? 131 SER A CB  1 
ATOM   997  O OG  . SER A 1 131 ? 2.199   3.416   2.320   1.00 8.33  ? 131 SER A OG  1 
ATOM   998  N N   . VAL A 1 132 ? -0.815  4.644   1.158   1.00 3.90  ? 132 VAL A N   1 
ATOM   999  C CA  . VAL A 1 132 ? -1.712  5.623   1.781   1.00 3.66  ? 132 VAL A CA  1 
ATOM   1000 C C   . VAL A 1 132 ? -2.293  5.092   3.104   1.00 2.52  ? 132 VAL A C   1 
ATOM   1001 O O   . VAL A 1 132 ? -2.179  3.902   3.399   1.00 2.97  ? 132 VAL A O   1 
ATOM   1002 C CB  . VAL A 1 132 ? -2.865  6.080   0.800   1.00 5.90  ? 132 VAL A CB  1 
ATOM   1003 C CG1 . VAL A 1 132 ? -2.293  6.688   -0.501  1.00 3.65  ? 132 VAL A CG1 1 
ATOM   1004 C CG2 . VAL A 1 132 ? -3.820  4.933   0.504   1.00 3.45  ? 132 VAL A CG2 1 
ATOM   1005 N N   . VAL A 1 133 ? -2.893  5.962   3.914   1.00 3.92  ? 133 VAL A N   1 
ATOM   1006 C CA  . VAL A 1 133 ? -3.464  5.555   5.202   1.00 5.81  ? 133 VAL A CA  1 
ATOM   1007 C C   . VAL A 1 133 ? -4.948  5.852   5.323   1.00 6.00  ? 133 VAL A C   1 
ATOM   1008 O O   . VAL A 1 133 ? -5.473  6.747   4.654   1.00 5.64  ? 133 VAL A O   1 
ATOM   1009 C CB  . VAL A 1 133 ? -2.704  6.173   6.420   1.00 4.30  ? 133 VAL A CB  1 
ATOM   1010 C CG1 . VAL A 1 133 ? -1.224  5.753   6.398   1.00 6.54  ? 133 VAL A CG1 1 
ATOM   1011 C CG2 . VAL A 1 133 ? -2.858  7.696   6.444   1.00 6.96  ? 133 VAL A CG2 1 
ATOM   1012 N N   . VAL A 1 134 ? -5.602  5.127   6.222   1.00 6.55  ? 134 VAL A N   1 
ATOM   1013 C CA  . VAL A 1 134 ? -7.037  5.263   6.407   1.00 6.92  ? 134 VAL A CA  1 
ATOM   1014 C C   . VAL A 1 134 ? -7.486  4.802   7.791   1.00 7.88  ? 134 VAL A C   1 
ATOM   1015 O O   . VAL A 1 134 ? -6.754  4.099   8.510   1.00 9.79  ? 134 VAL A O   1 
ATOM   1016 C CB  . VAL A 1 134 ? -7.788  4.461   5.269   1.00 8.54  ? 134 VAL A CB  1 
ATOM   1017 C CG1 . VAL A 1 134 ? -7.717  2.932   5.490   1.00 4.28  ? 134 VAL A CG1 1 
ATOM   1018 C CG2 . VAL A 1 134 ? -9.214  4.943   5.112   1.00 8.88  ? 134 VAL A CG2 1 
ATOM   1019 N N   . GLU A 1 135 ? -8.632  5.324   8.217   1.00 8.98  ? 135 GLU A N   1 
ATOM   1020 C CA  . GLU A 1 135 ? -9.224  4.920   9.479   1.00 7.94  ? 135 GLU A CA  1 
ATOM   1021 C C   . GLU A 1 135 ? -10.060 3.681   9.167   1.00 8.01  ? 135 GLU A C   1 
ATOM   1022 O O   . GLU A 1 135 ? -11.038 3.740   8.423   1.00 8.06  ? 135 GLU A O   1 
ATOM   1023 C CB  . GLU A 1 135 ? -10.126 5.997   10.041  1.00 9.58  ? 135 GLU A CB  1 
ATOM   1024 C CG  . GLU A 1 135 ? -10.700 5.586   11.361  1.00 11.32 ? 135 GLU A CG  1 
ATOM   1025 C CD  . GLU A 1 135 ? -11.819 6.478   11.789  1.00 12.23 ? 135 GLU A CD  1 
ATOM   1026 O OE1 . GLU A 1 135 ? -11.552 7.511   12.429  1.00 12.33 ? 135 GLU A OE1 1 
ATOM   1027 O OE2 . GLU A 1 135 ? -12.974 6.144   11.476  1.00 14.64 ? 135 GLU A OE2 1 
ATOM   1028 N N   . SER A 1 136 ? -9.655  2.556   9.726   1.00 8.74  ? 136 SER A N   1 
ATOM   1029 C CA  . SER A 1 136 ? -10.363 1.316   9.474   1.00 9.33  ? 136 SER A CA  1 
ATOM   1030 C C   . SER A 1 136 ? -11.164 0.790   10.661  1.00 9.46  ? 136 SER A C   1 
ATOM   1031 O O   . SER A 1 136 ? -11.876 -0.199  10.499  1.00 9.25  ? 136 SER A O   1 
ATOM   1032 C CB  . SER A 1 136 ? -9.357  0.254   9.049   1.00 6.60  ? 136 SER A CB  1 
ATOM   1033 O OG  . SER A 1 136 ? -8.507  -0.075  10.138  1.00 8.94  ? 136 SER A OG  1 
ATOM   1034 N N   . LYS A 1 137 ? -11.119 1.462   11.815  1.00 10.98 ? 137 LYS A N   1 
ATOM   1035 C CA  . LYS A 1 137 ? -11.798 0.966   13.029  1.00 11.58 ? 137 LYS A CA  1 
ATOM   1036 C C   . LYS A 1 137 ? -13.323 0.900   13.043  1.00 12.41 ? 137 LYS A C   1 
ATOM   1037 O O   . LYS A 1 137 ? -13.918 0.139   13.808  1.00 14.26 ? 137 LYS A O   1 
ATOM   1038 C CB  . LYS A 1 137 ? -11.307 1.706   14.293  1.00 10.04 ? 137 LYS A CB  1 
ATOM   1039 C CG  . LYS A 1 137 ? -11.906 3.100   14.505  1.00 13.00 ? 137 LYS A CG  1 
ATOM   1040 C CD  . LYS A 1 137 ? -11.566 3.702   15.878  1.00 11.37 ? 137 LYS A CD  1 
ATOM   1041 C CE  . LYS A 1 137 ? -10.072 4.055   16.025  1.00 16.69 ? 137 LYS A CE  1 
ATOM   1042 N NZ  . LYS A 1 137 ? -9.455  4.939   14.943  1.00 15.48 ? 137 LYS A NZ  1 
ATOM   1043 N N   . GLY A 1 138 ? -13.958 1.674   12.178  1.00 12.04 ? 138 GLY A N   1 
ATOM   1044 C CA  . GLY A 1 138 ? -15.403 1.690   12.165  1.00 12.21 ? 138 GLY A CA  1 
ATOM   1045 C C   . GLY A 1 138 ? -16.008 0.473   11.516  1.00 13.25 ? 138 GLY A C   1 
ATOM   1046 O O   . GLY A 1 138 ? -15.468 -0.058  10.540  1.00 12.56 ? 138 GLY A O   1 
ATOM   1047 N N   . ARG A 1 139 ? -17.181 0.091   12.005  1.00 13.42 ? 139 ARG A N   1 
ATOM   1048 C CA  . ARG A 1 139 ? -17.916 -1.054  11.478  1.00 14.60 ? 139 ARG A CA  1 
ATOM   1049 C C   . ARG A 1 139 ? -18.199 -0.948  9.954   1.00 11.62 ? 139 ARG A C   1 
ATOM   1050 O O   . ARG A 1 139 ? -18.038 -1.938  9.237   1.00 11.07 ? 139 ARG A O   1 
ATOM   1051 C CB  . ARG A 1 139 ? -19.195 -1.278  12.304  1.00 19.06 ? 139 ARG A CB  1 
ATOM   1052 C CG  . ARG A 1 139 ? -20.009 -2.494  11.912  1.00 26.73 ? 139 ARG A CG  1 
ATOM   1053 C CD  . ARG A 1 139 ? -21.221 -2.712  12.840  1.00 30.90 ? 139 ARG A CD  1 
ATOM   1054 N NE  . ARG A 1 139 ? -21.257 -4.097  13.313  1.00 37.78 ? 139 ARG A NE  1 
ATOM   1055 C CZ  . ARG A 1 139 ? -22.228 -4.979  13.076  1.00 39.04 ? 139 ARG A CZ  1 
ATOM   1056 N NH1 . ARG A 1 139 ? -23.309 -4.634  12.370  1.00 39.37 ? 139 ARG A NH1 1 
ATOM   1057 N NH2 . ARG A 1 139 ? -22.058 -6.245  13.455  1.00 41.95 ? 139 ARG A NH2 1 
ATOM   1058 N N   . PRO A 1 140 ? -18.617 0.247   9.436   1.00 10.06 ? 140 PRO A N   1 
ATOM   1059 C CA  . PRO A 1 140 ? -18.895 0.433   8.000   1.00 10.25 ? 140 PRO A CA  1 
ATOM   1060 C C   . PRO A 1 140 ? -17.717 -0.070  7.143   1.00 10.94 ? 140 PRO A C   1 
ATOM   1061 O O   . PRO A 1 140 ? -17.910 -0.834  6.193   1.00 11.54 ? 140 PRO A O   1 
ATOM   1062 C CB  . PRO A 1 140 ? -19.023 1.955   7.876   1.00 7.52  ? 140 PRO A CB  1 
ATOM   1063 C CG  . PRO A 1 140 ? -19.609 2.348   9.149   1.00 8.43  ? 140 PRO A CG  1 
ATOM   1064 C CD  . PRO A 1 140 ? -18.920 1.484   10.181  1.00 7.58  ? 140 PRO A CD  1 
ATOM   1065 N N   . PHE A 1 141 ? -16.502 0.345   7.517   1.00 10.11 ? 141 PHE A N   1 
ATOM   1066 C CA  . PHE A 1 141 ? -15.281 -0.064  6.805   1.00 10.75 ? 141 PHE A CA  1 
ATOM   1067 C C   . PHE A 1 141 ? -15.032 -1.574  6.897   1.00 9.81  ? 141 PHE A C   1 
ATOM   1068 O O   . PHE A 1 141 ? -14.718 -2.200  5.888   1.00 13.61 ? 141 PHE A O   1 
ATOM   1069 C CB  . PHE A 1 141 ? -14.035 0.715   7.288   1.00 6.74  ? 141 PHE A CB  1 
ATOM   1070 C CG  . PHE A 1 141 ? -12.815 0.560   6.389   1.00 6.70  ? 141 PHE A CG  1 
ATOM   1071 C CD1 . PHE A 1 141 ? -11.905 -0.480  6.587   1.00 8.90  ? 141 PHE A CD1 1 
ATOM   1072 C CD2 . PHE A 1 141 ? -12.593 1.439   5.330   1.00 7.82  ? 141 PHE A CD2 1 
ATOM   1073 C CE1 . PHE A 1 141 ? -10.780 -0.633  5.750   1.00 7.96  ? 141 PHE A CE1 1 
ATOM   1074 C CE2 . PHE A 1 141 ? -11.474 1.298   4.490   1.00 7.90  ? 141 PHE A CE2 1 
ATOM   1075 C CZ  . PHE A 1 141 ? -10.574 0.253   4.696   1.00 8.01  ? 141 PHE A CZ  1 
ATOM   1076 N N   . GLN A 1 142 ? -15.166 -2.165  8.082   1.00 11.61 ? 142 GLN A N   1 
ATOM   1077 C CA  . GLN A 1 142 ? -14.950 -3.610  8.249   1.00 12.36 ? 142 GLN A CA  1 
ATOM   1078 C C   . GLN A 1 142 ? -15.988 -4.469  7.521   1.00 11.18 ? 142 GLN A C   1 
ATOM   1079 O O   . GLN A 1 142 ? -15.676 -5.530  6.984   1.00 12.41 ? 142 GLN A O   1 
ATOM   1080 C CB  . GLN A 1 142 ? -14.956 -3.974  9.721   1.00 14.14 ? 142 GLN A CB  1 
ATOM   1081 C CG  . GLN A 1 142 ? -13.925 -3.275  10.525  1.00 16.70 ? 142 GLN A CG  1 
ATOM   1082 C CD  . GLN A 1 142 ? -13.841 -3.877  11.892  1.00 22.95 ? 142 GLN A CD  1 
ATOM   1083 O OE1 . GLN A 1 142 ? -14.566 -3.478  12.807  1.00 27.47 ? 142 GLN A OE1 1 
ATOM   1084 N NE2 . GLN A 1 142 ? -12.997 -4.896  12.027  1.00 25.47 ? 142 GLN A NE2 1 
ATOM   1085 N N   . LEU A 1 143 ? -17.225 -3.983  7.487   1.00 10.87 ? 143 LEU A N   1 
ATOM   1086 C CA  . LEU A 1 143 ? -18.325 -4.676  6.824   1.00 11.53 ? 143 LEU A CA  1 
ATOM   1087 C C   . LEU A 1 143 ? -18.511 -4.320  5.343   1.00 10.50 ? 143 LEU A C   1 
ATOM   1088 O O   . LEU A 1 143 ? -19.491 -4.752  4.746   1.00 13.40 ? 143 LEU A O   1 
ATOM   1089 C CB  . LEU A 1 143 ? -19.639 -4.404  7.568   1.00 14.02 ? 143 LEU A CB  1 
ATOM   1090 C CG  . LEU A 1 143 ? -19.703 -4.702  9.072   1.00 16.85 ? 143 LEU A CG  1 
ATOM   1091 C CD1 . LEU A 1 143 ? -21.150 -4.671  9.526   1.00 15.97 ? 143 LEU A CD1 1 
ATOM   1092 C CD2 . LEU A 1 143 ? -19.096 -6.066  9.389   1.00 18.35 ? 143 LEU A CD2 1 
ATOM   1093 N N   . TYR A 1 144 ? -17.639 -3.486  4.770   1.00 9.30  ? 144 TYR A N   1 
ATOM   1094 C CA  . TYR A 1 144 ? -17.724 -3.086  3.350   1.00 9.66  ? 144 TYR A CA  1 
ATOM   1095 C C   . TYR A 1 144 ? -17.794 -4.291  2.402   1.00 10.09 ? 144 TYR A C   1 
ATOM   1096 O O   . TYR A 1 144 ? -16.953 -5.201  2.457   1.00 12.72 ? 144 TYR A O   1 
ATOM   1097 C CB  . TYR A 1 144 ? -16.526 -2.188  2.974   1.00 6.66  ? 144 TYR A CB  1 
ATOM   1098 C CG  . TYR A 1 144 ? -16.405 -1.817  1.496   1.00 3.15  ? 144 TYR A CG  1 
ATOM   1099 C CD1 . TYR A 1 144 ? -17.092 -0.725  0.963   1.00 3.34  ? 144 TYR A CD1 1 
ATOM   1100 C CD2 . TYR A 1 144 ? -15.565 -2.531  0.651   1.00 4.60  ? 144 TYR A CD2 1 
ATOM   1101 C CE1 . TYR A 1 144 ? -16.932 -0.341  -0.379  1.00 4.42  ? 144 TYR A CE1 1 
ATOM   1102 C CE2 . TYR A 1 144 ? -15.400 -2.164  -0.693  1.00 5.04  ? 144 TYR A CE2 1 
ATOM   1103 C CZ  . TYR A 1 144 ? -16.079 -1.065  -1.198  1.00 3.54  ? 144 TYR A CZ  1 
ATOM   1104 O OH  . TYR A 1 144 ? -15.830 -0.661  -2.497  1.00 3.64  ? 144 TYR A OH  1 
ATOM   1105 N N   . LYS A 1 145 ? -18.773 -4.250  1.498   1.00 10.21 ? 145 LYS A N   1 
ATOM   1106 C CA  . LYS A 1 145 ? -19.017 -5.317  0.528   1.00 12.31 ? 145 LYS A CA  1 
ATOM   1107 C C   . LYS A 1 145 ? -18.969 -4.796  -0.904  1.00 12.66 ? 145 LYS A C   1 
ATOM   1108 O O   . LYS A 1 145 ? -18.890 -5.585  -1.841  1.00 16.08 ? 145 LYS A O   1 
ATOM   1109 C CB  . LYS A 1 145 ? -20.383 -5.967  0.777   1.00 14.57 ? 145 LYS A CB  1 
ATOM   1110 C CG  . LYS A 1 145 ? -20.545 -6.634  2.142   1.00 18.76 ? 145 LYS A CG  1 
ATOM   1111 C CD  . LYS A 1 145 ? -21.994 -6.547  2.608   1.00 22.59 ? 145 LYS A CD  1 
ATOM   1112 C CE  . LYS A 1 145 ? -22.115 -6.647  4.130   1.00 25.77 ? 145 LYS A CE  1 
ATOM   1113 N NZ  . LYS A 1 145 ? -23.096 -5.630  4.663   1.00 29.54 ? 145 LYS A NZ  1 
ATOM   1114 N N   . GLY A 1 146 ? -19.060 -3.481  -1.077  1.00 10.69 ? 146 GLY A N   1 
ATOM   1115 C CA  . GLY A 1 146 ? -19.011 -2.932  -2.423  1.00 11.29 ? 146 GLY A CA  1 
ATOM   1116 C C   . GLY A 1 146 ? -19.587 -1.543  -2.601  1.00 10.99 ? 146 GLY A C   1 
ATOM   1117 O O   . GLY A 1 146 ? -20.381 -1.080  -1.777  1.00 10.11 ? 146 GLY A O   1 
ATOM   1118 N N   . GLY A 1 147 ? -19.227 -0.932  -3.732  1.00 10.59 ? 147 GLY A N   1 
ATOM   1119 C CA  . GLY A 1 147 ? -19.647 0.414   -4.105  1.00 12.36 ? 147 GLY A CA  1 
ATOM   1120 C C   . GLY A 1 147 ? -18.603 1.472   -3.777  1.00 11.63 ? 147 GLY A C   1 
ATOM   1121 O O   . GLY A 1 147 ? -17.459 1.146   -3.459  1.00 11.45 ? 147 GLY A O   1 
ATOM   1122 N N   . ILE A 1 148 ? -18.983 2.743   -3.884  1.00 12.00 ? 148 ILE A N   1 
ATOM   1123 C CA  . ILE A 1 148 ? -18.091 3.848   -3.547  1.00 11.16 ? 148 ILE A CA  1 
ATOM   1124 C C   . ILE A 1 148 ? -18.327 4.186   -2.074  1.00 11.26 ? 148 ILE A C   1 
ATOM   1125 O O   . ILE A 1 148 ? -19.371 4.722   -1.695  1.00 13.47 ? 148 ILE A O   1 
ATOM   1126 C CB  . ILE A 1 148 ? -18.303 5.069   -4.493  1.00 11.62 ? 148 ILE A CB  1 
ATOM   1127 C CG1 . ILE A 1 148 ? -17.708 4.738   -5.866  1.00 13.31 ? 148 ILE A CG1 1 
ATOM   1128 C CG2 . ILE A 1 148 ? -17.586 6.302   -3.950  1.00 8.05  ? 148 ILE A CG2 1 
ATOM   1129 C CD1 . ILE A 1 148 ? -18.191 5.600   -7.001  1.00 20.16 ? 148 ILE A CD1 1 
ATOM   1130 N N   . PHE A 1 149 ? -17.352 3.809   -1.247  1.00 9.44  ? 149 PHE A N   1 
ATOM   1131 C CA  . PHE A 1 149 ? -17.382 4.013   0.203   1.00 8.06  ? 149 PHE A CA  1 
ATOM   1132 C C   . PHE A 1 149 ? -17.336 5.484   0.631   1.00 8.96  ? 149 PHE A C   1 
ATOM   1133 O O   . PHE A 1 149 ? -16.489 6.253   0.165   1.00 7.55  ? 149 PHE A O   1 
ATOM   1134 C CB  . PHE A 1 149 ? -16.218 3.254   0.850   1.00 5.08  ? 149 PHE A CB  1 
ATOM   1135 C CG  . PHE A 1 149 ? -16.332 3.119   2.347   1.00 5.40  ? 149 PHE A CG  1 
ATOM   1136 C CD1 . PHE A 1 149 ? -17.396 2.398   2.909   1.00 4.65  ? 149 PHE A CD1 1 
ATOM   1137 C CD2 . PHE A 1 149 ? -15.375 3.691   3.190   1.00 5.45  ? 149 PHE A CD2 1 
ATOM   1138 C CE1 . PHE A 1 149 ? -17.504 2.249   4.292   1.00 6.78  ? 149 PHE A CE1 1 
ATOM   1139 C CE2 . PHE A 1 149 ? -15.465 3.550   4.580   1.00 5.14  ? 149 PHE A CE2 1 
ATOM   1140 C CZ  . PHE A 1 149 ? -16.531 2.829   5.134   1.00 6.37  ? 149 PHE A CZ  1 
ATOM   1141 N N   . GLU A 1 150 ? -18.208 5.829   1.583   1.00 7.83  ? 150 GLU A N   1 
ATOM   1142 C CA  . GLU A 1 150 ? -18.348 7.183   2.120   1.00 10.66 ? 150 GLU A CA  1 
ATOM   1143 C C   . GLU A 1 150 ? -18.281 7.235   3.642   1.00 10.24 ? 150 GLU A C   1 
ATOM   1144 O O   . GLU A 1 150 ? -18.489 8.281   4.230   1.00 15.16 ? 150 GLU A O   1 
ATOM   1145 C CB  . GLU A 1 150 ? -19.705 7.758   1.724   1.00 12.19 ? 150 GLU A CB  1 
ATOM   1146 C CG  . GLU A 1 150 ? -19.879 8.036   0.259   1.00 14.80 ? 150 GLU A CG  1 
ATOM   1147 C CD  . GLU A 1 150 ? -21.122 8.857   -0.029  1.00 18.71 ? 150 GLU A CD  1 
ATOM   1148 O OE1 . GLU A 1 150 ? -21.277 9.937   0.582   1.00 15.60 ? 150 GLU A OE1 1 
ATOM   1149 O OE2 . GLU A 1 150 ? -21.930 8.433   -0.879  1.00 25.40 ? 150 GLU A OE2 1 
ATOM   1150 N N   . GLY A 1 151 ? -18.010 6.104   4.275   1.00 10.54 ? 151 GLY A N   1 
ATOM   1151 C CA  . GLY A 1 151 ? -18.002 6.077   5.722   1.00 6.73  ? 151 GLY A CA  1 
ATOM   1152 C C   . GLY A 1 151 ? -19.412 5.639   6.095   1.00 10.46 ? 151 GLY A C   1 
ATOM   1153 O O   . GLY A 1 151 ? -20.079 5.016   5.253   1.00 8.28  ? 151 GLY A O   1 
ATOM   1154 N N   . PRO A 1 152 ? -19.965 6.067   7.251   1.00 10.14 ? 152 PRO A N   1 
ATOM   1155 C CA  . PRO A 1 152 ? -19.379 6.885   8.322   1.00 11.55 ? 152 PRO A CA  1 
ATOM   1156 C C   . PRO A 1 152 ? -18.005 6.471   8.816   1.00 8.63  ? 152 PRO A C   1 
ATOM   1157 O O   . PRO A 1 152 ? -17.753 5.286   9.032   1.00 8.41  ? 152 PRO A O   1 
ATOM   1158 C CB  . PRO A 1 152 ? -20.433 6.797   9.432   1.00 12.25 ? 152 PRO A CB  1 
ATOM   1159 C CG  . PRO A 1 152 ? -21.725 6.809   8.652   1.00 12.38 ? 152 PRO A CG  1 
ATOM   1160 C CD  . PRO A 1 152 ? -21.401 5.840   7.497   1.00 13.83 ? 152 PRO A CD  1 
ATOM   1161 N N   . CYS A 1 153 ? -17.127 7.457   8.980   1.00 10.59 ? 153 CYS A N   1 
ATOM   1162 C CA  . CYS A 1 153 ? -15.760 7.262   9.461   1.00 9.51  ? 153 CYS A CA  1 
ATOM   1163 C C   . CYS A 1 153 ? -15.118 8.614   9.823   1.00 12.11 ? 153 CYS A C   1 
ATOM   1164 O O   . CYS A 1 153 ? -15.442 9.659   9.233   1.00 12.60 ? 153 CYS A O   1 
ATOM   1165 C CB  . CYS A 1 153 ? -14.903 6.569   8.384   1.00 8.36  ? 153 CYS A CB  1 
ATOM   1166 S SG  . CYS A 1 153 ? -14.743 7.573   6.871   1.00 8.33  ? 153 CYS A SG  1 
ATOM   1167 N N   . GLY A 1 154 ? -14.275 8.591   10.854  1.00 10.68 ? 154 GLY A N   1 
ATOM   1168 C CA  . GLY A 1 154 ? -13.540 9.773   11.265  1.00 10.93 ? 154 GLY A CA  1 
ATOM   1169 C C   . GLY A 1 154 ? -12.250 9.821   10.441  1.00 10.92 ? 154 GLY A C   1 
ATOM   1170 O O   . GLY A 1 154 ? -12.138 9.165   9.405   1.00 11.02 ? 154 GLY A O   1 
ATOM   1171 N N   . THR A 1 155 ? -11.252 10.564  10.915  1.00 9.05  ? 155 THR A N   1 
ATOM   1172 C CA  . THR A 1 155 ? -9.988  10.673  10.183  1.00 10.50 ? 155 THR A CA  1 
ATOM   1173 C C   . THR A 1 155 ? -8.794  10.201  11.048  1.00 10.69 ? 155 THR A C   1 
ATOM   1174 O O   . THR A 1 155 ? -7.634  10.537  10.775  1.00 9.50  ? 155 THR A O   1 
ATOM   1175 C CB  . THR A 1 155 ? -9.752  12.137  9.715   1.00 10.78 ? 155 THR A CB  1 
ATOM   1176 O OG1 . THR A 1 155 ? -9.804  12.998  10.860  1.00 10.27 ? 155 THR A OG1 1 
ATOM   1177 C CG2 . THR A 1 155 ? -10.814 12.590  8.681   1.00 7.35  ? 155 THR A CG2 1 
ATOM   1178 N N   . LYS A 1 156 ? -9.096  9.462   12.112  1.00 12.29 ? 156 LYS A N   1 
ATOM   1179 C CA  . LYS A 1 156 ? -8.087  8.943   13.042  1.00 11.87 ? 156 LYS A CA  1 
ATOM   1180 C C   . LYS A 1 156 ? -7.512  7.646   12.452  1.00 11.23 ? 156 LYS A C   1 
ATOM   1181 O O   . LYS A 1 156 ? -7.893  6.537   12.841  1.00 8.22  ? 156 LYS A O   1 
ATOM   1182 C CB  . LYS A 1 156 ? -8.738  8.702   14.411  1.00 15.39 ? 156 LYS A CB  1 
ATOM   1183 C CG  . LYS A 1 156 ? -8.014  9.356   15.567  1.00 20.06 ? 156 LYS A CG  1 
ATOM   1184 C CD  . LYS A 1 156 ? -8.029  8.460   16.828  1.00 26.46 ? 156 LYS A CD  1 
ATOM   1185 C CE  . LYS A 1 156 ? -6.678  8.535   17.599  1.00 28.84 ? 156 LYS A CE  1 
ATOM   1186 N NZ  . LYS A 1 156 ? -6.630  7.859   18.956  1.00 29.21 ? 156 LYS A NZ  1 
ATOM   1187 N N   . VAL A 1 157 ? -6.613  7.804   11.485  1.00 10.80 ? 157 VAL A N   1 
ATOM   1188 C CA  . VAL A 1 157 ? -6.014  6.689   10.761  1.00 7.92  ? 157 VAL A CA  1 
ATOM   1189 C C   . VAL A 1 157 ? -5.199  5.715   11.595  1.00 8.90  ? 157 VAL A C   1 
ATOM   1190 O O   . VAL A 1 157 ? -4.560  6.094   12.578  1.00 8.08  ? 157 VAL A O   1 
ATOM   1191 C CB  . VAL A 1 157 ? -5.162  7.178   9.554   1.00 7.61  ? 157 VAL A CB  1 
ATOM   1192 C CG1 . VAL A 1 157 ? -5.994  8.081   8.651   1.00 4.66  ? 157 VAL A CG1 1 
ATOM   1193 C CG2 . VAL A 1 157 ? -3.928  7.915   10.035  1.00 5.45  ? 157 VAL A CG2 1 
ATOM   1194 N N   . GLU A 1 158 ? -5.250  4.453   11.187  1.00 8.70  ? 158 GLU A N   1 
ATOM   1195 C CA  . GLU A 1 158 ? -4.518  3.381   11.849  1.00 8.20  ? 158 GLU A CA  1 
ATOM   1196 C C   . GLU A 1 158 ? -4.281  2.183   10.948  1.00 8.09  ? 158 GLU A C   1 
ATOM   1197 O O   . GLU A 1 158 ? -3.777  1.166   11.409  1.00 5.81  ? 158 GLU A O   1 
ATOM   1198 C CB  . GLU A 1 158 ? -5.218  2.902   13.135  1.00 8.72  ? 158 GLU A CB  1 
ATOM   1199 C CG  . GLU A 1 158 ? -6.668  3.330   13.342  1.00 9.66  ? 158 GLU A CG  1 
ATOM   1200 C CD  . GLU A 1 158 ? -7.664  2.776   12.320  1.00 11.22 ? 158 GLU A CD  1 
ATOM   1201 O OE1 . GLU A 1 158 ? -7.257  2.133   11.318  1.00 9.19  ? 158 GLU A OE1 1 
ATOM   1202 O OE2 . GLU A 1 158 ? -8.871  3.018   12.529  1.00 12.42 ? 158 GLU A OE2 1 
ATOM   1203 N N   . HIS A 1 159 ? -4.567  2.315   9.659   1.00 7.04  ? 159 HIS A N   1 
ATOM   1204 C CA  . HIS A 1 159 ? -4.410  1.191   8.741   1.00 5.88  ? 159 HIS A CA  1 
ATOM   1205 C C   . HIS A 1 159 ? -3.763  1.647   7.436   1.00 6.56  ? 159 HIS A C   1 
ATOM   1206 O O   . HIS A 1 159 ? -4.290  2.524   6.765   1.00 9.96  ? 159 HIS A O   1 
ATOM   1207 C CB  . HIS A 1 159 ? -5.811  0.589   8.487   1.00 6.05  ? 159 HIS A CB  1 
ATOM   1208 C CG  . HIS A 1 159 ? -5.832  -0.656  7.649   1.00 4.94  ? 159 HIS A CG  1 
ATOM   1209 N ND1 . HIS A 1 159 ? -5.221  -1.833  8.031   1.00 2.35  ? 159 HIS A ND1 1 
ATOM   1210 C CD2 . HIS A 1 159 ? -6.449  -0.925  6.474   1.00 2.00  ? 159 HIS A CD2 1 
ATOM   1211 C CE1 . HIS A 1 159 ? -5.462  -2.771  7.130   1.00 4.39  ? 159 HIS A CE1 1 
ATOM   1212 N NE2 . HIS A 1 159 ? -6.207  -2.244  6.174   1.00 2.00  ? 159 HIS A NE2 1 
ATOM   1213 N N   . ALA A 1 160 ? -2.609  1.080   7.106   1.00 3.43  ? 160 ALA A N   1 
ATOM   1214 C CA  . ALA A 1 160 ? -1.916  1.406   5.858   1.00 3.76  ? 160 ALA A CA  1 
ATOM   1215 C C   . ALA A 1 160 ? -2.387  0.498   4.721   1.00 2.02  ? 160 ALA A C   1 
ATOM   1216 O O   . ALA A 1 160 ? -2.493  -0.719  4.878   1.00 4.42  ? 160 ALA A O   1 
ATOM   1217 C CB  . ALA A 1 160 ? -0.408  1.268   6.043   1.00 5.63  ? 160 ALA A CB  1 
ATOM   1218 N N   . VAL A 1 161 ? -2.647  1.106   3.569   1.00 2.69  ? 161 VAL A N   1 
ATOM   1219 C CA  . VAL A 1 161 ? -3.097  0.387   2.381   1.00 2.53  ? 161 VAL A CA  1 
ATOM   1220 C C   . VAL A 1 161 ? -2.382  0.907   1.129   1.00 4.66  ? 161 VAL A C   1 
ATOM   1221 O O   . VAL A 1 161 ? -1.458  1.714   1.234   1.00 4.74  ? 161 VAL A O   1 
ATOM   1222 C CB  . VAL A 1 161 ? -4.613  0.513   2.227   1.00 3.45  ? 161 VAL A CB  1 
ATOM   1223 C CG1 . VAL A 1 161 ? -5.312  -0.351  3.269   1.00 3.66  ? 161 VAL A CG1 1 
ATOM   1224 C CG2 . VAL A 1 161 ? -5.027  1.959   2.423   1.00 5.81  ? 161 VAL A CG2 1 
ATOM   1225 N N   . THR A 1 162 ? -2.801  0.460   -0.055  1.00 4.51  ? 162 THR A N   1 
ATOM   1226 C CA  . THR A 1 162 ? -2.147  0.870   -1.301  1.00 5.56  ? 162 THR A CA  1 
ATOM   1227 C C   . THR A 1 162 ? -3.107  1.397   -2.377  1.00 5.75  ? 162 THR A C   1 
ATOM   1228 O O   . THR A 1 162 ? -4.054  0.717   -2.772  1.00 4.63  ? 162 THR A O   1 
ATOM   1229 C CB  . THR A 1 162 ? -1.325  -0.324  -1.906  1.00 5.58  ? 162 THR A CB  1 
ATOM   1230 O OG1 . THR A 1 162 ? -0.492  -0.906  -0.892  1.00 4.28  ? 162 THR A OG1 1 
ATOM   1231 C CG2 . THR A 1 162 ? -0.455  0.120   -3.094  1.00 4.72  ? 162 THR A CG2 1 
ATOM   1232 N N   . ALA A 1 163 ? -2.876  2.627   -2.828  1.00 4.01  ? 163 ALA A N   1 
ATOM   1233 C CA  . ALA A 1 163 ? -3.696  3.184   -3.890  1.00 2.01  ? 163 ALA A CA  1 
ATOM   1234 C C   . ALA A 1 163 ? -3.076  2.725   -5.209  1.00 4.22  ? 163 ALA A C   1 
ATOM   1235 O O   . ALA A 1 163 ? -1.892  2.970   -5.470  1.00 2.33  ? 163 ALA A O   1 
ATOM   1236 C CB  . ALA A 1 163 ? -3.718  4.693   -3.796  1.00 2.97  ? 163 ALA A CB  1 
ATOM   1237 N N   . VAL A 1 164 ? -3.852  1.995   -6.009  1.00 2.29  ? 164 VAL A N   1 
ATOM   1238 C CA  . VAL A 1 164 ? -3.373  1.477   -7.288  1.00 2.51  ? 164 VAL A CA  1 
ATOM   1239 C C   . VAL A 1 164 ? -4.075  2.125   -8.459  1.00 3.21  ? 164 VAL A C   1 
ATOM   1240 O O   . VAL A 1 164 ? -3.877  1.738   -9.607  1.00 3.48  ? 164 VAL A O   1 
ATOM   1241 C CB  . VAL A 1 164 ? -3.557  -0.051  -7.395  1.00 4.36  ? 164 VAL A CB  1 
ATOM   1242 C CG1 . VAL A 1 164 ? -2.705  -0.734  -6.344  1.00 4.01  ? 164 VAL A CG1 1 
ATOM   1243 C CG2 . VAL A 1 164 ? -5.049  -0.445  -7.249  1.00 4.26  ? 164 VAL A CG2 1 
ATOM   1244 N N   . GLY A 1 165 ? -4.965  3.057   -8.161  1.00 4.97  ? 165 GLY A N   1 
ATOM   1245 C CA  . GLY A 1 165 ? -5.671  3.743   -9.219  1.00 3.40  ? 165 GLY A CA  1 
ATOM   1246 C C   . GLY A 1 165 ? -6.641  4.769   -8.697  1.00 2.79  ? 165 GLY A C   1 
ATOM   1247 O O   . GLY A 1 165 ? -6.694  5.051   -7.498  1.00 3.58  ? 165 GLY A O   1 
ATOM   1248 N N   . TYR A 1 166 ? -7.353  5.394   -9.621  1.00 4.62  ? 166 TYR A N   1 
ATOM   1249 C CA  . TYR A 1 166 ? -8.367  6.377   -9.289  1.00 6.43  ? 166 TYR A CA  1 
ATOM   1250 C C   . TYR A 1 166 ? -9.258  6.513   -10.513 1.00 6.59  ? 166 TYR A C   1 
ATOM   1251 O O   . TYR A 1 166 ? -8.936  6.027   -11.603 1.00 7.37  ? 166 TYR A O   1 
ATOM   1252 C CB  . TYR A 1 166 ? -7.754  7.727   -8.864  1.00 5.23  ? 166 TYR A CB  1 
ATOM   1253 C CG  . TYR A 1 166 ? -7.039  8.477   -9.961  1.00 5.80  ? 166 TYR A CG  1 
ATOM   1254 C CD1 . TYR A 1 166 ? -7.754  9.202   -10.910 1.00 4.71  ? 166 TYR A CD1 1 
ATOM   1255 C CD2 . TYR A 1 166 ? -5.646  8.470   -10.049 1.00 7.09  ? 166 TYR A CD2 1 
ATOM   1256 C CE1 . TYR A 1 166 ? -7.110  9.898   -11.920 1.00 7.77  ? 166 TYR A CE1 1 
ATOM   1257 C CE2 . TYR A 1 166 ? -4.984  9.174   -11.063 1.00 6.65  ? 166 TYR A CE2 1 
ATOM   1258 C CZ  . TYR A 1 166 ? -5.730  9.881   -11.990 1.00 8.51  ? 166 TYR A CZ  1 
ATOM   1259 O OH  . TYR A 1 166 ? -5.106  10.589  -12.988 1.00 10.68 ? 166 TYR A OH  1 
ATOM   1260 N N   . GLY A 1 167 ? -10.395 7.163   -10.343 1.00 6.13  ? 167 GLY A N   1 
ATOM   1261 C CA  . GLY A 1 167 ? -11.266 7.295   -11.477 1.00 7.84  ? 167 GLY A CA  1 
ATOM   1262 C C   . GLY A 1 167 ? -12.544 7.996   -11.143 1.00 9.26  ? 167 GLY A C   1 
ATOM   1263 O O   . GLY A 1 167 ? -12.703 8.602   -10.078 1.00 8.58  ? 167 GLY A O   1 
ATOM   1264 N N   . LYS A 1 168 ? -13.508 7.761   -12.013 1.00 10.52 ? 168 LYS A N   1 
ATOM   1265 C CA  . LYS A 1 168 ? -14.806 8.368   -11.907 1.00 13.31 ? 168 LYS A CA  1 
ATOM   1266 C C   . LYS A 1 168 ? -15.854 7.306   -12.194 1.00 12.06 ? 168 LYS A C   1 
ATOM   1267 O O   . LYS A 1 168 ? -15.748 6.546   -13.159 1.00 10.62 ? 168 LYS A O   1 
ATOM   1268 C CB  . LYS A 1 168 ? -14.897 9.485   -12.942 1.00 16.32 ? 168 LYS A CB  1 
ATOM   1269 C CG  . LYS A 1 168 ? -16.076 10.412  -12.743 1.00 24.21 ? 168 LYS A CG  1 
ATOM   1270 C CD  . LYS A 1 168 ? -15.790 11.482  -11.676 1.00 25.59 ? 168 LYS A CD  1 
ATOM   1271 C CE  . LYS A 1 168 ? -15.020 12.663  -12.271 1.00 27.48 ? 168 LYS A CE  1 
ATOM   1272 N NZ  . LYS A 1 168 ? -13.776 12.205  -12.964 1.00 29.44 ? 168 LYS A NZ  1 
ATOM   1273 N N   . SER A 1 169 ? -16.853 7.246   -11.325 1.00 12.95 ? 169 SER A N   1 
ATOM   1274 C CA  . SER A 1 169 ? -17.945 6.298   -11.466 1.00 13.33 ? 169 SER A CA  1 
ATOM   1275 C C   . SER A 1 169 ? -19.205 7.124   -11.556 1.00 13.00 ? 169 SER A C   1 
ATOM   1276 O O   . SER A 1 169 ? -19.709 7.607   -10.546 1.00 13.36 ? 169 SER A O   1 
ATOM   1277 C CB  . SER A 1 169 ? -18.023 5.377   -10.255 1.00 13.50 ? 169 SER A CB  1 
ATOM   1278 O OG  . SER A 1 169 ? -19.201 4.589   -10.304 1.00 16.96 ? 169 SER A OG  1 
ATOM   1279 N N   . GLY A 1 170 ? -19.681 7.310   -12.781 1.00 15.64 ? 170 GLY A N   1 
ATOM   1280 C CA  . GLY A 1 170 ? -20.860 8.106   -13.022 1.00 18.13 ? 170 GLY A CA  1 
ATOM   1281 C C   . GLY A 1 170 ? -20.996 9.296   -12.084 1.00 19.86 ? 170 GLY A C   1 
ATOM   1282 O O   . GLY A 1 170 ? -21.800 9.234   -11.166 1.00 26.76 ? 170 GLY A O   1 
ATOM   1283 N N   . GLY A 1 171 ? -20.200 10.346  -12.227 1.00 20.07 ? 171 GLY A N   1 
ATOM   1284 C CA  . GLY A 1 171 ? -20.393 11.464  -11.314 1.00 19.79 ? 171 GLY A CA  1 
ATOM   1285 C C   . GLY A 1 171 ? -19.584 11.508  -10.018 1.00 19.17 ? 171 GLY A C   1 
ATOM   1286 O O   . GLY A 1 171 ? -19.231 12.597  -9.568  1.00 21.19 ? 171 GLY A O   1 
ATOM   1287 N N   . LYS A 1 172 ? -19.320 10.370  -9.389  1.00 17.57 ? 172 LYS A N   1 
ATOM   1288 C CA  . LYS A 1 172 ? -18.511 10.372  -8.167  1.00 17.06 ? 172 LYS A CA  1 
ATOM   1289 C C   . LYS A 1 172 ? -17.084 9.944   -8.467  1.00 14.26 ? 172 LYS A C   1 
ATOM   1290 O O   . LYS A 1 172 ? -16.857 8.955   -9.160  1.00 13.19 ? 172 LYS A O   1 
ATOM   1291 C CB  . LYS A 1 172 ? -19.070 9.423   -7.106  1.00 20.39 ? 172 LYS A CB  1 
ATOM   1292 C CG  . LYS A 1 172 ? -20.502 9.691   -6.704  1.00 26.22 ? 172 LYS A CG  1 
ATOM   1293 C CD  . LYS A 1 172 ? -20.658 11.018  -5.944  1.00 29.69 ? 172 LYS A CD  1 
ATOM   1294 C CE  . LYS A 1 172 ? -19.932 11.015  -4.589  1.00 30.21 ? 172 LYS A CE  1 
ATOM   1295 N NZ  . LYS A 1 172 ? -20.378 9.922   -3.669  1.00 28.75 ? 172 LYS A NZ  1 
ATOM   1296 N N   . GLY A 1 173 ? -16.117 10.709  -7.985  1.00 13.59 ? 173 GLY A N   1 
ATOM   1297 C CA  . GLY A 1 173 ? -14.735 10.325  -8.177  1.00 10.20 ? 173 GLY A CA  1 
ATOM   1298 C C   . GLY A 1 173 ? -14.385 9.412   -7.014  1.00 7.53  ? 173 GLY A C   1 
ATOM   1299 O O   . GLY A 1 173 ? -14.990 9.506   -5.941  1.00 8.65  ? 173 GLY A O   1 
ATOM   1300 N N   . TYR A 1 174 ? -13.396 8.551   -7.206  1.00 7.62  ? 174 TYR A N   1 
ATOM   1301 C CA  . TYR A 1 174 ? -12.976 7.627   -6.161  1.00 5.69  ? 174 TYR A CA  1 
ATOM   1302 C C   . TYR A 1 174 ? -11.495 7.326   -6.332  1.00 7.27  ? 174 TYR A C   1 
ATOM   1303 O O   . TYR A 1 174 ? -10.891 7.710   -7.334  1.00 7.25  ? 174 TYR A O   1 
ATOM   1304 C CB  . TYR A 1 174 ? -13.753 6.314   -6.284  1.00 5.51  ? 174 TYR A CB  1 
ATOM   1305 C CG  . TYR A 1 174 ? -13.470 5.563   -7.579  1.00 6.61  ? 174 TYR A CG  1 
ATOM   1306 C CD1 . TYR A 1 174 ? -12.408 4.661   -7.670  1.00 5.31  ? 174 TYR A CD1 1 
ATOM   1307 C CD2 . TYR A 1 174 ? -14.271 5.741   -8.702  1.00 6.73  ? 174 TYR A CD2 1 
ATOM   1308 C CE1 . TYR A 1 174 ? -12.157 3.955   -8.855  1.00 9.00  ? 174 TYR A CE1 1 
ATOM   1309 C CE2 . TYR A 1 174 ? -14.027 5.033   -9.891  1.00 6.07  ? 174 TYR A CE2 1 
ATOM   1310 C CZ  . TYR A 1 174 ? -12.975 4.153   -9.958  1.00 7.04  ? 174 TYR A CZ  1 
ATOM   1311 O OH  . TYR A 1 174 ? -12.745 3.479   -11.129 1.00 8.27  ? 174 TYR A OH  1 
ATOM   1312 N N   . ILE A 1 175 ? -10.929 6.628   -5.350  1.00 6.44  ? 175 ILE A N   1 
ATOM   1313 C CA  . ILE A 1 175 ? -9.531  6.195   -5.372  1.00 5.28  ? 175 ILE A CA  1 
ATOM   1314 C C   . ILE A 1 175 ? -9.583  4.695   -5.131  1.00 5.14  ? 175 ILE A C   1 
ATOM   1315 O O   . ILE A 1 175 ? -10.288 4.228   -4.234  1.00 5.53  ? 175 ILE A O   1 
ATOM   1316 C CB  . ILE A 1 175 ? -8.653  6.933   -4.296  1.00 7.77  ? 175 ILE A CB  1 
ATOM   1317 C CG1 . ILE A 1 175 ? -8.206  8.288   -4.850  1.00 7.64  ? 175 ILE A CG1 1 
ATOM   1318 C CG2 . ILE A 1 175 ? -7.385  6.127   -3.925  1.00 4.52  ? 175 ILE A CG2 1 
ATOM   1319 C CD1 . ILE A 1 175 ? -8.191  9.363   -3.813  1.00 10.20 ? 175 ILE A CD1 1 
ATOM   1320 N N   . LEU A 1 176 ? -8.957  3.950   -6.051  1.00 5.50  ? 176 LEU A N   1 
ATOM   1321 C CA  . LEU A 1 176 ? -8.886  2.489   -6.002  1.00 3.73  ? 176 LEU A CA  1 
ATOM   1322 C C   . LEU A 1 176 ? -7.762  2.051   -5.042  1.00 5.60  ? 176 LEU A C   1 
ATOM   1323 O O   . LEU A 1 176 ? -6.587  2.417   -5.197  1.00 4.30  ? 176 LEU A O   1 
ATOM   1324 C CB  . LEU A 1 176 ? -8.693  1.949   -7.424  1.00 2.01  ? 176 LEU A CB  1 
ATOM   1325 C CG  . LEU A 1 176 ? -8.813  0.442   -7.634  1.00 6.05  ? 176 LEU A CG  1 
ATOM   1326 C CD1 . LEU A 1 176 ? -10.209 -0.096  -7.234  1.00 5.56  ? 176 LEU A CD1 1 
ATOM   1327 C CD2 . LEU A 1 176 ? -8.501  0.167   -9.084  1.00 3.44  ? 176 LEU A CD2 1 
ATOM   1328 N N   . ILE A 1 177 ? -8.156  1.241   -4.065  1.00 3.71  ? 177 ILE A N   1 
ATOM   1329 C CA  . ILE A 1 177 ? -7.297  0.781   -2.976  1.00 3.90  ? 177 ILE A CA  1 
ATOM   1330 C C   . ILE A 1 177 ? -7.203  -0.738  -2.839  1.00 6.13  ? 177 ILE A C   1 
ATOM   1331 O O   . ILE A 1 177 ? -8.224  -1.428  -2.812  1.00 4.12  ? 177 ILE A O   1 
ATOM   1332 C CB  . ILE A 1 177 ? -7.874  1.339   -1.621  1.00 6.52  ? 177 ILE A CB  1 
ATOM   1333 C CG1 . ILE A 1 177 ? -8.057  2.861   -1.688  1.00 6.17  ? 177 ILE A CG1 1 
ATOM   1334 C CG2 . ILE A 1 177 ? -7.023  0.902   -0.432  1.00 4.14  ? 177 ILE A CG2 1 
ATOM   1335 C CD1 . ILE A 1 177 ? -7.242  3.604   -0.715  1.00 7.59  ? 177 ILE A CD1 1 
ATOM   1336 N N   . LYS A 1 178 ? -5.975  -1.243  -2.714  1.00 3.94  ? 178 LYS A N   1 
ATOM   1337 C CA  . LYS A 1 178 ? -5.701  -2.667  -2.511  1.00 4.06  ? 178 LYS A CA  1 
ATOM   1338 C C   . LYS A 1 178 ? -5.530  -2.940  -1.009  1.00 5.25  ? 178 LYS A C   1 
ATOM   1339 O O   . LYS A 1 178 ? -4.518  -2.564  -0.413  1.00 5.54  ? 178 LYS A O   1 
ATOM   1340 C CB  . LYS A 1 178 ? -4.415  -3.089  -3.252  1.00 2.72  ? 178 LYS A CB  1 
ATOM   1341 C CG  . LYS A 1 178 ? -4.030  -4.561  -3.046  1.00 2.55  ? 178 LYS A CG  1 
ATOM   1342 C CD  . LYS A 1 178 ? -2.746  -4.914  -3.762  1.00 2.00  ? 178 LYS A CD  1 
ATOM   1343 C CE  . LYS A 1 178 ? -2.442  -6.392  -3.642  1.00 2.24  ? 178 LYS A CE  1 
ATOM   1344 N NZ  . LYS A 1 178 ? -1.097  -6.716  -4.176  1.00 2.00  ? 178 LYS A NZ  1 
ATOM   1345 N N   . ASN A 1 179 ? -6.544  -3.535  -0.381  1.00 5.86  ? 179 ASN A N   1 
ATOM   1346 C CA  . ASN A 1 179 ? -6.421  -3.866  1.040   1.00 5.87  ? 179 ASN A CA  1 
ATOM   1347 C C   . ASN A 1 179 ? -5.718  -5.229  1.209   1.00 5.70  ? 179 ASN A C   1 
ATOM   1348 O O   . ASN A 1 179 ? -5.517  -5.968  0.234   1.00 5.78  ? 179 ASN A O   1 
ATOM   1349 C CB  . ASN A 1 179 ? -7.791  -3.865  1.727   1.00 3.74  ? 179 ASN A CB  1 
ATOM   1350 C CG  . ASN A 1 179 ? -7.697  -3.700  3.242   1.00 7.04  ? 179 ASN A CG  1 
ATOM   1351 O OD1 . ASN A 1 179 ? -6.630  -3.449  3.813   1.00 4.36  ? 179 ASN A OD1 1 
ATOM   1352 N ND2 . ASN A 1 179 ? -8.826  -3.835  3.903   1.00 8.80  ? 179 ASN A ND2 1 
ATOM   1353 N N   . SER A 1 180 ? -5.305  -5.534  2.442   1.00 4.35  ? 180 SER A N   1 
ATOM   1354 C CA  . SER A 1 180 ? -4.610  -6.778  2.792   1.00 5.79  ? 180 SER A CA  1 
ATOM   1355 C C   . SER A 1 180 ? -5.461  -7.632  3.736   1.00 4.42  ? 180 SER A C   1 
ATOM   1356 O O   . SER A 1 180 ? -4.967  -8.190  4.722   1.00 4.07  ? 180 SER A O   1 
ATOM   1357 C CB  . SER A 1 180 ? -3.267  -6.453  3.460   1.00 2.01  ? 180 SER A CB  1 
ATOM   1358 O OG  . SER A 1 180 ? -3.449  -5.487  4.485   1.00 8.42  ? 180 SER A OG  1 
ATOM   1359 N N   . TRP A 1 181 ? -6.742  -7.757  3.424   1.00 5.41  ? 181 TRP A N   1 
ATOM   1360 C CA  . TRP A 1 181 ? -7.651  -8.532  4.256   1.00 6.10  ? 181 TRP A CA  1 
ATOM   1361 C C   . TRP A 1 181 ? -8.266  -9.696  3.495   1.00 5.74  ? 181 TRP A C   1 
ATOM   1362 O O   . TRP A 1 181 ? -9.301  -10.217 3.894   1.00 9.26  ? 181 TRP A O   1 
ATOM   1363 C CB  . TRP A 1 181 ? -8.764  -7.634  4.819   1.00 4.99  ? 181 TRP A CB  1 
ATOM   1364 C CG  . TRP A 1 181 ? -8.347  -6.722  5.975   1.00 6.04  ? 181 TRP A CG  1 
ATOM   1365 C CD1 . TRP A 1 181 ? -7.130  -6.686  6.615   1.00 7.20  ? 181 TRP A CD1 1 
ATOM   1366 C CD2 . TRP A 1 181 ? -9.141  -5.681  6.569   1.00 6.15  ? 181 TRP A CD2 1 
ATOM   1367 N NE1 . TRP A 1 181 ? -7.125  -5.677  7.555   1.00 3.37  ? 181 TRP A NE1 1 
ATOM   1368 C CE2 . TRP A 1 181 ? -8.342  -5.048  7.549   1.00 5.02  ? 181 TRP A CE2 1 
ATOM   1369 C CE3 . TRP A 1 181 ? -10.449 -5.214  6.365   1.00 4.57  ? 181 TRP A CE3 1 
ATOM   1370 C CZ2 . TRP A 1 181 ? -8.805  -3.960  8.310   1.00 5.68  ? 181 TRP A CZ2 1 
ATOM   1371 C CZ3 . TRP A 1 181 ? -10.910 -4.127  7.129   1.00 2.94  ? 181 TRP A CZ3 1 
ATOM   1372 C CH2 . TRP A 1 181 ? -10.088 -3.521  8.088   1.00 2.01  ? 181 TRP A CH2 1 
ATOM   1373 N N   . GLY A 1 182 ? -7.624  -10.119 2.409   1.00 5.69  ? 182 GLY A N   1 
ATOM   1374 C CA  . GLY A 1 182 ? -8.138  -11.230 1.622   1.00 4.41  ? 182 GLY A CA  1 
ATOM   1375 C C   . GLY A 1 182 ? -9.157  -10.830 0.569   1.00 6.35  ? 182 GLY A C   1 
ATOM   1376 O O   . GLY A 1 182 ? -9.592  -9.683  0.512   1.00 8.26  ? 182 GLY A O   1 
ATOM   1377 N N   . THR A 1 183 ? -9.564  -11.785 -0.257  1.00 5.65  ? 183 THR A N   1 
ATOM   1378 C CA  . THR A 1 183 ? -10.525 -11.480 -1.309  1.00 6.05  ? 183 THR A CA  1 
ATOM   1379 C C   . THR A 1 183 ? -11.986 -11.559 -0.920  1.00 6.21  ? 183 THR A C   1 
ATOM   1380 O O   . THR A 1 183 ? -12.852 -11.221 -1.723  1.00 7.51  ? 183 THR A O   1 
ATOM   1381 C CB  . THR A 1 183 ? -10.296 -12.351 -2.542  1.00 7.73  ? 183 THR A CB  1 
ATOM   1382 O OG1 . THR A 1 183 ? -10.507 -13.731 -2.205  1.00 11.08 ? 183 THR A OG1 1 
ATOM   1383 C CG2 . THR A 1 183 ? -8.890  -12.154 -3.052  1.00 8.40  ? 183 THR A CG2 1 
ATOM   1384 N N   . ALA A 1 184 ? -12.274 -12.030 0.286   1.00 7.07  ? 184 ALA A N   1 
ATOM   1385 C CA  . ALA A 1 184 ? -13.652 -12.120 0.739   1.00 6.80  ? 184 ALA A CA  1 
ATOM   1386 C C   . ALA A 1 184 ? -14.167 -10.760 1.215   1.00 10.46 ? 184 ALA A C   1 
ATOM   1387 O O   . ALA A 1 184 ? -15.374 -10.560 1.335   1.00 10.98 ? 184 ALA A O   1 
ATOM   1388 C CB  . ALA A 1 184 ? -13.765 -13.126 1.836   1.00 10.36 ? 184 ALA A CB  1 
ATOM   1389 N N   . TRP A 1 185 ? -13.252 -9.845  1.516   1.00 6.30  ? 185 TRP A N   1 
ATOM   1390 C CA  . TRP A 1 185 ? -13.632 -8.515  1.970   1.00 7.51  ? 185 TRP A CA  1 
ATOM   1391 C C   . TRP A 1 185 ? -13.767 -7.576  0.783   1.00 8.42  ? 185 TRP A C   1 
ATOM   1392 O O   . TRP A 1 185 ? -13.032 -7.702  -0.199  1.00 8.33  ? 185 TRP A O   1 
ATOM   1393 C CB  . TRP A 1 185 ? -12.574 -7.958  2.921   1.00 6.08  ? 185 TRP A CB  1 
ATOM   1394 C CG  . TRP A 1 185 ? -12.943 -6.602  3.468   1.00 7.31  ? 185 TRP A CG  1 
ATOM   1395 C CD1 . TRP A 1 185 ? -13.736 -6.340  4.556   1.00 5.29  ? 185 TRP A CD1 1 
ATOM   1396 C CD2 . TRP A 1 185 ? -12.534 -5.322  2.948   1.00 6.28  ? 185 TRP A CD2 1 
ATOM   1397 N NE1 . TRP A 1 185 ? -13.837 -4.979  4.748   1.00 5.06  ? 185 TRP A NE1 1 
ATOM   1398 C CE2 . TRP A 1 185 ? -13.113 -4.331  3.782   1.00 4.22  ? 185 TRP A CE2 1 
ATOM   1399 C CE3 . TRP A 1 185 ? -11.736 -4.917  1.863   1.00 4.43  ? 185 TRP A CE3 1 
ATOM   1400 C CZ2 . TRP A 1 185 ? -12.918 -2.954  3.562   1.00 4.27  ? 185 TRP A CZ2 1 
ATOM   1401 C CZ3 . TRP A 1 185 ? -11.543 -3.542  1.643   1.00 4.88  ? 185 TRP A CZ3 1 
ATOM   1402 C CH2 . TRP A 1 185 ? -12.136 -2.582  2.493   1.00 6.70  ? 185 TRP A CH2 1 
ATOM   1403 N N   . GLY A 1 186 ? -14.666 -6.603  0.901   1.00 7.82  ? 186 GLY A N   1 
ATOM   1404 C CA  . GLY A 1 186 ? -14.862 -5.625  -0.153  1.00 6.63  ? 186 GLY A CA  1 
ATOM   1405 C C   . GLY A 1 186 ? -15.034 -6.161  -1.558  1.00 8.15  ? 186 GLY A C   1 
ATOM   1406 O O   . GLY A 1 186 ? -15.649 -7.207  -1.776  1.00 7.68  ? 186 GLY A O   1 
ATOM   1407 N N   . GLU A 1 187 ? -14.490 -5.424  -2.519  1.00 9.08  ? 187 GLU A N   1 
ATOM   1408 C CA  . GLU A 1 187 ? -14.573 -5.789  -3.925  1.00 7.07  ? 187 GLU A CA  1 
ATOM   1409 C C   . GLU A 1 187 ? -13.390 -6.654  -4.329  1.00 8.60  ? 187 GLU A C   1 
ATOM   1410 O O   . GLU A 1 187 ? -12.453 -6.183  -4.977  1.00 6.46  ? 187 GLU A O   1 
ATOM   1411 C CB  . GLU A 1 187 ? -14.654 -4.524  -4.780  1.00 7.84  ? 187 GLU A CB  1 
ATOM   1412 C CG  . GLU A 1 187 ? -15.906 -3.723  -4.481  1.00 9.60  ? 187 GLU A CG  1 
ATOM   1413 C CD  . GLU A 1 187 ? -16.061 -2.484  -5.341  1.00 8.64  ? 187 GLU A CD  1 
ATOM   1414 O OE1 . GLU A 1 187 ? -15.046 -1.937  -5.805  1.00 12.20 ? 187 GLU A OE1 1 
ATOM   1415 O OE2 . GLU A 1 187 ? -17.212 -2.053  -5.545  1.00 8.73  ? 187 GLU A OE2 1 
ATOM   1416 N N   . LYS A 1 188 ? -13.450 -7.926  -3.945  1.00 9.08  ? 188 LYS A N   1 
ATOM   1417 C CA  . LYS A 1 188 ? -12.389 -8.890  -4.213  1.00 7.64  ? 188 LYS A CA  1 
ATOM   1418 C C   . LYS A 1 188 ? -11.064 -8.426  -3.618  1.00 6.92  ? 188 LYS A C   1 
ATOM   1419 O O   . LYS A 1 188 ? -10.016 -8.554  -4.243  1.00 6.67  ? 188 LYS A O   1 
ATOM   1420 C CB  . LYS A 1 188 ? -12.249 -9.139  -5.716  1.00 11.34 ? 188 LYS A CB  1 
ATOM   1421 C CG  . LYS A 1 188 ? -12.897 -10.427 -6.171  1.00 15.54 ? 188 LYS A CG  1 
ATOM   1422 C CD  . LYS A 1 188 ? -12.786 -10.595 -7.682  1.00 21.58 ? 188 LYS A CD  1 
ATOM   1423 C CE  . LYS A 1 188 ? -12.815 -12.089 -8.123  1.00 23.96 ? 188 LYS A CE  1 
ATOM   1424 N NZ  . LYS A 1 188 ? -12.873 -12.308 -9.628  1.00 23.75 ? 188 LYS A NZ  1 
ATOM   1425 N N   . GLY A 1 189 ? -11.125 -7.883  -2.403  1.00 4.43  ? 189 GLY A N   1 
ATOM   1426 C CA  . GLY A 1 189 ? -9.936  -7.400  -1.724  1.00 3.92  ? 189 GLY A CA  1 
ATOM   1427 C C   . GLY A 1 189 ? -9.711  -5.906  -1.853  1.00 2.37  ? 189 GLY A C   1 
ATOM   1428 O O   . GLY A 1 189 ? -8.903  -5.342  -1.123  1.00 6.27  ? 189 GLY A O   1 
ATOM   1429 N N   . TYR A 1 190 ? -10.413 -5.276  -2.798  1.00 4.64  ? 190 TYR A N   1 
ATOM   1430 C CA  . TYR A 1 190 ? -10.316 -3.832  -3.069  1.00 3.89  ? 190 TYR A CA  1 
ATOM   1431 C C   . TYR A 1 190 ? -11.475 -3.020  -2.499  1.00 6.38  ? 190 TYR A C   1 
ATOM   1432 O O   . TYR A 1 190 ? -12.530 -3.552  -2.137  1.00 6.64  ? 190 TYR A O   1 
ATOM   1433 C CB  . TYR A 1 190 ? -10.260 -3.564  -4.591  1.00 3.13  ? 190 TYR A CB  1 
ATOM   1434 C CG  . TYR A 1 190 ? -9.006  -4.088  -5.255  1.00 6.89  ? 190 TYR A CG  1 
ATOM   1435 C CD1 . TYR A 1 190 ? -8.915  -5.423  -5.662  1.00 8.32  ? 190 TYR A CD1 1 
ATOM   1436 C CD2 . TYR A 1 190 ? -7.867  -3.285  -5.359  1.00 8.00  ? 190 TYR A CD2 1 
ATOM   1437 C CE1 . TYR A 1 190 ? -7.700  -5.955  -6.131  1.00 7.69  ? 190 TYR A CE1 1 
ATOM   1438 C CE2 . TYR A 1 190 ? -6.656  -3.801  -5.824  1.00 8.39  ? 190 TYR A CE2 1 
ATOM   1439 C CZ  . TYR A 1 190 ? -6.578  -5.125  -6.197  1.00 10.73 ? 190 TYR A CZ  1 
ATOM   1440 O OH  . TYR A 1 190 ? -5.342  -5.585  -6.580  1.00 8.57  ? 190 TYR A OH  1 
ATOM   1441 N N   . ILE A 1 191 ? -11.272 -1.709  -2.463  1.00 5.55  ? 191 ILE A N   1 
ATOM   1442 C CA  . ILE A 1 191 ? -12.291 -0.786  -2.013  1.00 4.02  ? 191 ILE A CA  1 
ATOM   1443 C C   . ILE A 1 191 ? -12.133 0.494   -2.819  1.00 5.80  ? 191 ILE A C   1 
ATOM   1444 O O   . ILE A 1 191 ? -11.022 0.943   -3.118  1.00 6.39  ? 191 ILE A O   1 
ATOM   1445 C CB  . ILE A 1 191 ? -12.235 -0.497  -0.465  1.00 2.76  ? 191 ILE A CB  1 
ATOM   1446 C CG1 . ILE A 1 191 ? -13.300 0.542   -0.080  1.00 2.07  ? 191 ILE A CG1 1 
ATOM   1447 C CG2 . ILE A 1 191 ? -10.858 -0.012  -0.042  1.00 2.17  ? 191 ILE A CG2 1 
ATOM   1448 C CD1 . ILE A 1 191 ? -13.552 0.706   1.410   1.00 2.07  ? 191 ILE A CD1 1 
ATOM   1449 N N   . ARG A 1 192 ? -13.257 1.003   -3.292  1.00 4.61  ? 192 ARG A N   1 
ATOM   1450 C CA  . ARG A 1 192 ? -13.245 2.249   -4.017  1.00 6.32  ? 192 ARG A CA  1 
ATOM   1451 C C   . ARG A 1 192 ? -13.784 3.271   -3.017  1.00 6.89  ? 192 ARG A C   1 
ATOM   1452 O O   . ARG A 1 192 ? -14.935 3.200   -2.576  1.00 6.30  ? 192 ARG A O   1 
ATOM   1453 C CB  . ARG A 1 192 ? -14.109 2.153   -5.271  1.00 8.40  ? 192 ARG A CB  1 
ATOM   1454 C CG  . ARG A 1 192 ? -13.498 1.282   -6.366  1.00 6.01  ? 192 ARG A CG  1 
ATOM   1455 C CD  . ARG A 1 192 ? -14.403 1.275   -7.576  1.00 5.21  ? 192 ARG A CD  1 
ATOM   1456 N NE  . ARG A 1 192 ? -15.652 0.603   -7.243  1.00 10.05 ? 192 ARG A NE  1 
ATOM   1457 C CZ  . ARG A 1 192 ? -16.850 0.893   -7.743  1.00 11.99 ? 192 ARG A CZ  1 
ATOM   1458 N NH1 . ARG A 1 192 ? -16.999 1.870   -8.630  1.00 12.22 ? 192 ARG A NH1 1 
ATOM   1459 N NH2 . ARG A 1 192 ? -17.903 0.188   -7.355  1.00 14.05 ? 192 ARG A NH2 1 
ATOM   1460 N N   . ILE A 1 193 ? -12.886 4.143   -2.561  1.00 5.45  ? 193 ILE A N   1 
ATOM   1461 C CA  . ILE A 1 193 ? -13.227 5.178   -1.597  1.00 5.84  ? 193 ILE A CA  1 
ATOM   1462 C C   . ILE A 1 193 ? -13.488 6.515   -2.290  1.00 5.63  ? 193 ILE A C   1 
ATOM   1463 O O   . ILE A 1 193 ? -12.765 6.909   -3.215  1.00 6.26  ? 193 ILE A O   1 
ATOM   1464 C CB  . ILE A 1 193 ? -12.113 5.333   -0.505  1.00 5.35  ? 193 ILE A CB  1 
ATOM   1465 C CG1 . ILE A 1 193 ? -11.966 4.029   0.283   1.00 8.19  ? 193 ILE A CG1 1 
ATOM   1466 C CG2 . ILE A 1 193 ? -12.442 6.493   0.448   1.00 4.81  ? 193 ILE A CG2 1 
ATOM   1467 C CD1 . ILE A 1 193 ? -10.919 4.072   1.378   1.00 8.10  ? 193 ILE A CD1 1 
ATOM   1468 N N   . LYS A 1 194 ? -14.563 7.179   -1.880  1.00 4.56  ? 194 LYS A N   1 
ATOM   1469 C CA  . LYS A 1 194 ? -14.936 8.468   -2.438  1.00 8.18  ? 194 LYS A CA  1 
ATOM   1470 C C   . LYS A 1 194 ? -13.802 9.493   -2.365  1.00 5.74  ? 194 LYS A C   1 
ATOM   1471 O O   . LYS A 1 194 ? -13.057 9.581   -1.375  1.00 3.91  ? 194 LYS A O   1 
ATOM   1472 C CB  . LYS A 1 194 ? -16.161 9.018   -1.709  1.00 9.04  ? 194 LYS A CB  1 
ATOM   1473 C CG  . LYS A 1 194 ? -16.598 10.367  -2.221  1.00 13.35 ? 194 LYS A CG  1 
ATOM   1474 C CD  . LYS A 1 194 ? -16.431 11.435  -1.147  1.00 20.22 ? 194 LYS A CD  1 
ATOM   1475 C CE  . LYS A 1 194 ? -17.550 11.386  -0.125  1.00 16.54 ? 194 LYS A CE  1 
ATOM   1476 N NZ  . LYS A 1 194 ? -18.724 11.120  -0.953  1.00 21.51 ? 194 LYS A NZ  1 
ATOM   1477 N N   . ARG A 1 195 ? -13.708 10.318  -3.395  1.00 5.46  ? 195 ARG A N   1 
ATOM   1478 C CA  . ARG A 1 195 ? -12.690 11.351  -3.459  1.00 8.15  ? 195 ARG A CA  1 
ATOM   1479 C C   . ARG A 1 195 ? -13.141 12.730  -2.934  1.00 6.34  ? 195 ARG A C   1 
ATOM   1480 O O   . ARG A 1 195 ? -14.011 13.376  -3.527  1.00 8.86  ? 195 ARG A O   1 
ATOM   1481 C CB  . ARG A 1 195 ? -12.211 11.484  -4.907  1.00 8.70  ? 195 ARG A CB  1 
ATOM   1482 C CG  . ARG A 1 195 ? -10.717 11.388  -5.070  1.00 13.87 ? 195 ARG A CG  1 
ATOM   1483 C CD  . ARG A 1 195 ? -10.244 11.962  -6.395  1.00 13.03 ? 195 ARG A CD  1 
ATOM   1484 N NE  . ARG A 1 195 ? -10.498 11.066  -7.512  1.00 15.14 ? 195 ARG A NE  1 
ATOM   1485 C CZ  . ARG A 1 195 ? -10.783 11.449  -8.751  1.00 16.38 ? 195 ARG A CZ  1 
ATOM   1486 N NH1 . ARG A 1 195 ? -10.872 12.744  -9.066  1.00 14.98 ? 195 ARG A NH1 1 
ATOM   1487 N NH2 . ARG A 1 195 ? -10.882 10.535  -9.698  1.00 19.49 ? 195 ARG A NH2 1 
ATOM   1488 N N   . ALA A 1 196 ? -12.534 13.197  -1.839  1.00 5.85  ? 196 ALA A N   1 
ATOM   1489 C CA  . ALA A 1 196 ? -12.819 14.526  -1.280  1.00 5.57  ? 196 ALA A CA  1 
ATOM   1490 C C   . ALA A 1 196 ? -12.074 15.516  -2.202  1.00 7.50  ? 196 ALA A C   1 
ATOM   1491 O O   . ALA A 1 196 ? -10.884 15.321  -2.466  1.00 5.22  ? 196 ALA A O   1 
ATOM   1492 C CB  . ALA A 1 196 ? -12.260 14.613  0.133   1.00 3.67  ? 196 ALA A CB  1 
ATOM   1493 N N   . PRO A 1 197 ? -12.763 16.564  -2.732  1.00 8.18  ? 197 PRO A N   1 
ATOM   1494 C CA  . PRO A 1 197 ? -12.110 17.539  -3.623  1.00 7.98  ? 197 PRO A CA  1 
ATOM   1495 C C   . PRO A 1 197 ? -11.162 18.551  -2.971  1.00 6.27  ? 197 PRO A C   1 
ATOM   1496 O O   . PRO A 1 197 ? -11.398 19.007  -1.848  1.00 4.62  ? 197 PRO A O   1 
ATOM   1497 C CB  . PRO A 1 197 ? -13.299 18.214  -4.328  1.00 8.50  ? 197 PRO A CB  1 
ATOM   1498 C CG  . PRO A 1 197 ? -14.356 18.231  -3.249  1.00 6.36  ? 197 PRO A CG  1 
ATOM   1499 C CD  . PRO A 1 197 ? -14.210 16.850  -2.603  1.00 7.41  ? 197 PRO A CD  1 
ATOM   1500 N N   . GLY A 1 198 ? -10.067 18.856  -3.672  1.00 8.95  ? 198 GLY A N   1 
ATOM   1501 C CA  . GLY A 1 198 ? -9.063  19.808  -3.210  1.00 6.98  ? 198 GLY A CA  1 
ATOM   1502 C C   . GLY A 1 198 ? -8.370  19.561  -1.877  1.00 8.31  ? 198 GLY A C   1 
ATOM   1503 O O   . GLY A 1 198 ? -7.814  18.481  -1.616  1.00 5.94  ? 198 GLY A O   1 
ATOM   1504 N N   . ASN A 1 199 ? -8.331  20.617  -1.069  1.00 8.73  ? 199 ASN A N   1 
ATOM   1505 C CA  . ASN A 1 199 ? -7.706  20.573  0.254   1.00 8.82  ? 199 ASN A CA  1 
ATOM   1506 C C   . ASN A 1 199 ? -8.645  19.925  1.241   1.00 9.95  ? 199 ASN A C   1 
ATOM   1507 O O   . ASN A 1 199 ? -9.746  20.433  1.503   1.00 8.10  ? 199 ASN A O   1 
ATOM   1508 C CB  . ASN A 1 199 ? -7.314  21.963  0.745   1.00 11.86 ? 199 ASN A CB  1 
ATOM   1509 C CG  . ASN A 1 199 ? -6.149  22.536  -0.025  1.00 11.67 ? 199 ASN A CG  1 
ATOM   1510 O OD1 . ASN A 1 199 ? -6.221  23.660  -0.506  1.00 16.53 ? 199 ASN A OD1 1 
ATOM   1511 N ND2 . ASN A 1 199 ? -5.068  21.770  -0.142  1.00 13.62 ? 199 ASN A ND2 1 
ATOM   1512 N N   . SER A 1 200 ? -8.159  18.836  1.831   1.00 6.43  ? 200 SER A N   1 
ATOM   1513 C CA  . SER A 1 200 ? -8.956  18.027  2.734   1.00 7.71  ? 200 SER A CA  1 
ATOM   1514 C C   . SER A 1 200 ? -8.114  16.855  3.241   1.00 6.47  ? 200 SER A C   1 
ATOM   1515 O O   . SER A 1 200 ? -7.154  16.436  2.587   1.00 8.84  ? 200 SER A O   1 
ATOM   1516 C CB  . SER A 1 200 ? -10.154 17.474  1.913   1.00 8.36  ? 200 SER A CB  1 
ATOM   1517 O OG  . SER A 1 200 ? -10.939 16.491  2.577   1.00 8.16  ? 200 SER A OG  1 
ATOM   1518 N N   . PRO A 1 201 ? -8.435  16.343  4.444   1.00 5.93  ? 201 PRO A N   1 
ATOM   1519 C CA  . PRO A 1 201 ? -7.750  15.207  5.070   1.00 4.62  ? 201 PRO A CA  1 
ATOM   1520 C C   . PRO A 1 201 ? -8.169  13.905  4.378   1.00 4.01  ? 201 PRO A C   1 
ATOM   1521 O O   . PRO A 1 201 ? -7.555  12.856  4.591   1.00 6.52  ? 201 PRO A O   1 
ATOM   1522 C CB  . PRO A 1 201 ? -8.219  15.270  6.524   1.00 6.05  ? 201 PRO A CB  1 
ATOM   1523 C CG  . PRO A 1 201 ? -9.526  15.959  6.452   1.00 8.79  ? 201 PRO A CG  1 
ATOM   1524 C CD  . PRO A 1 201 ? -9.299  17.027  5.422   1.00 8.70  ? 201 PRO A CD  1 
ATOM   1525 N N   . GLY A 1 202 ? -9.174  14.004  3.505   1.00 4.07  ? 202 GLY A N   1 
ATOM   1526 C CA  . GLY A 1 202 ? -9.668  12.866  2.737   1.00 4.54  ? 202 GLY A CA  1 
ATOM   1527 C C   . GLY A 1 202 ? -10.757 12.112  3.463   1.00 4.28  ? 202 GLY A C   1 
ATOM   1528 O O   . GLY A 1 202 ? -10.836 12.237  4.684   1.00 5.02  ? 202 GLY A O   1 
ATOM   1529 N N   . VAL A 1 203 ? -11.614 11.366  2.753   1.00 6.47  ? 203 VAL A N   1 
ATOM   1530 C CA  . VAL A 1 203 ? -12.652 10.609  3.465   1.00 6.69  ? 203 VAL A CA  1 
ATOM   1531 C C   . VAL A 1 203 ? -11.969 9.462   4.205   1.00 5.50  ? 203 VAL A C   1 
ATOM   1532 O O   . VAL A 1 203 ? -11.066 8.797   3.681   1.00 6.03  ? 203 VAL A O   1 
ATOM   1533 C CB  . VAL A 1 203 ? -13.946 10.248  2.609   1.00 9.35  ? 203 VAL A CB  1 
ATOM   1534 C CG1 . VAL A 1 203 ? -13.936 10.932  1.262   1.00 8.12  ? 203 VAL A CG1 1 
ATOM   1535 C CG2 . VAL A 1 203 ? -14.229 8.757   2.550   1.00 7.93  ? 203 VAL A CG2 1 
ATOM   1536 N N   . CYS A 1 204 ? -12.264 9.409   5.499   1.00 6.95  ? 204 CYS A N   1 
ATOM   1537 C CA  . CYS A 1 204 ? -11.673 8.483   6.463   1.00 6.86  ? 204 CYS A CA  1 
ATOM   1538 C C   . CYS A 1 204 ? -10.170 8.791   6.661   1.00 6.71  ? 204 CYS A C   1 
ATOM   1539 O O   . CYS A 1 204 ? -9.432  7.915   7.111   1.00 6.85  ? 204 CYS A O   1 
ATOM   1540 C CB  . CYS A 1 204 ? -11.870 7.006   6.078   1.00 8.28  ? 204 CYS A CB  1 
ATOM   1541 S SG  . CYS A 1 204 ? -13.554 6.492   5.635   1.00 11.66 ? 204 CYS A SG  1 
ATOM   1542 N N   . GLY A 1 205 ? -9.739  10.028  6.347   1.00 7.64  ? 205 GLY A N   1 
ATOM   1543 C CA  . GLY A 1 205 ? -8.346  10.474  6.500   1.00 4.47  ? 205 GLY A CA  1 
ATOM   1544 C C   . GLY A 1 205 ? -7.337  9.968   5.469   1.00 4.94  ? 205 GLY A C   1 
ATOM   1545 O O   . GLY A 1 205 ? -6.125  9.911   5.735   1.00 3.97  ? 205 GLY A O   1 
ATOM   1546 N N   . LEU A 1 206 ? -7.837  9.659   4.273   1.00 3.88  ? 206 LEU A N   1 
ATOM   1547 C CA  . LEU A 1 206 ? -7.045  9.106   3.159   1.00 4.69  ? 206 LEU A CA  1 
ATOM   1548 C C   . LEU A 1 206 ? -5.905  9.974   2.608   1.00 3.94  ? 206 LEU A C   1 
ATOM   1549 O O   . LEU A 1 206 ? -4.962  9.454   1.999   1.00 5.61  ? 206 LEU A O   1 
ATOM   1550 C CB  . LEU A 1 206 ? -7.992  8.685   2.009   1.00 4.08  ? 206 LEU A CB  1 
ATOM   1551 C CG  . LEU A 1 206 ? -7.545  7.685   0.915   1.00 6.11  ? 206 LEU A CG  1 
ATOM   1552 C CD1 . LEU A 1 206 ? -7.321  6.287   1.497   1.00 6.25  ? 206 LEU A CD1 1 
ATOM   1553 C CD2 . LEU A 1 206 ? -8.596  7.627   -0.183  1.00 5.24  ? 206 LEU A CD2 1 
ATOM   1554 N N   . TYR A 1 207 ? -5.983  11.285  2.804   1.00 2.00  ? 207 TYR A N   1 
ATOM   1555 C CA  . TYR A 1 207 ? -4.956  12.195  2.287   1.00 3.27  ? 207 TYR A CA  1 
ATOM   1556 C C   . TYR A 1 207 ? -3.882  12.511  3.315   1.00 4.71  ? 207 TYR A C   1 
ATOM   1557 O O   . TYR A 1 207 ? -2.904  13.193  3.003   1.00 5.75  ? 207 TYR A O   1 
ATOM   1558 C CB  . TYR A 1 207 ? -5.601  13.520  1.836   1.00 2.06  ? 207 TYR A CB  1 
ATOM   1559 C CG  . TYR A 1 207 ? -6.610  13.413  0.697   1.00 2.53  ? 207 TYR A CG  1 
ATOM   1560 C CD1 . TYR A 1 207 ? -6.744  12.237  -0.046  1.00 2.00  ? 207 TYR A CD1 1 
ATOM   1561 C CD2 . TYR A 1 207 ? -7.407  14.512  0.349   1.00 3.32  ? 207 TYR A CD2 1 
ATOM   1562 C CE1 . TYR A 1 207 ? -7.645  12.156  -1.115  1.00 2.00  ? 207 TYR A CE1 1 
ATOM   1563 C CE2 . TYR A 1 207 ? -8.313  14.442  -0.712  1.00 2.23  ? 207 TYR A CE2 1 
ATOM   1564 C CZ  . TYR A 1 207 ? -8.424  13.263  -1.434  1.00 2.27  ? 207 TYR A CZ  1 
ATOM   1565 O OH  . TYR A 1 207 ? -9.336  13.173  -2.464  1.00 2.02  ? 207 TYR A OH  1 
ATOM   1566 N N   . LYS A 1 208 ? -4.033  11.985  4.523   1.00 6.03  ? 208 LYS A N   1 
ATOM   1567 C CA  . LYS A 1 208 ? -3.117  12.286  5.615   1.00 5.64  ? 208 LYS A CA  1 
ATOM   1568 C C   . LYS A 1 208 ? -1.645  11.898  5.620   1.00 5.30  ? 208 LYS A C   1 
ATOM   1569 O O   . LYS A 1 208 ? -0.844  12.569  6.263   1.00 3.35  ? 208 LYS A O   1 
ATOM   1570 C CB  . LYS A 1 208 ? -3.762  11.904  6.945   1.00 6.94  ? 208 LYS A CB  1 
ATOM   1571 C CG  . LYS A 1 208 ? -4.985  12.750  7.227   1.00 12.87 ? 208 LYS A CG  1 
ATOM   1572 C CD  . LYS A 1 208 ? -5.656  12.345  8.502   1.00 13.04 ? 208 LYS A CD  1 
ATOM   1573 C CE  . LYS A 1 208 ? -4.940  12.911  9.699   1.00 17.42 ? 208 LYS A CE  1 
ATOM   1574 N NZ  . LYS A 1 208 ? -5.953  13.158  10.774  1.00 18.33 ? 208 LYS A NZ  1 
ATOM   1575 N N   . SER A 1 209 ? -1.248  10.864  4.892   1.00 3.05  ? 209 SER A N   1 
ATOM   1576 C CA  . SER A 1 209 ? 0.158   10.477  4.931   1.00 4.33  ? 209 SER A CA  1 
ATOM   1577 C C   . SER A 1 209 ? 0.436   9.476   3.836   1.00 6.23  ? 209 SER A C   1 
ATOM   1578 O O   . SER A 1 209 ? 0.155   8.276   3.984   1.00 4.42  ? 209 SER A O   1 
ATOM   1579 C CB  . SER A 1 209 ? 0.470   9.883   6.310   1.00 5.30  ? 209 SER A CB  1 
ATOM   1580 O OG  . SER A 1 209 ? 1.850   9.659   6.495   1.00 8.43  ? 209 SER A OG  1 
ATOM   1581 N N   . SER A 1 210 ? 1.051   9.974   2.772   1.00 4.53  ? 210 SER A N   1 
ATOM   1582 C CA  . SER A 1 210 ? 1.360   9.201   1.583   1.00 5.04  ? 210 SER A CA  1 
ATOM   1583 C C   . SER A 1 210 ? 2.843   9.218   1.218   1.00 5.15  ? 210 SER A C   1 
ATOM   1584 O O   . SER A 1 210 ? 3.481   10.269  1.244   1.00 6.75  ? 210 SER A O   1 
ATOM   1585 C CB  . SER A 1 210 ? 0.512   9.747   0.431   1.00 5.79  ? 210 SER A CB  1 
ATOM   1586 O OG  . SER A 1 210 ? -0.868  9.748   0.778   1.00 6.64  ? 210 SER A OG  1 
ATOM   1587 N N   . TYR A 1 211 ? 3.367   8.043   0.863   1.00 5.46  ? 211 TYR A N   1 
ATOM   1588 C CA  . TYR A 1 211 ? 4.767   7.823   0.472   1.00 7.60  ? 211 TYR A CA  1 
ATOM   1589 C C   . TYR A 1 211 ? 4.865   6.872   -0.706  1.00 5.47  ? 211 TYR A C   1 
ATOM   1590 O O   . TYR A 1 211 ? 3.968   6.051   -0.932  1.00 6.12  ? 211 TYR A O   1 
ATOM   1591 C CB  . TYR A 1 211 ? 5.575   7.190   1.611   1.00 5.03  ? 211 TYR A CB  1 
ATOM   1592 C CG  . TYR A 1 211 ? 5.734   8.080   2.798   1.00 5.71  ? 211 TYR A CG  1 
ATOM   1593 C CD1 . TYR A 1 211 ? 4.752   8.145   3.772   1.00 5.04  ? 211 TYR A CD1 1 
ATOM   1594 C CD2 . TYR A 1 211 ? 6.848   8.898   2.919   1.00 5.01  ? 211 TYR A CD2 1 
ATOM   1595 C CE1 . TYR A 1 211 ? 4.869   9.015   4.843   1.00 7.86  ? 211 TYR A CE1 1 
ATOM   1596 C CE2 . TYR A 1 211 ? 6.975   9.762   3.979   1.00 3.46  ? 211 TYR A CE2 1 
ATOM   1597 C CZ  . TYR A 1 211 ? 5.984   9.818   4.934   1.00 3.38  ? 211 TYR A CZ  1 
ATOM   1598 O OH  . TYR A 1 211 ? 6.097   10.687  5.986   1.00 8.71  ? 211 TYR A OH  1 
ATOM   1599 N N   . TYR A 1 212 ? 5.985   6.954   -1.418  1.00 5.34  ? 212 TYR A N   1 
ATOM   1600 C CA  . TYR A 1 212 ? 6.262   6.089   -2.564  1.00 4.65  ? 212 TYR A CA  1 
ATOM   1601 C C   . TYR A 1 212 ? 7.778   5.869   -2.743  1.00 4.47  ? 212 TYR A C   1 
ATOM   1602 O O   . TYR A 1 212 ? 8.605   6.647   -2.262  1.00 2.39  ? 212 TYR A O   1 
ATOM   1603 C CB  . TYR A 1 212 ? 5.625   6.672   -3.840  1.00 2.61  ? 212 TYR A CB  1 
ATOM   1604 C CG  . TYR A 1 212 ? 6.140   8.036   -4.198  1.00 5.24  ? 212 TYR A CG  1 
ATOM   1605 C CD1 . TYR A 1 212 ? 5.540   9.179   -3.682  1.00 3.55  ? 212 TYR A CD1 1 
ATOM   1606 C CD2 . TYR A 1 212 ? 7.255   8.191   -5.029  1.00 3.35  ? 212 TYR A CD2 1 
ATOM   1607 C CE1 . TYR A 1 212 ? 6.031   10.440  -3.979  1.00 5.29  ? 212 TYR A CE1 1 
ATOM   1608 C CE2 . TYR A 1 212 ? 7.756   9.454   -5.332  1.00 3.77  ? 212 TYR A CE2 1 
ATOM   1609 C CZ  . TYR A 1 212 ? 7.131   10.566  -4.804  1.00 3.65  ? 212 TYR A CZ  1 
ATOM   1610 O OH  . TYR A 1 212 ? 7.557   11.826  -5.150  1.00 3.32  ? 212 TYR A OH  1 
ATOM   1611 N N   . PRO A 1 213 ? 8.164   4.737   -3.337  1.00 6.58  ? 213 PRO A N   1 
ATOM   1612 C CA  . PRO A 1 213 ? 9.587   4.427   -3.560  1.00 4.51  ? 213 PRO A CA  1 
ATOM   1613 C C   . PRO A 1 213 ? 10.011  4.963   -4.922  1.00 7.02  ? 213 PRO A C   1 
ATOM   1614 O O   . PRO A 1 213 ? 9.183   5.044   -5.828  1.00 7.58  ? 213 PRO A O   1 
ATOM   1615 C CB  . PRO A 1 213 ? 9.593   2.903   -3.573  1.00 7.16  ? 213 PRO A CB  1 
ATOM   1616 C CG  . PRO A 1 213 ? 8.246   2.568   -4.259  1.00 5.18  ? 213 PRO A CG  1 
ATOM   1617 C CD  . PRO A 1 213 ? 7.285   3.610   -3.704  1.00 4.44  ? 213 PRO A CD  1 
ATOM   1618 N N   . THR A 1 214 ? 11.254  5.410   -5.066  1.00 5.40  ? 214 THR A N   1 
ATOM   1619 C CA  . THR A 1 214 ? 11.716  5.843   -6.377  1.00 5.49  ? 214 THR A CA  1 
ATOM   1620 C C   . THR A 1 214 ? 12.632  4.703   -6.842  1.00 6.46  ? 214 THR A C   1 
ATOM   1621 O O   . THR A 1 214 ? 13.102  3.908   -6.015  1.00 5.03  ? 214 THR A O   1 
ATOM   1622 C CB  . THR A 1 214 ? 12.507  7.186   -6.328  1.00 4.82  ? 214 THR A CB  1 
ATOM   1623 O OG1 . THR A 1 214 ? 13.565  7.088   -5.373  1.00 5.42  ? 214 THR A OG1 1 
ATOM   1624 C CG2 . THR A 1 214 ? 11.589  8.354   -5.952  1.00 5.05  ? 214 THR A CG2 1 
ATOM   1625 N N   . LYS A 1 215 ? 12.828  4.575   -8.150  1.00 7.39  ? 215 LYS A N   1 
ATOM   1626 C CA  . LYS A 1 215 ? 13.712  3.537   -8.691  1.00 10.38 ? 215 LYS A CA  1 
ATOM   1627 C C   . LYS A 1 215 ? 14.333  4.018   -9.989  1.00 10.67 ? 215 LYS A C   1 
ATOM   1628 O O   . LYS A 1 215 ? 13.658  4.636   -10.811 1.00 11.51 ? 215 LYS A O   1 
ATOM   1629 C CB  . LYS A 1 215 ? 12.967  2.209   -8.909  1.00 8.07  ? 215 LYS A CB  1 
ATOM   1630 C CG  . LYS A 1 215 ? 13.855  1.069   -9.410  1.00 5.35  ? 215 LYS A CG  1 
ATOM   1631 C CD  . LYS A 1 215 ? 13.084  -0.250  -9.382  1.00 7.82  ? 215 LYS A CD  1 
ATOM   1632 C CE  . LYS A 1 215 ? 13.828  -1.410  -10.069 1.00 7.13  ? 215 LYS A CE  1 
ATOM   1633 N NZ  . LYS A 1 215 ? 15.110  -1.724  -9.386  1.00 4.76  ? 215 LYS A NZ  1 
ATOM   1634 N N   . ASN A 1 216 ? 15.648  3.851   -10.112 1.00 14.32 ? 216 ASN A N   1 
ATOM   1635 C CA  . ASN A 1 216 ? 16.370  4.264   -11.310 1.00 15.32 ? 216 ASN A CA  1 
ATOM   1636 C C   . ASN A 1 216 ? 15.838  3.487   -12.521 1.00 17.91 ? 216 ASN A C   1 
ATOM   1637 O O   . ASN A 1 216 ? 15.825  2.231   -12.468 1.00 14.78 ? 216 ASN A O   1 
ATOM   1638 C CB  . ASN A 1 216 ? 17.882  4.004   -11.163 1.00 15.22 ? 216 ASN A CB  1 
ATOM   1639 C CG  . ASN A 1 216 ? 18.531  4.784   -10.015 1.00 13.26 ? 216 ASN A CG  1 
ATOM   1640 O OD1 . ASN A 1 216 ? 19.467  4.301   -9.374  1.00 14.16 ? 216 ASN A OD1 1 
ATOM   1641 N ND2 . ASN A 1 216 ? 18.041  5.991   -9.746  1.00 12.43 ? 216 ASN A ND2 1 
ATOM   1642 O OXT . ASN A 1 216 ? 15.417  4.141   -13.492 1.00 20.62 ? 216 ASN A OXT 1 
HETATM 1643 C C1  . E64 B 2 .   ? -2.632  -3.057  10.495  1.00 10.62 ? 217 E64 A C1  1 
HETATM 1644 O O1  . E64 B 2 .   ? -3.865  -3.042  10.270  1.00 8.07  ? 217 E64 A O1  1 
HETATM 1645 O O2  . E64 B 2 .   ? -1.980  -4.119  10.560  1.00 12.10 ? 217 E64 A O2  1 
HETATM 1646 C C2  . E64 B 2 .   ? -1.893  -1.699  10.583  1.00 10.34 ? 217 E64 A C2  1 
HETATM 1647 C C3  . E64 B 2 .   ? -0.786  -1.642  11.748  1.00 11.55 ? 217 E64 A C3  1 
HETATM 1648 O O3  . E64 B 2 .   ? -1.381  -1.591  13.041  1.00 7.17  ? 217 E64 A O3  1 
HETATM 1649 C C4  . E64 B 2 .   ? 0.043   -0.387  11.591  1.00 14.77 ? 217 E64 A C4  1 
HETATM 1650 O O4  . E64 B 2 .   ? 1.204   -0.435  11.196  1.00 14.85 ? 217 E64 A O4  1 
HETATM 1651 N N1  . E64 B 2 .   ? -0.579  0.749   11.922  1.00 17.28 ? 217 E64 A N1  1 
HETATM 1652 C C6  . E64 B 2 .   ? 0.081   2.056   11.909  1.00 17.61 ? 217 E64 A C6  1 
HETATM 1653 C C7  . E64 B 2 .   ? -0.862  3.167   11.433  1.00 14.17 ? 217 E64 A C7  1 
HETATM 1654 C C8  . E64 B 2 .   ? -0.864  3.560   9.965   1.00 14.33 ? 217 E64 A C8  1 
HETATM 1655 C C9  . E64 B 2 .   ? -1.764  4.787   9.796   1.00 12.32 ? 217 E64 A C9  1 
HETATM 1656 C C10 . E64 B 2 .   ? 0.572   3.833   9.503   1.00 13.95 ? 217 E64 A C10 1 
HETATM 1657 C C11 . E64 B 2 .   ? 0.503   2.373   13.340  1.00 21.83 ? 217 E64 A C11 1 
HETATM 1658 O O5  . E64 B 2 .   ? -0.344  2.427   14.249  1.00 23.18 ? 217 E64 A O5  1 
HETATM 1659 N N2  . E64 B 2 .   ? 1.823   2.543   13.482  1.00 22.88 ? 217 E64 A N2  1 
HETATM 1660 C C12 . E64 B 2 .   ? 2.612   2.868   14.685  1.00 25.13 ? 217 E64 A C12 1 
HETATM 1661 C C13 . E64 B 2 .   ? 1.897   2.674   16.024  1.00 30.07 ? 217 E64 A C13 1 
HETATM 1662 C C14 . E64 B 2 .   ? 1.780   4.005   16.811  1.00 36.67 ? 217 E64 A C14 1 
HETATM 1663 C C15 . E64 B 2 .   ? 1.888   3.840   18.331  1.00 39.73 ? 217 E64 A C15 1 
HETATM 1664 N N3  . E64 B 2 .   ? 1.082   4.805   19.103  1.00 44.37 ? 217 E64 A N3  1 
HETATM 1665 C C16 . E64 B 2 .   ? 1.174   4.991   20.420  1.00 46.32 ? 217 E64 A C16 1 
HETATM 1666 N N4  . E64 B 2 .   ? 2.035   4.265   21.133  1.00 44.96 ? 217 E64 A N4  1 
HETATM 1667 N N5  . E64 B 2 .   ? 0.380   5.859   21.045  1.00 47.08 ? 217 E64 A N5  1 
HETATM 1668 C C1  . EOH C 3 .   ? -7.807  -14.512 9.599   1.00 19.71 ? 218 EOH A C1  1 
HETATM 1669 C C2  . EOH C 3 .   ? -6.687  -15.007 8.609   1.00 18.39 ? 218 EOH A C2  1 
HETATM 1670 O O   . EOH C 3 .   ? -7.642  -13.164 10.059  1.00 23.08 ? 218 EOH A O   1 
HETATM 1671 O O   . HOH D 4 .   ? 4.337   -15.748 2.069   1.00 13.90 ? 219 HOH A O   1 
HETATM 1672 O O   . HOH D 4 .   ? -2.255  -3.087  3.504   1.00 11.25 ? 220 HOH A O   1 
HETATM 1673 O O   . HOH D 4 .   ? -2.148  -3.216  0.687   1.00 12.90 ? 221 HOH A O   1 
HETATM 1674 O O   . HOH D 4 .   ? -0.973  -5.725  -0.125  1.00 9.62  ? 222 HOH A O   1 
HETATM 1675 O O   . HOH D 4 .   ? 1.284   -6.789  -2.557  1.00 8.80  ? 223 HOH A O   1 
HETATM 1676 O O   . HOH D 4 .   ? -3.206  -7.574  -0.523  1.00 5.76  ? 224 HOH A O   1 
HETATM 1677 O O   . HOH D 4 .   ? 1.900   -6.424  -0.035  1.00 8.13  ? 225 HOH A O   1 
HETATM 1678 O O   . HOH D 4 .   ? 7.749   -6.184  -9.835  1.00 11.38 ? 226 HOH A O   1 
HETATM 1679 O O   . HOH D 4 .   ? 2.268   4.552   -17.699 1.00 42.30 ? 227 HOH A O   1 
HETATM 1680 O O   . HOH D 4 .   ? 9.484   -4.838  12.749  1.00 9.41  ? 228 HOH A O   1 
HETATM 1681 O O   . HOH D 4 .   ? 12.101  2.709   -1.379  1.00 4.54  ? 229 HOH A O   1 
HETATM 1682 O O   . HOH D 4 .   ? 7.888   -13.737 -8.195  1.00 15.79 ? 230 HOH A O   1 
HETATM 1683 O O   . HOH D 4 .   ? -0.776  -3.689  21.011  1.00 47.59 ? 231 HOH A O   1 
HETATM 1684 O O   . HOH D 4 .   ? 1.740   5.746   4.226   1.00 7.58  ? 232 HOH A O   1 
HETATM 1685 O O   . HOH D 4 .   ? -2.705  9.068   3.021   1.00 3.92  ? 233 HOH A O   1 
HETATM 1686 O O   . HOH D 4 .   ? -13.367 3.705   10.146  1.00 7.85  ? 234 HOH A O   1 
HETATM 1687 O O   . HOH D 4 .   ? -17.424 -7.360  3.926   1.00 31.06 ? 235 HOH A O   1 
HETATM 1688 O O   . HOH D 4 .   ? -8.272  -7.078  1.218   1.00 6.35  ? 236 HOH A O   1 
HETATM 1689 O O   . HOH D 4 .   ? -9.536  -12.717 -6.892  1.00 34.38 ? 237 HOH A O   1 
HETATM 1690 O O   . HOH D 4 .   ? -6.501  -10.667 -6.200  1.00 16.28 ? 238 HOH A O   1 
HETATM 1691 O O   . HOH D 4 .   ? -12.753 -2.639  -7.585  1.00 20.92 ? 239 HOH A O   1 
HETATM 1692 O O   . HOH D 4 .   ? -10.929 11.020  -0.131  1.00 7.33  ? 240 HOH A O   1 
HETATM 1693 O O   . HOH D 4 .   ? -1.481  12.511  0.887   1.00 10.61 ? 241 HOH A O   1 
HETATM 1694 O O   . HOH D 4 .   ? -1.293  14.420  8.236   1.00 25.55 ? 242 HOH A O   1 
HETATM 1695 O O   . HOH D 4 .   ? 2.351   12.399  3.218   1.00 23.03 ? 243 HOH A O   1 
HETATM 1696 O O   . HOH D 4 .   ? 15.231  -13.415 -2.878  1.00 13.72 ? 244 HOH A O   1 
HETATM 1697 O O   . HOH D 4 .   ? -1.719  -6.343  -12.462 1.00 15.14 ? 245 HOH A O   1 
HETATM 1698 O O   . HOH D 4 .   ? -4.453  2.695   -16.192 1.00 20.53 ? 246 HOH A O   1 
HETATM 1699 O O   . HOH D 4 .   ? 1.163   -5.381  -5.719  1.00 4.91  ? 247 HOH A O   1 
HETATM 1700 O O   . HOH D 4 .   ? 1.576   -3.003  -6.930  1.00 4.25  ? 248 HOH A O   1 
HETATM 1701 O O   . HOH D 4 .   ? -1.463  -15.387 1.084   1.00 6.26  ? 249 HOH A O   1 
HETATM 1702 O O   . HOH D 4 .   ? 0.269   -11.793 -4.213  1.00 16.91 ? 250 HOH A O   1 
HETATM 1703 O O   . HOH D 4 .   ? 6.671   -12.419 3.068   1.00 8.34  ? 251 HOH A O   1 
HETATM 1704 O O   . HOH D 4 .   ? -18.901 2.431   -11.967 1.00 25.11 ? 252 HOH A O   1 
HETATM 1705 O O   . HOH D 4 .   ? 2.596   6.707   6.617   1.00 7.58  ? 253 HOH A O   1 
HETATM 1706 O O   . HOH D 4 .   ? 11.383  10.490  3.120   1.00 19.50 ? 254 HOH A O   1 
HETATM 1707 O O   . HOH D 4 .   ? 18.255  -7.445  2.127   1.00 13.76 ? 255 HOH A O   1 
HETATM 1708 O O   . HOH D 4 .   ? 5.811   16.808  1.716   1.00 11.46 ? 256 HOH A O   1 
HETATM 1709 O O   . HOH D 4 .   ? -6.356  19.534  -5.404  1.00 13.72 ? 257 HOH A O   1 
HETATM 1710 O O   . HOH D 4 .   ? 5.274   2.399   -6.803  1.00 7.49  ? 258 HOH A O   1 
HETATM 1711 O O   . HOH D 4 .   ? -20.258 -0.888  4.965   1.00 11.62 ? 259 HOH A O   1 
HETATM 1712 O O   . HOH D 4 .   ? -15.827 3.090   8.949   1.00 5.61  ? 260 HOH A O   1 
HETATM 1713 O O   . HOH D 4 .   ? 17.047  -4.143  -8.423  1.00 28.91 ? 261 HOH A O   1 
HETATM 1714 O O   . HOH D 4 .   ? 16.955  2.227   -8.099  1.00 10.81 ? 262 HOH A O   1 
HETATM 1715 O O   . HOH D 4 .   ? -3.044  -9.499  -10.034 1.00 24.17 ? 263 HOH A O   1 
HETATM 1716 O O   . HOH D 4 .   ? -10.221 14.140  -20.101 1.00 38.49 ? 264 HOH A O   1 
HETATM 1717 O O   . HOH D 4 .   ? 11.006  6.533   -9.686  1.00 14.86 ? 265 HOH A O   1 
HETATM 1718 O O   . HOH D 4 .   ? 14.844  -21.940 -0.828  1.00 39.20 ? 266 HOH A O   1 
HETATM 1719 O O   . HOH D 4 .   ? 8.719   -14.643 -5.239  1.00 11.97 ? 267 HOH A O   1 
HETATM 1720 O O   . HOH D 4 .   ? -16.554 12.624  -5.498  1.00 17.43 ? 268 HOH A O   1 
HETATM 1721 O O   . HOH D 4 .   ? -12.253 -5.437  -7.464  1.00 13.07 ? 269 HOH A O   1 
HETATM 1722 O O   . HOH D 4 .   ? 20.100  2.468   -3.397  1.00 13.91 ? 270 HOH A O   1 
HETATM 1723 O O   . HOH D 4 .   ? 16.933  0.191   -10.507 1.00 18.62 ? 271 HOH A O   1 
HETATM 1724 O O   . HOH D 4 .   ? 6.159   -4.514  -19.462 1.00 32.21 ? 272 HOH A O   1 
HETATM 1725 O O   . HOH D 4 .   ? 5.804   -8.335  16.959  1.00 12.05 ? 273 HOH A O   1 
HETATM 1726 O O   . HOH D 4 .   ? 15.966  7.407   -9.010  1.00 18.20 ? 274 HOH A O   1 
HETATM 1727 O O   . HOH D 4 .   ? -4.469  9.526   14.053  1.00 24.29 ? 275 HOH A O   1 
HETATM 1728 O O   . HOH D 4 .   ? 11.310  -20.474 -3.373  1.00 30.39 ? 276 HOH A O   1 
HETATM 1729 O O   . HOH D 4 .   ? 23.370  -15.426 7.073   1.00 43.89 ? 277 HOH A O   1 
HETATM 1730 O O   . HOH D 4 .   ? 8.710   18.695  13.150  1.00 32.33 ? 278 HOH A O   1 
HETATM 1731 O O   . HOH D 4 .   ? 13.324  -9.477  14.804  1.00 17.33 ? 279 HOH A O   1 
HETATM 1732 O O   . HOH D 4 .   ? -24.214 8.078   -10.208 1.00 17.18 ? 280 HOH A O   1 
HETATM 1733 O O   . HOH D 4 .   ? -1.847  14.811  -0.601  1.00 7.18  ? 281 HOH A O   1 
HETATM 1734 O O   . HOH D 4 .   ? -4.664  -7.573  -7.652  1.00 24.49 ? 282 HOH A O   1 
HETATM 1735 O O   . HOH D 4 .   ? 1.634   12.460  -12.920 1.00 23.02 ? 283 HOH A O   1 
HETATM 1736 O O   . HOH D 4 .   ? -20.364 4.277   2.580   1.00 14.46 ? 284 HOH A O   1 
HETATM 1737 O O   . HOH D 4 .   ? -14.221 11.057  6.660   1.00 11.91 ? 285 HOH A O   1 
HETATM 1738 O O   . HOH D 4 .   ? 4.935   -11.519 16.776  1.00 18.95 ? 286 HOH A O   1 
HETATM 1739 O O   . HOH D 4 .   ? -17.336 -13.964 -0.183  1.00 30.92 ? 287 HOH A O   1 
HETATM 1740 O O   . HOH D 4 .   ? -22.784 6.043   1.754   1.00 23.17 ? 288 HOH A O   1 
HETATM 1741 O O   . HOH D 4 .   ? -18.771 2.484   14.068  1.00 25.47 ? 289 HOH A O   1 
HETATM 1742 O O   . HOH D 4 .   ? -20.772 0.017   -9.705  1.00 17.26 ? 290 HOH A O   1 
HETATM 1743 O O   . HOH D 4 .   ? -0.490  -14.630 -4.360  1.00 33.72 ? 291 HOH A O   1 
HETATM 1744 O O   . HOH D 4 .   ? 12.856  -7.331  -11.820 1.00 17.66 ? 292 HOH A O   1 
HETATM 1745 O O   . HOH D 4 .   ? -15.207 -10.288 5.626   1.00 24.79 ? 293 HOH A O   1 
HETATM 1746 O O   . HOH D 4 .   ? -19.876 1.521   0.265   1.00 22.62 ? 294 HOH A O   1 
HETATM 1747 O O   . HOH D 4 .   ? -17.607 -8.833  -0.348  1.00 27.69 ? 295 HOH A O   1 
HETATM 1748 O O   . HOH D 4 .   ? 10.260  -16.906 7.592   1.00 28.15 ? 296 HOH A O   1 
HETATM 1749 O O   . HOH D 4 .   ? -12.481 21.995  2.233   1.00 21.22 ? 297 HOH A O   1 
HETATM 1750 O O   . HOH D 4 .   ? -4.810  21.075  3.072   1.00 16.64 ? 298 HOH A O   1 
HETATM 1751 O O   . HOH D 4 .   ? 8.088   -16.961 14.722  1.00 46.88 ? 299 HOH A O   1 
HETATM 1752 O O   . HOH D 4 .   ? -15.173 17.785  0.653   1.00 56.24 ? 300 HOH A O   1 
HETATM 1753 O O   . HOH D 4 .   ? -11.242 20.373  5.548   1.00 45.47 ? 301 HOH A O   1 
HETATM 1754 O O   . HOH D 4 .   ? 20.820  -1.933  -2.243  1.00 32.63 ? 302 HOH A O   1 
HETATM 1755 O O   . HOH D 4 .   ? 12.695  -18.405 12.940  1.00 39.04 ? 303 HOH A O   1 
HETATM 1756 O O   . HOH D 4 .   ? -13.429 15.615  -17.702 1.00 45.18 ? 304 HOH A O   1 
HETATM 1757 O O   . HOH D 4 .   ? -5.208  19.412  -15.167 1.00 35.41 ? 305 HOH A O   1 
HETATM 1758 O O   . HOH D 4 .   ? 4.327   -12.156 -10.354 1.00 35.00 ? 306 HOH A O   1 
HETATM 1759 O O   . HOH D 4 .   ? 25.155  -16.867 5.806   1.00 41.36 ? 307 HOH A O   1 
HETATM 1760 O O   . HOH D 4 .   ? 2.025   -16.186 3.480   1.00 18.02 ? 308 HOH A O   1 
HETATM 1761 O O   . HOH D 4 .   ? -1.467  17.229  -21.609 1.00 28.39 ? 309 HOH A O   1 
HETATM 1762 O O   . HOH D 4 .   ? -5.808  -5.287  9.974   1.00 13.13 ? 310 HOH A O   1 
HETATM 1763 O O   . HOH D 4 .   ? -5.191  -3.613  14.437  1.00 27.08 ? 311 HOH A O   1 
HETATM 1764 O O   . HOH D 4 .   ? -8.114  -10.416 10.427  1.00 29.69 ? 312 HOH A O   1 
# 
